data_5LH9
#
_entry.id   5LH9
#
_cell.length_a   94.791
_cell.length_b   95.061
_cell.length_c   151.108
_cell.angle_alpha   90.00
_cell.angle_beta   90.00
_cell.angle_gamma   90.00
#
_symmetry.space_group_name_H-M   'P 21 21 21'
#
loop_
_entity.id
_entity.type
_entity.pdbx_description
1 polymer 'OMEGA TRANSAMINASE'
2 non-polymer "PYRIDOXAL-5'-PHOSPHATE"
3 water water
#
_entity_poly.entity_id   1
_entity_poly.type   'polypeptide(L)'
_entity_poly.pdbx_seq_one_letter_code
;MHHHHHHGSSYEKYKNAEKKFWHPMGSSAAPHRDKTLVIARGDGNYITDIDGQRMLDGVGGLWNVNIGHNRASVKAAIAA
QLDELAYYQTFDGIAHPRVFDLAERLTGMFAQERMARVLFSSGGSDAVETALKMARQYWIASGEPGRTRFLSLRNGYHGV
HMGGTSVGGNGVYHYNHGQLLAGCHLLDTPWLYRNPWDCRDPQALTAHCIRQLEEQIALLGAQTIAALIAEPVQGAGGVI
VPPADYWPRLREVCDRHGILLIADEVVTGFGRSGCMLGSRGWGVAPDILCLAKGITAGYIPLGATLFNQRIADAIENGQG
FSHMIMHGYTYSGHPTACAAALAVLDIVEAEDLPGNAAKVGAQLLEQLQPLVERYAVVGEVRGKGLMIALDLVSDKRTRQ
PLDPAAGQPSRIADEARRAGVLVRPIGNKIILSPPLTLTRDEAGLMVSALEAAFARCG
;
_entity_poly.pdbx_strand_id   A,B,C,D
#
# COMPACT_ATOMS: atom_id res chain seq x y z
N LYS A 15 -13.85 0.43 -44.54
CA LYS A 15 -13.89 0.26 -43.08
C LYS A 15 -14.88 1.23 -42.44
N ASN A 16 -16.17 1.02 -42.69
CA ASN A 16 -17.23 1.69 -41.96
C ASN A 16 -17.83 0.79 -40.89
N ALA A 17 -17.21 -0.36 -40.63
CA ALA A 17 -17.73 -1.31 -39.67
C ALA A 17 -17.51 -0.81 -38.24
N GLU A 18 -18.08 -1.53 -37.30
CA GLU A 18 -17.81 -1.26 -35.89
C GLU A 18 -16.39 -1.70 -35.56
N LYS A 19 -15.65 -0.82 -34.89
CA LYS A 19 -14.30 -1.13 -34.43
C LYS A 19 -14.36 -2.00 -33.18
N LYS A 20 -13.80 -3.20 -33.26
CA LYS A 20 -13.85 -4.15 -32.16
C LYS A 20 -12.58 -4.15 -31.31
N PHE A 21 -11.64 -3.25 -31.58
CA PHE A 21 -10.47 -3.09 -30.73
C PHE A 21 -10.42 -1.66 -30.21
N TRP A 22 -9.61 -1.45 -29.17
CA TRP A 22 -9.41 -0.14 -28.59
C TRP A 22 -8.03 0.40 -28.95
N HIS A 23 -7.97 1.68 -29.29
CA HIS A 23 -6.70 2.37 -29.52
C HIS A 23 -6.08 2.77 -28.18
N PRO A 24 -4.85 2.35 -27.88
CA PRO A 24 -4.17 2.89 -26.69
C PRO A 24 -3.93 4.38 -26.80
N MET A 25 -4.01 5.04 -25.65
CA MET A 25 -3.65 6.45 -25.51
C MET A 25 -4.61 7.39 -26.23
N GLY A 26 -5.89 6.99 -26.33
CA GLY A 26 -6.87 7.78 -27.05
C GLY A 26 -8.24 7.66 -26.43
N SER A 27 -9.12 8.56 -26.83
CA SER A 27 -10.51 8.51 -26.40
C SER A 27 -11.18 7.30 -27.02
N SER A 28 -11.92 6.53 -26.21
CA SER A 28 -12.71 5.43 -26.72
C SER A 28 -14.12 5.84 -27.10
N ALA A 29 -14.48 7.10 -26.87
CA ALA A 29 -15.83 7.57 -27.12
C ALA A 29 -16.08 7.75 -28.62
N ALA A 30 -17.32 7.50 -29.01
CA ALA A 30 -17.79 7.89 -30.33
C ALA A 30 -18.22 9.35 -30.30
N PRO A 31 -18.15 10.06 -31.45
CA PRO A 31 -17.74 9.55 -32.77
C PRO A 31 -16.24 9.53 -33.00
N HIS A 32 -15.43 10.05 -32.06
CA HIS A 32 -14.00 10.09 -32.28
C HIS A 32 -13.46 8.74 -32.71
N ARG A 33 -13.93 7.67 -32.08
CA ARG A 33 -13.40 6.34 -32.32
C ARG A 33 -13.74 5.82 -33.72
N ASP A 34 -14.71 6.42 -34.41
CA ASP A 34 -15.07 5.93 -35.73
C ASP A 34 -13.97 6.18 -36.75
N LYS A 35 -13.23 7.29 -36.63
CA LYS A 35 -12.18 7.59 -37.60
C LYS A 35 -10.93 6.77 -37.33
N THR A 36 -10.28 6.37 -38.42
CA THR A 36 -9.05 5.59 -38.34
C THR A 36 -8.16 5.91 -39.54
N LEU A 37 -6.87 6.06 -39.27
CA LEU A 37 -5.85 6.02 -40.31
C LEU A 37 -5.32 4.60 -40.37
N VAL A 38 -5.67 3.88 -41.43
CA VAL A 38 -5.34 2.46 -41.54
C VAL A 38 -4.10 2.34 -42.40
N ILE A 39 -2.99 1.97 -41.79
CA ILE A 39 -1.72 1.79 -42.48
C ILE A 39 -1.65 0.36 -42.99
N ALA A 40 -1.40 0.22 -44.29
CA ALA A 40 -1.36 -1.08 -44.95
C ALA A 40 0.05 -1.54 -45.29
N ARG A 41 0.96 -0.62 -45.63
CA ARG A 41 2.28 -0.98 -46.12
C ARG A 41 3.33 -0.09 -45.47
N GLY A 42 4.55 -0.63 -45.39
CA GLY A 42 5.69 0.15 -44.95
C GLY A 42 6.97 -0.26 -45.66
N ASP A 43 7.75 0.73 -46.09
CA ASP A 43 9.02 0.49 -46.77
C ASP A 43 9.97 1.65 -46.48
N GLY A 44 11.16 1.32 -46.01
CA GLY A 44 12.10 2.36 -45.64
C GLY A 44 11.51 3.21 -44.54
N ASN A 45 11.44 4.52 -44.78
CA ASN A 45 10.93 5.48 -43.81
C ASN A 45 9.55 6.03 -44.19
N TYR A 46 8.84 5.38 -45.10
CA TYR A 46 7.51 5.80 -45.52
C TYR A 46 6.47 4.74 -45.17
N ILE A 47 5.25 5.20 -44.93
CA ILE A 47 4.10 4.32 -44.69
C ILE A 47 2.97 4.76 -45.60
N THR A 48 2.10 3.80 -45.94
CA THR A 48 1.01 4.01 -46.89
C THR A 48 -0.28 3.43 -46.32
N ASP A 49 -1.38 4.20 -46.39
CA ASP A 49 -2.65 3.71 -45.87
C ASP A 49 -3.36 2.89 -46.95
N ILE A 50 -4.55 2.38 -46.61
CA ILE A 50 -5.26 1.47 -47.49
C ILE A 50 -5.73 2.16 -48.77
N ASP A 51 -5.81 3.49 -48.78
CA ASP A 51 -6.16 4.24 -49.98
C ASP A 51 -4.93 4.69 -50.78
N GLY A 52 -3.74 4.30 -50.36
CA GLY A 52 -2.53 4.78 -50.99
C GLY A 52 -2.01 6.11 -50.47
N GLN A 53 -2.65 6.69 -49.46
CA GLN A 53 -2.13 7.91 -48.87
C GLN A 53 -0.79 7.62 -48.21
N ARG A 54 0.20 8.44 -48.53
CA ARG A 54 1.60 8.12 -48.33
C ARG A 54 2.22 9.24 -47.51
N MET A 55 3.03 8.87 -46.50
CA MET A 55 3.61 9.87 -45.63
C MET A 55 4.90 9.33 -45.01
N LEU A 56 5.86 10.23 -44.81
CA LEU A 56 7.05 9.89 -44.06
C LEU A 56 6.66 9.48 -42.64
N ASP A 57 7.30 8.41 -42.15
CA ASP A 57 7.01 7.91 -40.80
C ASP A 57 7.82 8.74 -39.80
N GLY A 58 7.35 9.96 -39.56
CA GLY A 58 8.04 10.88 -38.67
C GLY A 58 8.03 10.45 -37.22
N VAL A 59 7.20 9.47 -36.86
CA VAL A 59 7.16 8.94 -35.51
C VAL A 59 7.87 7.60 -35.40
N GLY A 60 8.34 7.05 -36.51
CA GLY A 60 9.05 5.78 -36.49
C GLY A 60 8.23 4.65 -35.91
N GLY A 61 6.94 4.59 -36.22
CA GLY A 61 6.03 3.68 -35.56
C GLY A 61 5.68 4.21 -34.19
N LEU A 62 6.46 3.80 -33.18
CA LEU A 62 6.40 4.38 -31.84
C LEU A 62 7.83 4.32 -31.30
N TRP A 63 8.66 5.26 -31.77
CA TRP A 63 10.08 5.32 -31.48
C TRP A 63 10.78 3.96 -31.61
N ASN A 64 10.36 3.10 -32.55
CA ASN A 64 10.92 1.76 -32.58
C ASN A 64 11.34 1.24 -33.94
N VAL A 65 10.78 1.72 -35.06
CA VAL A 65 11.18 1.21 -36.36
C VAL A 65 12.48 1.90 -36.77
N ASN A 66 13.57 1.60 -36.06
CA ASN A 66 14.77 2.44 -36.12
C ASN A 66 15.62 2.19 -37.36
N ILE A 67 15.45 1.06 -38.04
CA ILE A 67 16.23 0.77 -39.24
C ILE A 67 15.39 0.91 -40.50
N GLY A 68 14.15 1.36 -40.37
CA GLY A 68 13.24 1.44 -41.49
C GLY A 68 12.42 0.18 -41.65
N HIS A 69 11.38 0.30 -42.47
CA HIS A 69 10.50 -0.82 -42.73
C HIS A 69 11.05 -1.70 -43.84
N ASN A 70 10.79 -3.00 -43.71
CA ASN A 70 10.96 -3.96 -44.81
C ASN A 70 12.42 -4.21 -45.16
N ARG A 71 13.25 -4.44 -44.13
CA ARG A 71 14.64 -4.81 -44.36
C ARG A 71 14.73 -6.29 -44.73
N ALA A 72 15.25 -6.57 -45.93
CA ALA A 72 15.35 -7.96 -46.38
C ALA A 72 16.16 -8.81 -45.42
N SER A 73 17.29 -8.29 -44.94
CA SER A 73 18.18 -9.10 -44.13
C SER A 73 17.52 -9.52 -42.82
N VAL A 74 16.66 -8.67 -42.25
CA VAL A 74 15.97 -9.03 -41.03
C VAL A 74 14.90 -10.07 -41.32
N LYS A 75 14.13 -9.87 -42.38
CA LYS A 75 13.13 -10.84 -42.78
C LYS A 75 13.77 -12.21 -43.01
N ALA A 76 14.94 -12.24 -43.65
CA ALA A 76 15.62 -13.51 -43.91
C ALA A 76 16.06 -14.17 -42.61
N ALA A 77 16.60 -13.40 -41.66
CA ALA A 77 17.02 -13.96 -40.39
C ALA A 77 15.84 -14.58 -39.66
N ILE A 78 14.67 -13.92 -39.72
CA ILE A 78 13.47 -14.46 -39.10
C ILE A 78 13.08 -15.78 -39.75
N ALA A 79 13.00 -15.79 -41.08
CA ALA A 79 12.59 -17.01 -41.78
C ALA A 79 13.51 -18.17 -41.45
N ALA A 80 14.82 -17.91 -41.34
CA ALA A 80 15.77 -18.98 -41.04
C ALA A 80 15.51 -19.56 -39.66
N GLN A 81 15.21 -18.71 -38.68
CA GLN A 81 14.96 -19.22 -37.34
C GLN A 81 13.63 -19.95 -37.26
N LEU A 82 12.62 -19.50 -38.01
CA LEU A 82 11.36 -20.22 -38.07
C LEU A 82 11.57 -21.63 -38.61
N ASP A 83 12.48 -21.79 -39.57
CA ASP A 83 12.76 -23.11 -40.13
C ASP A 83 13.45 -24.03 -39.13
N GLU A 84 14.20 -23.47 -38.19
CA GLU A 84 14.95 -24.26 -37.22
C GLU A 84 14.14 -24.51 -35.95
N LEU A 85 13.71 -23.43 -35.29
CA LEU A 85 12.97 -23.54 -34.04
C LEU A 85 12.28 -22.20 -33.81
N ALA A 86 10.98 -22.13 -34.17
CA ALA A 86 10.24 -20.90 -33.95
C ALA A 86 10.25 -20.51 -32.48
N TYR A 87 9.94 -21.47 -31.60
CA TYR A 87 9.84 -21.18 -30.18
C TYR A 87 10.21 -22.39 -29.35
N TYR A 88 10.98 -22.16 -28.28
CA TYR A 88 10.96 -23.07 -27.14
C TYR A 88 11.27 -22.27 -25.88
N GLN A 89 10.89 -22.84 -24.74
CA GLN A 89 10.99 -22.15 -23.47
C GLN A 89 12.45 -22.03 -23.04
N THR A 90 12.69 -21.17 -22.03
CA THR A 90 13.99 -21.05 -21.41
C THR A 90 13.91 -21.20 -19.90
N PHE A 91 12.84 -21.80 -19.37
CA PHE A 91 12.68 -21.90 -17.94
C PHE A 91 13.65 -22.96 -17.37
N ASP A 92 13.80 -22.90 -16.05
CA ASP A 92 14.72 -23.72 -15.25
C ASP A 92 15.42 -24.82 -16.04
N GLY A 93 16.67 -24.58 -16.42
CA GLY A 93 17.53 -25.61 -16.99
C GLY A 93 17.36 -25.85 -18.47
N ILE A 94 16.43 -25.17 -19.14
CA ILE A 94 16.17 -25.38 -20.56
C ILE A 94 16.47 -24.08 -21.29
N ALA A 95 17.00 -24.19 -22.50
CA ALA A 95 17.28 -23.03 -23.34
C ALA A 95 17.44 -23.49 -24.79
N HIS A 96 17.99 -22.63 -25.63
CA HIS A 96 18.13 -22.90 -27.06
C HIS A 96 19.24 -21.99 -27.60
N PRO A 97 19.74 -22.26 -28.82
CA PRO A 97 20.93 -21.54 -29.29
C PRO A 97 20.79 -20.02 -29.33
N ARG A 98 19.65 -19.51 -29.82
CA ARG A 98 19.54 -18.07 -30.06
C ARG A 98 19.62 -17.24 -28.78
N VAL A 99 19.09 -17.76 -27.67
CA VAL A 99 19.14 -16.96 -26.45
C VAL A 99 20.57 -16.88 -25.93
N PHE A 100 21.35 -17.96 -26.10
CA PHE A 100 22.79 -17.87 -25.88
C PHE A 100 23.40 -16.77 -26.72
N ASP A 101 23.10 -16.77 -28.03
CA ASP A 101 23.71 -15.80 -28.94
C ASP A 101 23.39 -14.38 -28.52
N LEU A 102 22.11 -14.08 -28.27
CA LEU A 102 21.74 -12.69 -28.02
C LEU A 102 22.24 -12.23 -26.65
N ALA A 103 22.19 -13.11 -25.65
CA ALA A 103 22.72 -12.75 -24.33
C ALA A 103 24.20 -12.42 -24.41
N GLU A 104 24.97 -13.27 -25.12
CA GLU A 104 26.38 -12.98 -25.35
C GLU A 104 26.54 -11.66 -26.09
N ARG A 105 25.77 -11.48 -27.16
CA ARG A 105 25.87 -10.25 -27.94
C ARG A 105 25.65 -9.03 -27.05
N LEU A 106 24.58 -9.03 -26.26
CA LEU A 106 24.25 -7.84 -25.48
C LEU A 106 25.27 -7.58 -24.37
N THR A 107 25.63 -8.61 -23.61
CA THR A 107 26.64 -8.41 -22.58
C THR A 107 27.97 -7.98 -23.19
N GLY A 108 28.25 -8.40 -24.42
CA GLY A 108 29.45 -7.93 -25.09
C GLY A 108 29.34 -6.48 -25.50
N MET A 109 28.20 -6.10 -26.09
CA MET A 109 27.99 -4.71 -26.48
C MET A 109 28.08 -3.78 -25.28
N PHE A 110 27.62 -4.24 -24.12
CA PHE A 110 27.55 -3.42 -22.92
C PHE A 110 28.53 -3.89 -21.85
N ALA A 111 29.68 -4.40 -22.27
CA ALA A 111 30.74 -4.74 -21.33
C ALA A 111 31.25 -3.51 -20.60
N GLN A 112 31.30 -2.36 -21.28
CA GLN A 112 31.74 -1.13 -20.64
C GLN A 112 30.95 -0.88 -19.36
N GLU A 113 29.67 -1.22 -19.35
CA GLU A 113 28.82 -1.04 -18.18
C GLU A 113 28.86 -2.26 -17.24
N ARG A 114 29.71 -3.25 -17.52
CA ARG A 114 29.83 -4.44 -16.67
C ARG A 114 28.50 -5.18 -16.56
N MET A 115 27.79 -5.30 -17.68
CA MET A 115 26.54 -6.03 -17.70
C MET A 115 26.84 -7.52 -17.74
N ALA A 116 26.15 -8.28 -16.89
CA ALA A 116 26.50 -9.67 -16.65
C ALA A 116 25.40 -10.66 -17.02
N ARG A 117 24.14 -10.31 -16.78
CA ARG A 117 23.04 -11.23 -17.00
C ARG A 117 21.91 -10.49 -17.69
N VAL A 118 21.17 -11.24 -18.52
CA VAL A 118 20.01 -10.73 -19.23
C VAL A 118 18.81 -11.55 -18.82
N LEU A 119 17.68 -10.87 -18.66
CA LEU A 119 16.39 -11.51 -18.51
C LEU A 119 15.50 -10.91 -19.59
N PHE A 120 15.19 -11.71 -20.61
CA PHE A 120 14.48 -11.23 -21.79
C PHE A 120 12.97 -11.21 -21.54
N SER A 121 12.28 -10.42 -22.35
CA SER A 121 10.83 -10.31 -22.29
C SER A 121 10.36 -9.88 -23.69
N SER A 122 9.18 -9.28 -23.76
CA SER A 122 8.58 -8.96 -25.05
C SER A 122 8.30 -7.48 -25.26
N GLY A 123 8.72 -6.61 -24.35
CA GLY A 123 8.50 -5.18 -24.58
C GLY A 123 9.13 -4.33 -23.50
N GLY A 124 8.91 -3.02 -23.64
CA GLY A 124 9.50 -2.08 -22.71
C GLY A 124 8.82 -2.11 -21.35
N SER A 125 7.49 -2.18 -21.35
CA SER A 125 6.79 -2.33 -20.09
C SER A 125 7.26 -3.58 -19.34
N ASP A 126 7.44 -4.68 -20.07
CA ASP A 126 8.04 -5.88 -19.47
C ASP A 126 9.41 -5.56 -18.90
N ALA A 127 10.25 -4.88 -19.67
CA ALA A 127 11.62 -4.64 -19.25
C ALA A 127 11.66 -3.81 -17.98
N VAL A 128 10.77 -2.82 -17.88
CA VAL A 128 10.69 -2.01 -16.66
C VAL A 128 10.19 -2.86 -15.50
N GLU A 129 9.07 -3.54 -15.71
CA GLU A 129 8.50 -4.38 -14.66
C GLU A 129 9.53 -5.38 -14.15
N THR A 130 10.30 -5.96 -15.07
CA THR A 130 11.35 -6.89 -14.66
C THR A 130 12.41 -6.18 -13.84
N ALA A 131 12.79 -4.97 -14.25
CA ALA A 131 13.79 -4.22 -13.51
C ALA A 131 13.32 -3.96 -12.08
N LEU A 132 12.07 -3.53 -11.92
CA LEU A 132 11.55 -3.21 -10.59
C LEU A 132 11.52 -4.45 -9.72
N LYS A 133 10.94 -5.54 -10.23
CA LYS A 133 10.82 -6.74 -9.41
C LYS A 133 12.18 -7.31 -9.05
N MET A 134 13.10 -7.32 -10.01
CA MET A 134 14.42 -7.89 -9.72
C MET A 134 15.24 -6.96 -8.86
N ALA A 135 14.97 -5.65 -8.93
CA ALA A 135 15.57 -4.73 -7.97
C ALA A 135 15.19 -5.11 -6.55
N ARG A 136 13.91 -5.39 -6.32
CA ARG A 136 13.47 -5.84 -5.01
C ARG A 136 14.21 -7.10 -4.60
N GLN A 137 14.38 -8.06 -5.52
CA GLN A 137 15.04 -9.30 -5.17
C GLN A 137 16.52 -9.08 -4.84
N TYR A 138 17.18 -8.18 -5.56
CA TYR A 138 18.58 -7.89 -5.27
C TYR A 138 18.77 -7.54 -3.80
N TRP A 139 17.89 -6.70 -3.26
CA TRP A 139 18.05 -6.25 -1.89
C TRP A 139 17.71 -7.35 -0.90
N ILE A 140 16.71 -8.18 -1.23
CA ILE A 140 16.42 -9.33 -0.37
C ILE A 140 17.62 -10.27 -0.34
N ALA A 141 18.16 -10.61 -1.52
CA ALA A 141 19.35 -11.44 -1.59
C ALA A 141 20.52 -10.80 -0.87
N SER A 142 20.58 -9.47 -0.83
CA SER A 142 21.66 -8.74 -0.20
C SER A 142 21.46 -8.54 1.30
N GLY A 143 20.36 -9.02 1.86
CA GLY A 143 20.12 -8.89 3.27
C GLY A 143 19.54 -7.56 3.69
N GLU A 144 18.99 -6.78 2.77
CA GLU A 144 18.35 -5.51 3.10
C GLU A 144 16.95 -5.48 2.50
N PRO A 145 16.07 -6.39 2.94
CA PRO A 145 14.70 -6.42 2.39
C PRO A 145 13.84 -5.21 2.77
N GLY A 146 14.37 -4.27 3.56
CA GLY A 146 13.67 -3.01 3.79
C GLY A 146 13.76 -2.06 2.62
N ARG A 147 14.68 -2.32 1.70
CA ARG A 147 14.85 -1.52 0.49
C ARG A 147 13.73 -1.84 -0.49
N THR A 148 12.68 -1.02 -0.51
CA THR A 148 11.51 -1.30 -1.33
C THR A 148 11.01 -0.12 -2.15
N ARG A 149 11.33 1.11 -1.77
CA ARG A 149 10.74 2.25 -2.44
C ARG A 149 11.44 2.53 -3.78
N PHE A 150 10.70 3.16 -4.68
CA PHE A 150 11.20 3.52 -6.00
C PHE A 150 11.11 5.03 -6.19
N LEU A 151 12.14 5.58 -6.82
CA LEU A 151 12.16 6.99 -7.20
C LEU A 151 12.15 7.12 -8.70
N SER A 152 11.52 8.18 -9.20
CA SER A 152 11.46 8.43 -10.63
C SER A 152 11.20 9.92 -10.83
N LEU A 153 11.15 10.33 -12.10
CA LEU A 153 11.09 11.74 -12.46
C LEU A 153 9.72 12.09 -13.01
N ARG A 154 9.24 13.28 -12.66
CA ARG A 154 8.06 13.81 -13.33
C ARG A 154 8.25 13.76 -14.83
N ASN A 155 7.15 13.54 -15.55
CA ASN A 155 7.13 13.40 -17.01
C ASN A 155 7.84 12.14 -17.48
N GLY A 156 8.35 11.31 -16.57
CA GLY A 156 8.91 10.03 -16.98
C GLY A 156 7.81 9.07 -17.42
N TYR A 157 8.14 8.25 -18.42
CA TYR A 157 7.23 7.24 -18.92
C TYR A 157 7.95 5.90 -18.94
N HIS A 158 7.34 4.90 -18.31
CA HIS A 158 8.00 3.63 -18.08
C HIS A 158 7.07 2.45 -18.35
N GLY A 159 6.18 2.59 -19.31
CA GLY A 159 5.26 1.52 -19.65
C GLY A 159 3.97 1.60 -18.84
N VAL A 160 3.15 0.55 -19.00
CA VAL A 160 1.79 0.58 -18.50
C VAL A 160 1.44 -0.67 -17.69
N HIS A 161 2.42 -1.50 -17.38
CA HIS A 161 2.18 -2.48 -16.34
C HIS A 161 1.98 -1.73 -15.02
N MET A 162 1.47 -2.42 -14.01
CA MET A 162 1.11 -1.73 -12.78
C MET A 162 2.36 -1.17 -12.09
N GLY A 163 3.48 -1.89 -12.17
CA GLY A 163 4.72 -1.33 -11.66
C GLY A 163 5.17 -0.13 -12.46
N GLY A 164 5.27 -0.28 -13.78
CA GLY A 164 5.68 0.84 -14.61
C GLY A 164 4.76 2.03 -14.48
N THR A 165 3.45 1.79 -14.40
CA THR A 165 2.52 2.89 -14.24
C THR A 165 2.74 3.61 -12.93
N SER A 166 3.00 2.85 -11.86
CA SER A 166 3.13 3.44 -10.53
C SER A 166 4.24 4.48 -10.48
N VAL A 167 5.35 4.24 -11.21
CA VAL A 167 6.47 5.18 -11.22
C VAL A 167 6.37 6.19 -12.35
N GLY A 168 5.30 6.18 -13.13
CA GLY A 168 5.16 7.14 -14.19
C GLY A 168 4.97 8.54 -13.65
N GLY A 169 5.43 9.53 -14.43
CA GLY A 169 5.42 10.91 -14.00
C GLY A 169 4.45 11.80 -14.75
N ASN A 170 3.50 11.20 -15.46
CA ASN A 170 2.45 11.94 -16.15
C ASN A 170 1.10 11.44 -15.66
N GLY A 171 0.26 12.37 -15.20
CA GLY A 171 -0.98 11.99 -14.56
C GLY A 171 -1.96 11.25 -15.45
N VAL A 172 -1.95 11.56 -16.76
CA VAL A 172 -2.96 11.00 -17.66
C VAL A 172 -2.95 9.47 -17.62
N TYR A 173 -1.80 8.87 -17.30
CA TYR A 173 -1.72 7.41 -17.24
C TYR A 173 -2.19 6.85 -15.91
N HIS A 174 -2.46 7.70 -14.91
CA HIS A 174 -2.91 7.26 -13.59
C HIS A 174 -4.41 7.43 -13.35
N TYR A 175 -5.03 8.44 -13.95
CA TYR A 175 -6.34 8.89 -13.50
C TYR A 175 -7.38 7.77 -13.48
N ASN A 176 -7.31 6.83 -14.42
CA ASN A 176 -8.38 5.87 -14.62
C ASN A 176 -8.10 4.51 -13.99
N HIS A 177 -7.13 4.42 -13.08
CA HIS A 177 -6.70 3.10 -12.61
C HIS A 177 -6.50 2.98 -11.12
N GLY A 178 -6.85 4.00 -10.33
CA GLY A 178 -6.86 3.86 -8.89
C GLY A 178 -5.48 3.76 -8.28
N GLN A 179 -5.47 3.32 -7.02
CA GLN A 179 -4.22 3.20 -6.28
C GLN A 179 -3.44 2.00 -6.77
N LEU A 180 -2.17 2.22 -7.08
CA LEU A 180 -1.29 1.15 -7.53
C LEU A 180 -0.21 0.92 -6.48
N LEU A 181 1.05 0.79 -6.91
CA LEU A 181 2.11 0.42 -5.99
C LEU A 181 2.40 1.56 -5.02
N ALA A 182 2.48 1.24 -3.73
CA ALA A 182 2.87 2.20 -2.71
C ALA A 182 4.38 2.43 -2.74
N GLY A 183 4.83 3.49 -2.06
CA GLY A 183 6.24 3.74 -1.92
C GLY A 183 6.94 4.17 -3.18
N CYS A 184 6.21 4.79 -4.11
CA CYS A 184 6.80 5.36 -5.32
C CYS A 184 6.73 6.87 -5.23
N HIS A 185 7.88 7.52 -5.39
CA HIS A 185 8.03 8.93 -5.11
C HIS A 185 8.64 9.64 -6.31
N LEU A 186 8.05 10.77 -6.68
CA LEU A 186 8.43 11.49 -7.88
C LEU A 186 9.29 12.69 -7.54
N LEU A 187 10.32 12.91 -8.35
CA LEU A 187 11.16 14.09 -8.29
C LEU A 187 10.86 14.95 -9.49
N ASP A 188 11.18 16.24 -9.38
CA ASP A 188 11.02 17.12 -10.52
C ASP A 188 12.07 16.79 -11.57
N THR A 189 11.69 16.96 -12.81
CA THR A 189 12.60 16.64 -13.90
C THR A 189 13.44 17.85 -14.29
N PRO A 190 14.75 17.64 -14.68
CA PRO A 190 15.60 18.77 -15.10
C PRO A 190 15.22 19.24 -16.49
N TRP A 191 14.07 19.90 -16.56
CA TRP A 191 13.45 20.34 -17.82
C TRP A 191 13.67 21.84 -17.92
N LEU A 192 14.60 22.24 -18.80
CA LEU A 192 15.00 23.63 -18.85
C LEU A 192 13.81 24.55 -19.12
N TYR A 193 12.92 24.13 -20.02
CA TYR A 193 11.84 25.01 -20.46
C TYR A 193 10.76 25.17 -19.40
N ARG A 194 10.51 24.15 -18.57
CA ARG A 194 9.50 24.22 -17.52
C ARG A 194 10.00 23.48 -16.29
N ASN A 195 10.28 24.22 -15.23
CA ASN A 195 10.72 23.60 -13.98
C ASN A 195 10.36 24.52 -12.83
N PRO A 196 10.30 23.99 -11.60
CA PRO A 196 9.85 24.82 -10.47
C PRO A 196 10.76 25.99 -10.16
N TRP A 197 11.99 25.98 -10.65
CA TRP A 197 12.93 27.06 -10.40
C TRP A 197 12.98 28.07 -11.53
N ASP A 198 12.19 27.87 -12.59
CA ASP A 198 12.26 28.69 -13.79
C ASP A 198 13.71 28.89 -14.23
N CYS A 199 14.52 27.87 -14.02
CA CYS A 199 15.96 27.91 -14.29
C CYS A 199 16.24 27.34 -15.68
N ARG A 200 16.80 28.19 -16.55
CA ARG A 200 17.14 27.79 -17.92
C ARG A 200 18.64 27.58 -18.09
N ASP A 201 19.37 27.43 -16.99
CA ASP A 201 20.81 27.23 -17.01
C ASP A 201 21.10 25.78 -16.66
N PRO A 202 21.75 25.01 -17.55
CA PRO A 202 21.93 23.56 -17.27
C PRO A 202 22.58 23.25 -15.93
N GLN A 203 23.72 23.87 -15.62
CA GLN A 203 24.41 23.54 -14.38
C GLN A 203 23.58 23.91 -13.17
N ALA A 204 22.93 25.07 -13.20
CA ALA A 204 22.15 25.50 -12.03
C ALA A 204 20.93 24.60 -11.84
N LEU A 205 20.27 24.22 -12.93
CA LEU A 205 19.11 23.34 -12.83
C LEU A 205 19.50 21.99 -12.25
N THR A 206 20.61 21.42 -12.73
CA THR A 206 21.13 20.19 -12.15
C THR A 206 21.28 20.32 -10.63
N ALA A 207 21.92 21.40 -10.17
CA ALA A 207 22.13 21.57 -8.74
C ALA A 207 20.80 21.62 -8.00
N HIS A 208 19.82 22.31 -8.56
CA HIS A 208 18.49 22.36 -7.94
C HIS A 208 17.90 20.97 -7.80
N CYS A 209 17.93 20.18 -8.88
CA CYS A 209 17.32 18.85 -8.86
C CYS A 209 18.05 17.91 -7.92
N ILE A 210 19.37 17.97 -7.91
CA ILE A 210 20.15 17.08 -7.06
C ILE A 210 19.88 17.37 -5.59
N ARG A 211 19.77 18.65 -5.23
CA ARG A 211 19.47 18.99 -3.84
C ARG A 211 18.11 18.45 -3.44
N GLN A 212 17.11 18.61 -4.32
CA GLN A 212 15.80 18.03 -4.07
C GLN A 212 15.90 16.52 -3.89
N LEU A 213 16.69 15.85 -4.72
CA LEU A 213 16.86 14.41 -4.60
C LEU A 213 17.41 14.04 -3.24
N GLU A 214 18.45 14.76 -2.79
CA GLU A 214 19.02 14.51 -1.46
C GLU A 214 17.98 14.69 -0.37
N GLU A 215 17.15 15.73 -0.47
CA GLU A 215 16.17 15.99 0.58
C GLU A 215 15.12 14.89 0.66
N GLN A 216 14.66 14.37 -0.48
CA GLN A 216 13.68 13.29 -0.44
C GLN A 216 14.30 12.02 0.14
N ILE A 217 15.53 11.70 -0.23
CA ILE A 217 16.20 10.53 0.32
C ILE A 217 16.32 10.66 1.84
N ALA A 218 16.73 11.84 2.32
CA ALA A 218 16.78 12.06 3.76
C ALA A 218 15.42 11.83 4.39
N LEU A 219 14.37 12.25 3.70
CA LEU A 219 13.02 12.10 4.23
C LEU A 219 12.60 10.64 4.29
N LEU A 220 12.91 9.88 3.25
CA LEU A 220 12.50 8.48 3.20
C LEU A 220 13.46 7.58 3.96
N GLY A 221 14.74 7.92 3.99
CA GLY A 221 15.74 7.03 4.54
C GLY A 221 16.31 6.13 3.47
N ALA A 222 17.60 6.29 3.16
CA ALA A 222 18.23 5.48 2.12
C ALA A 222 17.93 4.00 2.30
N GLN A 223 17.83 3.54 3.54
CA GLN A 223 17.67 2.12 3.81
C GLN A 223 16.30 1.58 3.42
N THR A 224 15.38 2.44 2.97
CA THR A 224 14.08 2.00 2.48
C THR A 224 13.92 2.08 0.97
N ILE A 225 14.95 2.52 0.24
CA ILE A 225 14.82 2.86 -1.17
C ILE A 225 15.53 1.80 -1.99
N ALA A 226 14.79 1.18 -2.92
CA ALA A 226 15.36 0.12 -3.74
C ALA A 226 16.09 0.69 -4.95
N ALA A 227 15.46 1.61 -5.67
CA ALA A 227 16.02 2.02 -6.96
C ALA A 227 15.43 3.34 -7.40
N LEU A 228 16.16 4.00 -8.29
CA LEU A 228 15.66 5.15 -9.02
C LEU A 228 15.71 4.80 -10.50
N ILE A 229 14.63 5.14 -11.21
CA ILE A 229 14.51 4.84 -12.63
C ILE A 229 14.34 6.14 -13.40
N ALA A 230 15.04 6.25 -14.52
CA ALA A 230 15.00 7.47 -15.31
C ALA A 230 15.38 7.16 -16.74
N GLU A 231 14.85 7.98 -17.66
CA GLU A 231 15.20 7.93 -19.07
C GLU A 231 16.36 8.88 -19.34
N PRO A 232 17.42 8.45 -20.04
CA PRO A 232 18.51 9.40 -20.36
C PRO A 232 18.02 10.61 -21.13
N VAL A 233 17.00 10.43 -21.97
CA VAL A 233 16.21 11.52 -22.53
C VAL A 233 14.77 11.07 -22.41
N GLN A 234 13.95 11.89 -21.75
CA GLN A 234 12.56 11.52 -21.52
C GLN A 234 11.76 11.67 -22.79
N GLY A 235 11.16 10.58 -23.26
CA GLY A 235 10.51 10.56 -24.55
C GLY A 235 9.08 11.04 -24.53
N ALA A 236 8.15 10.15 -24.14
CA ALA A 236 6.74 10.47 -24.19
C ALA A 236 6.38 11.68 -23.33
N GLY A 237 7.20 11.98 -22.32
CA GLY A 237 6.98 13.17 -21.51
C GLY A 237 7.24 14.47 -22.24
N GLY A 238 7.86 14.43 -23.43
CA GLY A 238 8.04 15.61 -24.24
C GLY A 238 9.45 15.85 -24.74
N VAL A 239 10.24 14.79 -24.91
CA VAL A 239 11.63 14.90 -25.34
C VAL A 239 12.34 15.92 -24.45
N ILE A 240 12.51 15.59 -23.18
CA ILE A 240 13.19 16.45 -22.23
C ILE A 240 14.65 16.02 -22.16
N VAL A 241 15.55 16.86 -22.68
CA VAL A 241 16.97 16.56 -22.71
C VAL A 241 17.59 17.11 -21.42
N PRO A 242 18.10 16.27 -20.53
CA PRO A 242 18.61 16.79 -19.26
C PRO A 242 19.93 17.54 -19.48
N PRO A 243 20.29 18.42 -18.55
CA PRO A 243 21.63 18.99 -18.57
C PRO A 243 22.70 17.90 -18.66
N ALA A 244 23.84 18.28 -19.25
CA ALA A 244 24.91 17.30 -19.48
C ALA A 244 25.40 16.67 -18.19
N ASP A 245 25.46 17.45 -17.12
CA ASP A 245 26.01 16.98 -15.85
C ASP A 245 24.97 16.37 -14.93
N TYR A 246 23.72 16.24 -15.37
CA TYR A 246 22.68 15.73 -14.49
C TYR A 246 22.85 14.24 -14.24
N TRP A 247 23.01 13.45 -15.29
CA TRP A 247 23.10 12.00 -15.13
C TRP A 247 24.36 11.61 -14.37
N PRO A 248 25.51 12.24 -14.61
CA PRO A 248 26.67 11.97 -13.74
C PRO A 248 26.37 12.20 -12.26
N ARG A 249 25.75 13.32 -11.92
CA ARG A 249 25.46 13.59 -10.51
C ARG A 249 24.32 12.73 -10.00
N LEU A 250 23.35 12.41 -10.86
CA LEU A 250 22.32 11.43 -10.50
C LEU A 250 22.96 10.12 -10.08
N ARG A 251 23.91 9.63 -10.90
CA ARG A 251 24.64 8.40 -10.58
C ARG A 251 25.33 8.51 -9.23
N GLU A 252 25.88 9.69 -8.93
CA GLU A 252 26.67 9.86 -7.72
C GLU A 252 25.79 9.88 -6.48
N VAL A 253 24.65 10.57 -6.53
CA VAL A 253 23.75 10.61 -5.38
C VAL A 253 23.19 9.21 -5.10
N CYS A 254 22.81 8.49 -6.15
CA CYS A 254 22.35 7.11 -5.96
C CYS A 254 23.42 6.29 -5.24
N ASP A 255 24.67 6.39 -5.73
CA ASP A 255 25.77 5.67 -5.09
C ASP A 255 25.99 6.13 -3.66
N ARG A 256 25.88 7.44 -3.41
CA ARG A 256 26.03 7.94 -2.06
C ARG A 256 25.19 7.13 -1.08
N HIS A 257 24.06 6.61 -1.55
CA HIS A 257 23.09 5.92 -0.71
C HIS A 257 22.87 4.47 -1.11
N GLY A 258 23.68 3.95 -2.03
CA GLY A 258 23.55 2.57 -2.46
C GLY A 258 22.36 2.27 -3.35
N ILE A 259 21.59 3.28 -3.73
CA ILE A 259 20.38 3.05 -4.51
C ILE A 259 20.73 2.56 -5.90
N LEU A 260 20.00 1.57 -6.39
CA LEU A 260 20.21 1.10 -7.76
C LEU A 260 19.69 2.10 -8.77
N LEU A 261 20.47 2.35 -9.81
CA LEU A 261 20.08 3.24 -10.89
C LEU A 261 19.60 2.39 -12.07
N ILE A 262 18.32 2.49 -12.38
CA ILE A 262 17.72 1.82 -13.52
C ILE A 262 17.63 2.82 -14.66
N ALA A 263 18.35 2.56 -15.73
CA ALA A 263 18.27 3.39 -16.92
C ALA A 263 17.20 2.80 -17.84
N ASP A 264 16.10 3.53 -18.01
CA ASP A 264 15.07 3.13 -18.97
C ASP A 264 15.55 3.54 -20.36
N GLU A 265 16.24 2.62 -21.02
CA GLU A 265 16.79 2.85 -22.36
C GLU A 265 15.92 2.26 -23.44
N VAL A 266 14.61 2.16 -23.19
CA VAL A 266 13.70 1.58 -24.18
C VAL A 266 13.71 2.42 -25.46
N VAL A 267 13.77 3.74 -25.31
CA VAL A 267 13.82 4.62 -26.49
C VAL A 267 15.26 4.91 -26.91
N THR A 268 16.11 5.28 -25.95
CA THR A 268 17.46 5.75 -26.29
C THR A 268 18.42 4.61 -26.61
N GLY A 269 18.11 3.39 -26.20
CA GLY A 269 18.98 2.27 -26.47
C GLY A 269 19.18 2.04 -27.95
N PHE A 270 20.43 1.87 -28.36
CA PHE A 270 20.80 1.52 -29.73
C PHE A 270 20.75 2.71 -30.69
N GLY A 271 20.87 3.94 -30.19
CA GLY A 271 21.38 5.04 -31.00
C GLY A 271 20.51 6.28 -31.14
N ARG A 272 19.24 6.28 -30.71
CA ARG A 272 18.37 7.39 -31.10
C ARG A 272 18.94 8.74 -30.63
N SER A 273 19.53 8.80 -29.45
CA SER A 273 20.06 10.04 -28.92
C SER A 273 21.52 10.29 -29.33
N GLY A 274 22.06 9.48 -30.24
CA GLY A 274 23.41 9.70 -30.71
C GLY A 274 24.46 8.76 -30.15
N CYS A 275 24.07 7.87 -29.24
CA CYS A 275 24.98 6.90 -28.64
C CYS A 275 24.24 5.58 -28.49
N MET A 276 25.00 4.48 -28.49
CA MET A 276 24.41 3.16 -28.34
C MET A 276 23.57 3.05 -27.07
N LEU A 277 23.92 3.83 -26.05
CA LEU A 277 23.11 3.98 -24.85
C LEU A 277 23.06 5.45 -24.49
N GLY A 278 21.88 5.93 -24.10
CA GLY A 278 21.79 7.29 -23.60
C GLY A 278 22.65 7.49 -22.38
N SER A 279 22.64 6.53 -21.44
CA SER A 279 23.43 6.67 -20.23
C SER A 279 24.91 6.74 -20.57
N ARG A 280 25.38 5.89 -21.48
CA ARG A 280 26.77 5.97 -21.91
C ARG A 280 27.08 7.31 -22.54
N GLY A 281 26.12 7.86 -23.29
CA GLY A 281 26.31 9.18 -23.89
C GLY A 281 26.57 10.26 -22.86
N TRP A 282 26.01 10.11 -21.67
CA TRP A 282 26.27 11.02 -20.56
C TRP A 282 27.46 10.59 -19.72
N GLY A 283 28.13 9.50 -20.10
CA GLY A 283 29.28 9.04 -19.35
C GLY A 283 28.96 8.33 -18.07
N VAL A 284 27.85 7.59 -18.04
CA VAL A 284 27.33 6.98 -16.82
C VAL A 284 27.10 5.50 -17.05
N ALA A 285 27.35 4.70 -16.02
CA ALA A 285 27.05 3.28 -16.03
C ALA A 285 25.91 3.02 -15.04
N PRO A 286 24.71 2.68 -15.49
CA PRO A 286 23.65 2.30 -14.55
C PRO A 286 23.87 0.88 -14.02
N ASP A 287 23.08 0.54 -13.01
CA ASP A 287 23.10 -0.82 -12.50
C ASP A 287 22.19 -1.75 -13.28
N ILE A 288 21.15 -1.21 -13.90
CA ILE A 288 20.20 -2.00 -14.68
C ILE A 288 19.86 -1.22 -15.94
N LEU A 289 19.73 -1.93 -17.05
CA LEU A 289 19.33 -1.38 -18.34
C LEU A 289 18.00 -2.00 -18.75
N CYS A 290 17.07 -1.18 -19.20
CA CYS A 290 15.82 -1.65 -19.80
C CYS A 290 15.86 -1.36 -21.29
N LEU A 291 15.60 -2.39 -22.10
CA LEU A 291 15.71 -2.28 -23.55
C LEU A 291 14.47 -2.88 -24.21
N ALA A 292 14.06 -2.26 -25.32
CA ALA A 292 12.97 -2.78 -26.15
C ALA A 292 12.96 -1.98 -27.45
N LYS A 293 11.77 -1.78 -28.00
CA LYS A 293 11.57 -0.97 -29.22
C LYS A 293 12.65 -1.25 -30.23
N GLY A 294 13.70 -0.44 -30.25
CA GLY A 294 14.73 -0.56 -31.27
C GLY A 294 15.55 -1.85 -31.27
N ILE A 295 15.43 -2.66 -30.22
CA ILE A 295 16.25 -3.86 -30.15
C ILE A 295 15.91 -4.81 -31.29
N THR A 296 14.65 -4.83 -31.72
CA THR A 296 14.23 -5.58 -32.90
C THR A 296 13.65 -4.67 -33.97
N ALA A 297 13.72 -3.35 -33.78
CA ALA A 297 13.19 -2.40 -34.75
C ALA A 297 11.73 -2.69 -35.08
N GLY A 298 11.00 -3.26 -34.12
CA GLY A 298 9.59 -3.51 -34.25
C GLY A 298 9.20 -4.76 -35.03
N TYR A 299 10.16 -5.47 -35.61
CA TYR A 299 9.83 -6.62 -36.45
C TYR A 299 9.22 -7.76 -35.65
N ILE A 300 9.77 -8.03 -34.47
CA ILE A 300 9.23 -9.05 -33.57
C ILE A 300 9.26 -8.47 -32.17
N PRO A 301 8.21 -8.61 -31.36
CA PRO A 301 8.26 -8.08 -29.99
C PRO A 301 9.43 -8.68 -29.21
N LEU A 302 10.19 -7.81 -28.57
CA LEU A 302 11.30 -8.23 -27.73
C LEU A 302 11.63 -7.12 -26.74
N GLY A 303 11.90 -7.52 -25.50
CA GLY A 303 12.46 -6.62 -24.51
C GLY A 303 13.57 -7.32 -23.77
N ALA A 304 14.41 -6.52 -23.12
CA ALA A 304 15.55 -7.08 -22.39
C ALA A 304 15.86 -6.21 -21.18
N THR A 305 16.14 -6.87 -20.07
CA THR A 305 16.60 -6.22 -18.86
C THR A 305 17.97 -6.80 -18.52
N LEU A 306 18.97 -5.93 -18.44
CA LEU A 306 20.34 -6.34 -18.20
C LEU A 306 20.76 -5.89 -16.81
N PHE A 307 21.52 -6.75 -16.13
CA PHE A 307 21.92 -6.52 -14.76
C PHE A 307 23.45 -6.58 -14.66
N ASN A 308 24.03 -5.65 -13.93
CA ASN A 308 25.47 -5.60 -13.85
C ASN A 308 25.99 -6.70 -12.91
N GLN A 309 27.32 -6.81 -12.86
CA GLN A 309 27.92 -7.88 -12.08
C GLN A 309 27.49 -7.80 -10.62
N ARG A 310 27.41 -6.58 -10.08
CA ARG A 310 26.98 -6.37 -8.70
C ARG A 310 25.68 -7.10 -8.42
N ILE A 311 24.66 -6.86 -9.25
CA ILE A 311 23.35 -7.44 -9.01
C ILE A 311 23.36 -8.95 -9.28
N ALA A 312 23.93 -9.34 -10.43
CA ALA A 312 23.93 -10.75 -10.80
C ALA A 312 24.60 -11.60 -9.73
N ASP A 313 25.77 -11.16 -9.25
CA ASP A 313 26.50 -11.94 -8.26
C ASP A 313 25.72 -12.06 -6.95
N ALA A 314 25.11 -10.95 -6.50
CA ALA A 314 24.40 -10.97 -5.23
C ALA A 314 23.28 -12.00 -5.25
N ILE A 315 22.51 -12.01 -6.34
CA ILE A 315 21.36 -12.91 -6.42
C ILE A 315 21.85 -14.36 -6.54
N GLU A 316 22.83 -14.60 -7.39
CA GLU A 316 23.31 -15.96 -7.59
C GLU A 316 23.98 -16.52 -6.34
N ASN A 317 24.42 -15.66 -5.42
CA ASN A 317 24.95 -16.08 -4.13
C ASN A 317 23.96 -15.86 -2.99
N GLY A 318 22.70 -15.59 -3.31
CA GLY A 318 21.74 -15.30 -2.27
C GLY A 318 21.47 -16.49 -1.38
N GLN A 319 21.14 -16.21 -0.14
CA GLN A 319 20.89 -17.24 0.87
C GLN A 319 19.42 -17.61 0.86
N GLY A 320 19.14 -18.84 1.30
CA GLY A 320 17.77 -19.29 1.37
C GLY A 320 17.16 -19.31 -0.01
N PHE A 321 15.98 -18.71 -0.13
CA PHE A 321 15.22 -18.69 -1.38
C PHE A 321 15.64 -17.55 -2.31
N SER A 322 16.53 -16.66 -1.86
CA SER A 322 16.80 -15.42 -2.58
C SER A 322 17.52 -15.63 -3.90
N HIS A 323 18.05 -16.82 -4.16
CA HIS A 323 18.70 -17.14 -5.43
C HIS A 323 17.75 -17.80 -6.44
N MET A 324 16.51 -18.05 -6.05
CA MET A 324 15.51 -18.55 -6.98
C MET A 324 14.92 -17.36 -7.73
N ILE A 325 15.06 -17.35 -9.05
CA ILE A 325 14.56 -16.26 -9.89
C ILE A 325 13.19 -16.73 -10.40
N MET A 326 12.15 -16.45 -9.61
N MET A 326 12.15 -16.43 -9.63
CA MET A 326 10.79 -16.85 -9.93
CA MET A 326 10.80 -16.86 -9.96
C MET A 326 10.06 -15.77 -10.71
C MET A 326 10.06 -15.77 -10.71
N HIS A 327 10.74 -15.18 -11.70
CA HIS A 327 10.18 -14.13 -12.53
C HIS A 327 10.60 -14.41 -13.96
N GLY A 328 9.65 -14.34 -14.87
CA GLY A 328 9.93 -14.47 -16.29
C GLY A 328 8.68 -14.81 -17.06
N TYR A 329 8.84 -14.82 -18.39
CA TYR A 329 7.73 -14.87 -19.31
C TYR A 329 7.86 -16.06 -20.23
N THR A 330 6.72 -16.62 -20.62
CA THR A 330 6.68 -17.71 -21.58
C THR A 330 7.61 -17.41 -22.74
N TYR A 331 7.57 -16.17 -23.23
CA TYR A 331 8.32 -15.78 -24.41
C TYR A 331 9.66 -15.15 -24.08
N SER A 332 10.11 -15.23 -22.83
CA SER A 332 11.47 -14.84 -22.51
C SER A 332 12.44 -15.60 -23.40
N GLY A 333 13.25 -14.87 -24.16
CA GLY A 333 14.26 -15.48 -24.99
C GLY A 333 13.75 -16.04 -26.30
N HIS A 334 12.57 -15.63 -26.74
CA HIS A 334 11.92 -16.16 -27.93
C HIS A 334 12.92 -16.34 -29.06
N PRO A 335 13.11 -17.56 -29.57
CA PRO A 335 14.13 -17.78 -30.61
C PRO A 335 13.99 -16.86 -31.81
N THR A 336 12.77 -16.67 -32.31
CA THR A 336 12.59 -15.87 -33.52
C THR A 336 12.85 -14.40 -33.23
N ALA A 337 12.38 -13.90 -32.07
CA ALA A 337 12.69 -12.53 -31.68
C ALA A 337 14.18 -12.31 -31.52
N CYS A 338 14.87 -13.30 -30.96
CA CYS A 338 16.32 -13.17 -30.78
C CYS A 338 17.04 -13.14 -32.12
N ALA A 339 16.64 -14.00 -33.06
CA ALA A 339 17.24 -13.97 -34.39
C ALA A 339 17.01 -12.63 -35.07
N ALA A 340 15.81 -12.06 -34.92
CA ALA A 340 15.55 -10.74 -35.47
C ALA A 340 16.46 -9.69 -34.83
N ALA A 341 16.60 -9.73 -33.51
CA ALA A 341 17.44 -8.75 -32.83
C ALA A 341 18.89 -8.83 -33.32
N LEU A 342 19.43 -10.05 -33.45
CA LEU A 342 20.80 -10.20 -33.92
C LEU A 342 20.99 -9.54 -35.28
N ALA A 343 20.04 -9.72 -36.19
CA ALA A 343 20.13 -9.09 -37.49
C ALA A 343 19.98 -7.57 -37.39
N VAL A 344 19.05 -7.11 -36.54
CA VAL A 344 18.85 -5.67 -36.37
C VAL A 344 20.10 -5.02 -35.82
N LEU A 345 20.66 -5.60 -34.76
CA LEU A 345 21.84 -5.03 -34.14
C LEU A 345 23.03 -5.03 -35.10
N ASP A 346 23.13 -6.03 -35.97
CA ASP A 346 24.15 -5.99 -37.00
C ASP A 346 24.04 -4.72 -37.82
N ILE A 347 22.81 -4.33 -38.17
CA ILE A 347 22.60 -3.13 -38.99
C ILE A 347 22.94 -1.88 -38.20
N VAL A 348 22.53 -1.82 -36.93
CA VAL A 348 22.81 -0.66 -36.09
C VAL A 348 24.30 -0.37 -36.09
N GLU A 349 25.11 -1.41 -35.89
CA GLU A 349 26.55 -1.22 -35.82
C GLU A 349 27.16 -1.07 -37.21
N ALA A 350 26.69 -1.85 -38.19
CA ALA A 350 27.27 -1.79 -39.52
C ALA A 350 27.11 -0.40 -40.12
N GLU A 351 25.92 0.19 -39.98
CA GLU A 351 25.59 1.48 -40.59
C GLU A 351 25.80 2.63 -39.63
N ASP A 352 26.38 2.38 -38.45
CA ASP A 352 26.66 3.41 -37.46
C ASP A 352 25.47 4.36 -37.34
N LEU A 353 24.32 3.79 -37.00
CA LEU A 353 23.08 4.54 -36.89
C LEU A 353 23.09 5.50 -35.70
N PRO A 354 23.77 5.17 -34.59
CA PRO A 354 23.94 6.20 -33.55
C PRO A 354 24.62 7.44 -34.09
N GLY A 355 25.66 7.27 -34.90
CA GLY A 355 26.32 8.42 -35.49
C GLY A 355 25.43 9.17 -36.45
N ASN A 356 24.65 8.44 -37.26
CA ASN A 356 23.72 9.11 -38.17
C ASN A 356 22.66 9.89 -37.42
N ALA A 357 22.11 9.30 -36.35
CA ALA A 357 21.13 10.00 -35.54
C ALA A 357 21.74 11.28 -34.94
N ALA A 358 22.99 11.21 -34.49
CA ALA A 358 23.65 12.39 -33.96
C ALA A 358 23.78 13.48 -35.02
N LYS A 359 24.34 13.12 -36.18
CA LYS A 359 24.59 14.10 -37.23
C LYS A 359 23.28 14.65 -37.78
N VAL A 360 22.41 13.77 -38.27
CA VAL A 360 21.19 14.26 -38.91
C VAL A 360 20.24 14.86 -37.88
N GLY A 361 20.26 14.34 -36.65
CA GLY A 361 19.42 14.92 -35.61
C GLY A 361 19.83 16.35 -35.30
N ALA A 362 21.14 16.60 -35.24
CA ALA A 362 21.61 17.96 -35.05
C ALA A 362 21.19 18.86 -36.21
N GLN A 363 21.30 18.35 -37.44
CA GLN A 363 20.86 19.14 -38.60
C GLN A 363 19.39 19.47 -38.50
N LEU A 364 18.55 18.45 -38.26
CA LEU A 364 17.12 18.68 -38.15
C LEU A 364 16.81 19.69 -37.04
N LEU A 365 17.44 19.53 -35.88
CA LEU A 365 17.17 20.43 -34.76
C LEU A 365 17.50 21.87 -35.12
N GLU A 366 18.66 22.09 -35.74
CA GLU A 366 19.06 23.45 -36.10
C GLU A 366 18.09 24.05 -37.12
N GLN A 367 17.66 23.24 -38.10
CA GLN A 367 16.80 23.70 -39.18
C GLN A 367 15.39 24.02 -38.70
N LEU A 368 15.00 23.53 -37.53
CA LEU A 368 13.69 23.81 -36.96
C LEU A 368 13.67 25.08 -36.12
N GLN A 369 14.84 25.59 -35.72
CA GLN A 369 14.87 26.75 -34.83
C GLN A 369 14.15 27.96 -35.42
N PRO A 370 14.24 28.25 -36.72
CA PRO A 370 13.48 29.40 -37.26
C PRO A 370 12.00 29.38 -36.95
N LEU A 371 11.41 28.21 -36.71
CA LEU A 371 9.99 28.14 -36.40
C LEU A 371 9.67 28.88 -35.10
N VAL A 372 10.59 28.86 -34.14
CA VAL A 372 10.37 29.60 -32.90
C VAL A 372 10.18 31.08 -33.21
N GLU A 373 11.06 31.64 -34.04
CA GLU A 373 10.91 33.04 -34.44
C GLU A 373 9.64 33.25 -35.27
N ARG A 374 9.34 32.33 -36.19
CA ARG A 374 8.30 32.58 -37.17
C ARG A 374 6.89 32.45 -36.61
N TYR A 375 6.67 31.63 -35.58
CA TYR A 375 5.33 31.32 -35.11
C TYR A 375 5.21 31.50 -33.61
N ALA A 376 4.23 32.30 -33.18
CA ALA A 376 4.06 32.60 -31.77
C ALA A 376 3.72 31.34 -30.97
N VAL A 377 3.07 30.36 -31.61
CA VAL A 377 2.65 29.19 -30.85
C VAL A 377 3.81 28.23 -30.57
N VAL A 378 4.91 28.33 -31.30
CA VAL A 378 6.07 27.45 -31.11
C VAL A 378 6.92 28.06 -29.99
N GLY A 379 6.80 27.50 -28.79
CA GLY A 379 7.57 28.01 -27.66
C GLY A 379 9.06 27.71 -27.79
N GLU A 380 9.40 26.45 -28.02
CA GLU A 380 10.78 26.08 -28.29
C GLU A 380 10.83 24.76 -29.05
N VAL A 381 12.01 24.47 -29.59
CA VAL A 381 12.28 23.19 -30.22
C VAL A 381 13.53 22.61 -29.57
N ARG A 382 13.39 21.42 -29.00
CA ARG A 382 14.46 20.77 -28.26
C ARG A 382 14.61 19.34 -28.77
N GLY A 383 15.79 18.77 -28.55
CA GLY A 383 16.04 17.41 -28.99
C GLY A 383 17.48 17.02 -28.77
N LYS A 384 17.73 15.74 -28.99
CA LYS A 384 19.07 15.16 -28.96
C LYS A 384 19.04 13.96 -29.88
N GLY A 385 19.95 13.92 -30.85
CA GLY A 385 19.83 12.89 -31.87
C GLY A 385 18.51 13.06 -32.61
N LEU A 386 17.85 11.94 -32.90
CA LEU A 386 16.59 11.96 -33.64
C LEU A 386 15.39 11.76 -32.72
N MET A 387 15.40 12.40 -31.55
CA MET A 387 14.17 12.61 -30.79
C MET A 387 14.06 14.12 -30.53
N ILE A 388 12.99 14.71 -31.03
CA ILE A 388 12.81 16.16 -31.02
C ILE A 388 11.36 16.47 -30.67
N ALA A 389 11.15 17.56 -29.94
CA ALA A 389 9.83 18.02 -29.56
C ALA A 389 9.67 19.50 -29.85
N LEU A 390 8.52 19.87 -30.40
CA LEU A 390 8.11 21.26 -30.53
C LEU A 390 7.11 21.53 -29.41
N ASP A 391 7.46 22.43 -28.50
CA ASP A 391 6.65 22.72 -27.33
C ASP A 391 5.73 23.90 -27.65
N LEU A 392 4.43 23.64 -27.79
CA LEU A 392 3.47 24.63 -28.25
C LEU A 392 2.84 25.36 -27.07
N VAL A 393 2.81 26.70 -27.14
CA VAL A 393 2.35 27.50 -26.02
C VAL A 393 1.38 28.59 -26.48
N SER A 394 0.54 29.01 -25.55
CA SER A 394 -0.31 30.18 -25.74
C SER A 394 0.36 31.47 -25.28
N ASP A 395 1.40 31.37 -24.45
CA ASP A 395 2.06 32.53 -23.85
C ASP A 395 3.51 32.17 -23.62
N LYS A 396 4.43 32.85 -24.32
CA LYS A 396 5.84 32.51 -24.22
C LYS A 396 6.49 33.05 -22.95
N ARG A 397 5.92 34.10 -22.35
CA ARG A 397 6.44 34.61 -21.08
C ARG A 397 6.32 33.56 -19.99
N THR A 398 5.13 32.98 -19.83
CA THR A 398 4.91 31.92 -18.85
C THR A 398 5.04 30.52 -19.44
N ARG A 399 5.19 30.39 -20.76
CA ARG A 399 5.25 29.06 -21.37
C ARG A 399 3.96 28.29 -21.14
N GLN A 400 2.84 29.00 -21.13
CA GLN A 400 1.56 28.35 -20.91
C GLN A 400 1.31 27.35 -22.04
N PRO A 401 1.24 26.06 -21.75
CA PRO A 401 1.00 25.09 -22.82
C PRO A 401 -0.39 25.23 -23.41
N LEU A 402 -0.49 25.08 -24.72
CA LEU A 402 -1.80 24.89 -25.32
C LEU A 402 -2.50 23.73 -24.65
N ASP A 403 -3.82 23.81 -24.56
CA ASP A 403 -4.56 22.69 -23.99
C ASP A 403 -4.90 21.72 -25.11
N PRO A 404 -4.44 20.47 -25.07
CA PRO A 404 -4.72 19.55 -26.18
C PRO A 404 -6.20 19.33 -26.41
N ALA A 405 -7.03 19.42 -25.36
CA ALA A 405 -8.46 19.19 -25.51
C ALA A 405 -9.12 20.25 -26.38
N ALA A 406 -8.47 21.41 -26.57
CA ALA A 406 -8.96 22.38 -27.53
C ALA A 406 -8.61 21.99 -28.97
N GLY A 407 -7.62 21.11 -29.16
CA GLY A 407 -7.40 20.47 -30.45
C GLY A 407 -6.41 21.12 -31.38
N GLN A 408 -5.72 22.18 -30.97
CA GLN A 408 -4.82 22.82 -31.91
C GLN A 408 -3.62 21.92 -32.22
N PRO A 409 -3.04 21.24 -31.22
CA PRO A 409 -1.95 20.32 -31.55
C PRO A 409 -2.35 19.26 -32.55
N SER A 410 -3.57 18.72 -32.43
CA SER A 410 -4.03 17.72 -33.38
C SER A 410 -4.26 18.34 -34.76
N ARG A 411 -4.78 19.56 -34.83
CA ARG A 411 -4.99 20.20 -36.12
C ARG A 411 -3.66 20.46 -36.82
N ILE A 412 -2.65 20.89 -36.05
CA ILE A 412 -1.31 21.04 -36.61
C ILE A 412 -0.80 19.70 -37.14
N ALA A 413 -0.95 18.65 -36.34
CA ALA A 413 -0.52 17.32 -36.75
C ALA A 413 -1.21 16.88 -38.03
N ASP A 414 -2.53 17.08 -38.10
CA ASP A 414 -3.29 16.72 -39.29
C ASP A 414 -2.73 17.41 -40.52
N GLU A 415 -2.44 18.71 -40.41
CA GLU A 415 -1.94 19.43 -41.58
C GLU A 415 -0.55 18.94 -41.97
N ALA A 416 0.26 18.56 -40.99
CA ALA A 416 1.56 17.96 -41.29
C ALA A 416 1.38 16.67 -42.09
N ARG A 417 0.38 15.88 -41.74
CA ARG A 417 0.09 14.66 -42.49
C ARG A 417 -0.26 14.97 -43.93
N ARG A 418 -1.12 15.98 -44.16
CA ARG A 418 -1.47 16.36 -45.52
C ARG A 418 -0.25 16.79 -46.30
N ALA A 419 0.74 17.38 -45.62
CA ALA A 419 1.98 17.78 -46.26
C ALA A 419 2.95 16.62 -46.43
N GLY A 420 2.60 15.43 -45.96
CA GLY A 420 3.37 14.23 -46.24
C GLY A 420 4.22 13.70 -45.11
N VAL A 421 3.99 14.11 -43.87
CA VAL A 421 4.79 13.66 -42.73
C VAL A 421 3.85 13.40 -41.56
N LEU A 422 3.93 12.19 -41.00
CA LEU A 422 3.14 11.84 -39.83
C LEU A 422 3.94 12.18 -38.58
N VAL A 423 3.37 13.02 -37.72
CA VAL A 423 3.97 13.39 -36.44
C VAL A 423 2.94 13.13 -35.35
N ARG A 424 3.42 13.06 -34.11
CA ARG A 424 2.59 12.65 -32.97
C ARG A 424 2.38 13.82 -32.03
N PRO A 425 1.14 14.27 -31.81
CA PRO A 425 0.86 15.24 -30.75
C PRO A 425 0.65 14.52 -29.42
N ILE A 426 1.47 14.87 -28.43
CA ILE A 426 1.33 14.40 -27.05
C ILE A 426 1.13 15.62 -26.18
N GLY A 427 -0.06 15.77 -25.62
CA GLY A 427 -0.35 16.99 -24.88
C GLY A 427 -0.18 18.18 -25.79
N ASN A 428 0.63 19.14 -25.35
CA ASN A 428 0.89 20.36 -26.10
C ASN A 428 2.13 20.27 -26.98
N LYS A 429 2.67 19.07 -27.19
CA LYS A 429 3.95 18.91 -27.88
C LYS A 429 3.77 18.09 -29.15
N ILE A 430 4.49 18.47 -30.21
CA ILE A 430 4.62 17.66 -31.40
C ILE A 430 5.94 16.91 -31.31
N ILE A 431 5.87 15.58 -31.36
CA ILE A 431 7.03 14.72 -31.16
C ILE A 431 7.52 14.19 -32.50
N LEU A 432 8.82 14.31 -32.73
CA LEU A 432 9.48 13.72 -33.89
C LEU A 432 10.41 12.61 -33.43
N SER A 433 10.24 11.40 -33.99
CA SER A 433 11.08 10.27 -33.61
C SER A 433 11.20 9.32 -34.79
N PRO A 434 11.76 9.76 -35.91
CA PRO A 434 11.75 8.95 -37.13
C PRO A 434 12.81 7.86 -37.08
N PRO A 435 12.83 6.98 -38.09
CA PRO A 435 13.89 5.96 -38.17
C PRO A 435 15.27 6.62 -38.16
N LEU A 436 16.23 5.91 -37.60
CA LEU A 436 17.59 6.42 -37.48
C LEU A 436 18.36 6.38 -38.80
N THR A 437 17.77 5.81 -39.85
CA THR A 437 18.32 5.88 -41.20
C THR A 437 17.98 7.18 -41.91
N LEU A 438 17.34 8.11 -41.21
CA LEU A 438 16.89 9.36 -41.80
C LEU A 438 18.03 10.04 -42.53
N THR A 439 17.74 10.52 -43.75
CA THR A 439 18.70 11.24 -44.56
C THR A 439 18.45 12.74 -44.47
N ARG A 440 19.42 13.52 -44.95
CA ARG A 440 19.29 14.97 -44.87
C ARG A 440 18.04 15.43 -45.59
N ASP A 441 17.72 14.81 -46.74
CA ASP A 441 16.52 15.17 -47.48
CA ASP A 441 16.53 15.20 -47.47
C ASP A 441 15.27 14.96 -46.64
N GLU A 442 15.20 13.82 -45.94
CA GLU A 442 14.01 13.51 -45.17
C GLU A 442 13.87 14.45 -43.97
N ALA A 443 14.99 14.81 -43.35
CA ALA A 443 14.95 15.82 -42.30
C ALA A 443 14.38 17.12 -42.82
N GLY A 444 14.84 17.55 -44.00
CA GLY A 444 14.28 18.75 -44.61
C GLY A 444 12.79 18.62 -44.88
N LEU A 445 12.35 17.43 -45.30
CA LEU A 445 10.94 17.21 -45.52
C LEU A 445 10.14 17.40 -44.24
N MET A 446 10.70 16.95 -43.11
CA MET A 446 10.02 17.14 -41.84
C MET A 446 9.92 18.61 -41.48
N VAL A 447 10.98 19.38 -41.75
CA VAL A 447 10.94 20.82 -41.49
C VAL A 447 9.87 21.48 -42.36
N SER A 448 9.84 21.11 -43.64
CA SER A 448 8.89 21.70 -44.57
C SER A 448 7.45 21.39 -44.19
N ALA A 449 7.16 20.12 -43.91
CA ALA A 449 5.79 19.76 -43.55
C ALA A 449 5.34 20.53 -42.32
N LEU A 450 6.25 20.71 -41.35
CA LEU A 450 5.89 21.45 -40.15
C LEU A 450 5.67 22.92 -40.44
N GLU A 451 6.52 23.51 -41.28
CA GLU A 451 6.31 24.90 -41.69
C GLU A 451 4.94 25.06 -42.32
N ALA A 452 4.55 24.12 -43.19
CA ALA A 452 3.24 24.20 -43.82
C ALA A 452 2.13 24.08 -42.78
N ALA A 453 2.31 23.22 -41.78
CA ALA A 453 1.27 23.00 -40.79
C ALA A 453 1.03 24.26 -39.96
N PHE A 454 2.11 24.87 -39.47
CA PHE A 454 1.95 26.06 -38.64
C PHE A 454 1.42 27.24 -39.44
N ALA A 455 1.84 27.36 -40.70
CA ALA A 455 1.36 28.44 -41.55
C ALA A 455 -0.17 28.47 -41.62
N ARG A 456 -0.82 27.30 -41.62
CA ARG A 456 -2.26 27.27 -41.70
C ARG A 456 -2.93 27.16 -40.34
N CYS A 457 -2.35 26.39 -39.42
CA CYS A 457 -3.02 26.04 -38.16
C CYS A 457 -2.31 26.59 -36.92
N GLY A 458 -1.30 27.43 -37.09
CA GLY A 458 -0.57 27.96 -35.94
C GLY A 458 -1.16 29.24 -35.41
N GLU B 12 -31.79 18.54 32.67
CA GLU B 12 -32.10 19.95 32.90
C GLU B 12 -32.24 20.66 31.56
N LYS B 13 -31.20 20.54 30.73
CA LYS B 13 -31.24 21.03 29.37
C LYS B 13 -30.71 20.01 28.37
N TYR B 14 -30.29 18.83 28.83
CA TYR B 14 -29.70 17.83 27.97
C TYR B 14 -30.73 16.95 27.28
N LYS B 15 -32.00 17.04 27.68
CA LYS B 15 -33.04 16.22 27.08
C LYS B 15 -33.38 16.72 25.67
N ASN B 16 -33.33 18.04 25.46
CA ASN B 16 -33.90 18.65 24.25
C ASN B 16 -32.89 19.44 23.41
N ALA B 17 -31.68 19.65 23.89
CA ALA B 17 -30.74 20.47 23.14
C ALA B 17 -30.20 19.71 21.94
N GLU B 18 -29.76 20.47 20.93
CA GLU B 18 -29.11 19.86 19.77
C GLU B 18 -27.78 19.26 20.19
N LYS B 19 -27.49 18.07 19.68
CA LYS B 19 -26.29 17.34 20.03
C LYS B 19 -25.15 17.80 19.13
N LYS B 20 -24.09 18.36 19.73
CA LYS B 20 -22.97 18.89 18.97
C LYS B 20 -21.77 17.94 18.94
N PHE B 21 -21.92 16.73 19.47
CA PHE B 21 -20.90 15.70 19.40
C PHE B 21 -21.48 14.48 18.70
N TRP B 22 -20.58 13.60 18.26
CA TRP B 22 -20.97 12.35 17.60
C TRP B 22 -20.74 11.16 18.52
N HIS B 23 -21.69 10.24 18.57
CA HIS B 23 -21.51 8.99 19.30
C HIS B 23 -20.66 8.03 18.49
N PRO B 24 -19.56 7.51 19.02
CA PRO B 24 -18.85 6.45 18.31
C PRO B 24 -19.71 5.19 18.18
N MET B 25 -19.56 4.52 17.04
CA MET B 25 -20.19 3.22 16.81
C MET B 25 -21.71 3.35 16.68
N GLY B 26 -22.19 4.45 16.13
CA GLY B 26 -23.62 4.65 15.99
C GLY B 26 -23.96 5.44 14.75
N SER B 27 -25.23 5.37 14.38
CA SER B 27 -25.73 6.16 13.26
C SER B 27 -25.74 7.64 13.63
N SER B 28 -25.22 8.47 12.74
CA SER B 28 -25.30 9.91 12.89
C SER B 28 -26.57 10.49 12.26
N ALA B 29 -27.39 9.64 11.65
CA ALA B 29 -28.58 10.11 10.96
C ALA B 29 -29.67 10.48 11.96
N ALA B 30 -30.43 11.52 11.62
CA ALA B 30 -31.66 11.82 12.32
C ALA B 30 -32.79 10.94 11.78
N PRO B 31 -33.80 10.64 12.60
CA PRO B 31 -34.00 11.08 13.99
C PRO B 31 -33.26 10.24 15.04
N HIS B 32 -32.61 9.16 14.61
CA HIS B 32 -31.95 8.28 15.57
C HIS B 32 -31.01 9.06 16.47
N ARG B 33 -30.25 10.01 15.89
CA ARG B 33 -29.23 10.72 16.65
C ARG B 33 -29.82 11.62 17.72
N ASP B 34 -31.11 11.96 17.63
CA ASP B 34 -31.73 12.80 18.64
C ASP B 34 -31.88 12.09 19.97
N LYS B 35 -32.01 10.76 19.95
CA LYS B 35 -32.26 9.98 21.16
C LYS B 35 -30.98 9.87 21.98
N THR B 36 -31.12 9.99 23.30
CA THR B 36 -29.96 9.85 24.17
C THR B 36 -30.36 9.32 25.53
N LEU B 37 -29.55 8.41 26.05
CA LEU B 37 -29.53 8.07 27.46
C LEU B 37 -28.38 8.83 28.12
N VAL B 38 -28.71 9.80 28.96
CA VAL B 38 -27.72 10.67 29.58
C VAL B 38 -27.46 10.19 30.99
N ILE B 39 -26.25 9.69 31.23
CA ILE B 39 -25.84 9.22 32.55
C ILE B 39 -25.21 10.39 33.30
N ALA B 40 -25.72 10.65 34.51
CA ALA B 40 -25.28 11.80 35.29
C ALA B 40 -24.32 11.43 36.41
N ARG B 41 -24.49 10.28 37.06
CA ARG B 41 -23.58 9.90 38.13
C ARG B 41 -23.41 8.39 38.17
N GLY B 42 -22.31 7.97 38.78
CA GLY B 42 -22.01 6.57 38.96
C GLY B 42 -21.50 6.34 40.37
N ASP B 43 -21.97 5.27 41.01
CA ASP B 43 -21.56 4.94 42.37
C ASP B 43 -21.57 3.42 42.50
N GLY B 44 -20.44 2.86 42.90
CA GLY B 44 -20.34 1.42 42.95
C GLY B 44 -20.60 0.83 41.58
N ASN B 45 -21.56 -0.09 41.52
CA ASN B 45 -21.92 -0.76 40.28
C ASN B 45 -23.24 -0.25 39.72
N TYR B 46 -23.71 0.91 40.20
CA TYR B 46 -24.95 1.51 39.73
C TYR B 46 -24.67 2.87 39.09
N ILE B 47 -25.47 3.20 38.08
CA ILE B 47 -25.41 4.49 37.42
C ILE B 47 -26.81 5.08 37.38
N THR B 48 -26.88 6.41 37.32
CA THR B 48 -28.14 7.14 37.40
C THR B 48 -28.22 8.14 36.26
N ASP B 49 -29.33 8.12 35.53
CA ASP B 49 -29.50 9.03 34.40
C ASP B 49 -30.10 10.36 34.88
N ILE B 50 -30.22 11.32 33.96
CA ILE B 50 -30.64 12.66 34.34
C ILE B 50 -32.08 12.71 34.81
N ASP B 51 -32.86 11.67 34.55
CA ASP B 51 -34.22 11.56 35.03
C ASP B 51 -34.29 10.89 36.41
N GLY B 52 -33.15 10.57 37.01
CA GLY B 52 -33.12 9.90 38.29
C GLY B 52 -33.26 8.40 38.23
N GLN B 53 -33.42 7.81 37.04
CA GLN B 53 -33.56 6.37 36.95
C GLN B 53 -32.22 5.70 37.18
N ARG B 54 -32.18 4.78 38.13
CA ARG B 54 -30.97 4.06 38.49
C ARG B 54 -30.96 2.70 37.82
N MET B 55 -29.76 2.26 37.43
CA MET B 55 -29.61 0.96 36.80
C MET B 55 -28.25 0.39 37.11
N LEU B 56 -28.20 -0.92 37.28
CA LEU B 56 -26.94 -1.62 37.39
C LEU B 56 -26.13 -1.42 36.11
N ASP B 57 -24.83 -1.18 36.26
CA ASP B 57 -23.94 -0.93 35.13
C ASP B 57 -23.48 -2.27 34.56
N GLY B 58 -24.38 -2.91 33.81
CA GLY B 58 -24.10 -4.21 33.22
C GLY B 58 -23.03 -4.19 32.14
N VAL B 59 -22.64 -3.01 31.68
CA VAL B 59 -21.59 -2.88 30.68
C VAL B 59 -20.28 -2.38 31.28
N GLY B 60 -20.26 -2.06 32.57
CA GLY B 60 -19.04 -1.61 33.22
C GLY B 60 -18.42 -0.40 32.57
N GLY B 61 -19.25 0.56 32.17
CA GLY B 61 -18.77 1.67 31.35
C GLY B 61 -18.58 1.20 29.93
N LEU B 62 -17.37 0.72 29.62
CA LEU B 62 -17.08 0.07 28.35
C LEU B 62 -16.02 -0.98 28.66
N TRP B 63 -16.46 -2.07 29.29
CA TRP B 63 -15.60 -3.10 29.87
C TRP B 63 -14.41 -2.54 30.63
N ASN B 64 -14.53 -1.40 31.32
CA ASN B 64 -13.35 -0.79 31.93
C ASN B 64 -13.52 -0.31 33.36
N VAL B 65 -14.72 -0.01 33.83
CA VAL B 65 -14.87 0.44 35.22
C VAL B 65 -14.87 -0.79 36.13
N ASN B 66 -13.71 -1.45 36.24
CA ASN B 66 -13.65 -2.80 36.77
C ASN B 66 -13.72 -2.87 38.29
N ILE B 67 -13.45 -1.77 38.99
CA ILE B 67 -13.50 -1.72 40.45
C ILE B 67 -14.74 -0.98 40.95
N GLY B 68 -15.65 -0.61 40.06
CA GLY B 68 -16.80 0.18 40.43
C GLY B 68 -16.54 1.66 40.34
N HIS B 69 -17.61 2.43 40.36
CA HIS B 69 -17.52 3.87 40.27
C HIS B 69 -17.25 4.50 41.63
N ASN B 70 -16.46 5.56 41.64
CA ASN B 70 -16.40 6.48 42.77
C ASN B 70 -15.70 5.84 43.98
N ARG B 71 -14.56 5.20 43.72
CA ARG B 71 -13.73 4.64 44.79
C ARG B 71 -12.93 5.76 45.45
N ALA B 72 -13.12 5.94 46.75
CA ALA B 72 -12.46 7.03 47.46
C ALA B 72 -10.94 6.96 47.30
N SER B 73 -10.35 5.77 47.44
CA SER B 73 -8.90 5.68 47.43
C SER B 73 -8.32 6.13 46.09
N VAL B 74 -9.04 5.88 45.00
CA VAL B 74 -8.54 6.33 43.70
C VAL B 74 -8.68 7.84 43.57
N LYS B 75 -9.84 8.38 43.97
CA LYS B 75 -10.01 9.83 43.96
C LYS B 75 -8.94 10.51 44.80
N ALA B 76 -8.61 9.93 45.96
CA ALA B 76 -7.58 10.53 46.81
C ALA B 76 -6.21 10.49 46.13
N ALA B 77 -5.89 9.38 45.47
CA ALA B 77 -4.60 9.26 44.78
C ALA B 77 -4.48 10.31 43.68
N ILE B 78 -5.56 10.52 42.94
CA ILE B 78 -5.57 11.52 41.87
C ILE B 78 -5.35 12.91 42.46
N ALA B 79 -6.13 13.27 43.48
CA ALA B 79 -6.01 14.61 44.07
C ALA B 79 -4.61 14.86 44.59
N ALA B 80 -4.00 13.84 45.20
CA ALA B 80 -2.65 14.01 45.76
C ALA B 80 -1.64 14.29 44.65
N GLN B 81 -1.77 13.59 43.52
CA GLN B 81 -0.83 13.80 42.43
C GLN B 81 -1.05 15.15 41.76
N LEU B 82 -2.30 15.59 41.66
CA LEU B 82 -2.58 16.92 41.12
C LEU B 82 -1.91 17.99 41.95
N ASP B 83 -1.88 17.81 43.28
CA ASP B 83 -1.23 18.80 44.14
C ASP B 83 0.29 18.79 43.96
N GLU B 84 0.86 17.65 43.59
CA GLU B 84 2.31 17.55 43.46
C GLU B 84 2.77 17.85 42.03
N LEU B 85 2.25 17.11 41.05
CA LEU B 85 2.65 17.31 39.65
C LEU B 85 1.58 16.65 38.79
N ALA B 86 0.64 17.44 38.29
CA ALA B 86 -0.39 16.91 37.41
C ALA B 86 0.24 16.29 36.18
N TYR B 87 1.15 17.01 35.52
CA TYR B 87 1.73 16.53 34.28
C TYR B 87 3.15 17.03 34.11
N TYR B 88 4.03 16.13 33.66
CA TYR B 88 5.21 16.53 32.95
C TYR B 88 5.59 15.42 31.98
N GLN B 89 6.38 15.79 30.96
CA GLN B 89 6.70 14.89 29.87
C GLN B 89 7.68 13.81 30.33
N THR B 90 7.81 12.78 29.50
CA THR B 90 8.78 11.70 29.71
C THR B 90 9.65 11.49 28.49
N PHE B 91 9.75 12.48 27.62
CA PHE B 91 10.55 12.33 26.41
C PHE B 91 12.05 12.36 26.74
N ASP B 92 12.85 11.93 25.76
CA ASP B 92 14.30 11.78 25.85
C ASP B 92 14.95 12.37 27.10
N GLY B 93 15.26 11.52 28.07
CA GLY B 93 16.05 11.92 29.22
C GLY B 93 15.30 12.57 30.36
N ILE B 94 14.00 12.79 30.21
CA ILE B 94 13.19 13.45 31.25
C ILE B 94 12.13 12.48 31.73
N ALA B 95 11.82 12.53 33.01
CA ALA B 95 10.77 11.68 33.57
C ALA B 95 10.31 12.26 34.91
N HIS B 96 9.58 11.45 35.66
CA HIS B 96 9.01 11.88 36.94
C HIS B 96 8.74 10.63 37.76
N PRO B 97 8.50 10.78 39.07
CA PRO B 97 8.42 9.59 39.94
C PRO B 97 7.34 8.60 39.54
N ARG B 98 6.13 9.05 39.19
CA ARG B 98 5.02 8.12 39.00
C ARG B 98 5.26 7.16 37.84
N VAL B 99 5.93 7.60 36.78
CA VAL B 99 6.15 6.69 35.66
C VAL B 99 7.15 5.60 36.05
N PHE B 100 8.17 5.97 36.85
CA PHE B 100 9.03 4.96 37.46
C PHE B 100 8.21 3.98 38.26
N ASP B 101 7.36 4.49 39.15
CA ASP B 101 6.59 3.64 40.06
C ASP B 101 5.75 2.65 39.27
N LEU B 102 5.02 3.13 38.26
CA LEU B 102 4.10 2.24 37.56
C LEU B 102 4.84 1.27 36.65
N ALA B 103 5.91 1.72 36.00
CA ALA B 103 6.69 0.81 35.17
C ALA B 103 7.24 -0.33 36.00
N GLU B 104 7.79 -0.02 37.18
CA GLU B 104 8.26 -1.06 38.09
C GLU B 104 7.10 -1.99 38.48
N ARG B 105 5.97 -1.40 38.85
CA ARG B 105 4.80 -2.20 39.25
C ARG B 105 4.38 -3.17 38.16
N LEU B 106 4.23 -2.67 36.92
CA LEU B 106 3.72 -3.52 35.85
C LEU B 106 4.72 -4.62 35.50
N THR B 107 6.00 -4.26 35.32
CA THR B 107 7.01 -5.28 35.04
C THR B 107 7.09 -6.28 36.19
N GLY B 108 6.79 -5.86 37.41
CA GLY B 108 6.73 -6.79 38.51
C GLY B 108 5.51 -7.72 38.41
N MET B 109 4.34 -7.13 38.14
CA MET B 109 3.13 -7.95 38.01
C MET B 109 3.27 -8.98 36.89
N PHE B 110 3.99 -8.65 35.84
CA PHE B 110 4.12 -9.51 34.67
C PHE B 110 5.53 -10.05 34.52
N ALA B 111 6.19 -10.30 35.65
CA ALA B 111 7.51 -10.93 35.62
C ALA B 111 7.43 -12.33 35.04
N GLN B 112 6.33 -13.05 35.31
CA GLN B 112 6.17 -14.40 34.77
C GLN B 112 6.34 -14.42 33.26
N GLU B 113 5.85 -13.38 32.59
CA GLU B 113 5.95 -13.24 31.14
C GLU B 113 7.24 -12.55 30.71
N ARG B 114 8.15 -12.28 31.65
CA ARG B 114 9.47 -11.72 31.33
C ARG B 114 9.35 -10.37 30.64
N MET B 115 8.43 -9.54 31.12
CA MET B 115 8.25 -8.21 30.58
C MET B 115 9.30 -7.28 31.16
N ALA B 116 9.95 -6.51 30.28
CA ALA B 116 11.15 -5.75 30.63
C ALA B 116 10.98 -4.25 30.47
N ARG B 117 10.21 -3.80 29.48
CA ARG B 117 10.07 -2.37 29.21
C ARG B 117 8.61 -2.06 28.93
N VAL B 118 8.19 -0.86 29.31
CA VAL B 118 6.84 -0.39 29.05
C VAL B 118 6.88 0.91 28.26
N LEU B 119 5.94 1.03 27.33
CA LEU B 119 5.66 2.26 26.60
C LEU B 119 4.24 2.68 26.90
N PHE B 120 4.09 3.76 27.66
CA PHE B 120 2.77 4.16 28.11
C PHE B 120 2.08 4.99 27.02
N SER B 121 0.75 5.04 27.13
CA SER B 121 -0.08 5.80 26.23
C SER B 121 -1.37 6.14 26.96
N SER B 122 -2.44 6.41 26.21
CA SER B 122 -3.68 6.88 26.79
C SER B 122 -4.89 6.00 26.49
N GLY B 123 -4.72 4.87 25.83
CA GLY B 123 -5.85 4.00 25.56
C GLY B 123 -5.43 2.74 24.86
N GLY B 124 -6.44 1.91 24.54
CA GLY B 124 -6.17 0.63 23.92
C GLY B 124 -5.75 0.74 22.47
N SER B 125 -6.38 1.63 21.72
CA SER B 125 -5.94 1.86 20.35
C SER B 125 -4.49 2.34 20.32
N ASP B 126 -4.12 3.23 21.25
CA ASP B 126 -2.72 3.63 21.39
C ASP B 126 -1.83 2.41 21.67
N ALA B 127 -2.23 1.59 22.64
CA ALA B 127 -1.41 0.46 23.03
C ALA B 127 -1.21 -0.49 21.87
N VAL B 128 -2.26 -0.70 21.06
CA VAL B 128 -2.15 -1.55 19.88
C VAL B 128 -1.24 -0.91 18.85
N GLU B 129 -1.52 0.35 18.48
CA GLU B 129 -0.69 1.04 17.50
C GLU B 129 0.78 0.95 17.90
N THR B 130 1.04 1.13 19.19
CA THR B 130 2.39 1.04 19.70
C THR B 130 3.00 -0.33 19.48
N ALA B 131 2.24 -1.38 19.75
CA ALA B 131 2.75 -2.73 19.57
C ALA B 131 3.13 -2.96 18.12
N LEU B 132 2.27 -2.54 17.19
CA LEU B 132 2.53 -2.76 15.78
C LEU B 132 3.78 -2.03 15.34
N LYS B 133 3.88 -0.74 15.68
CA LYS B 133 5.03 0.04 15.24
C LYS B 133 6.32 -0.48 15.86
N MET B 134 6.29 -0.80 17.17
CA MET B 134 7.51 -1.24 17.84
C MET B 134 7.89 -2.66 17.47
N ALA B 135 6.91 -3.48 17.10
CA ALA B 135 7.24 -4.80 16.56
C ALA B 135 8.12 -4.68 15.34
N ARG B 136 7.75 -3.78 14.41
CA ARG B 136 8.58 -3.55 13.25
C ARG B 136 9.97 -3.06 13.64
N GLN B 137 10.05 -2.15 14.61
CA GLN B 137 11.36 -1.65 15.02
C GLN B 137 12.20 -2.75 15.65
N TYR B 138 11.56 -3.66 16.38
CA TYR B 138 12.31 -4.80 16.91
C TYR B 138 13.03 -5.53 15.80
N TRP B 139 12.34 -5.78 14.68
CA TRP B 139 12.94 -6.59 13.63
C TRP B 139 14.02 -5.81 12.88
N ILE B 140 13.82 -4.51 12.71
CA ILE B 140 14.86 -3.67 12.11
C ILE B 140 16.09 -3.66 13.00
N ALA B 141 15.90 -3.44 14.30
CA ALA B 141 17.01 -3.49 15.25
C ALA B 141 17.69 -4.85 15.26
N SER B 142 16.95 -5.92 14.98
CA SER B 142 17.50 -7.26 14.98
C SER B 142 18.19 -7.61 13.67
N GLY B 143 18.20 -6.71 12.69
CA GLY B 143 18.81 -6.99 11.40
C GLY B 143 17.91 -7.72 10.45
N GLU B 144 16.59 -7.70 10.68
CA GLU B 144 15.62 -8.39 9.83
C GLU B 144 14.53 -7.43 9.38
N PRO B 145 14.89 -6.39 8.63
CA PRO B 145 13.88 -5.40 8.22
C PRO B 145 12.84 -5.93 7.22
N GLY B 146 12.98 -7.18 6.74
CA GLY B 146 11.94 -7.78 5.93
C GLY B 146 10.73 -8.26 6.72
N ARG B 147 10.89 -8.44 8.02
CA ARG B 147 9.80 -8.87 8.90
C ARG B 147 8.88 -7.68 9.15
N THR B 148 7.81 -7.57 8.36
CA THR B 148 6.93 -6.40 8.43
C THR B 148 5.45 -6.70 8.42
N ARG B 149 5.00 -7.87 7.94
CA ARG B 149 3.58 -8.15 7.81
C ARG B 149 2.97 -8.51 9.17
N PHE B 150 1.66 -8.30 9.28
CA PHE B 150 0.91 -8.57 10.50
C PHE B 150 -0.19 -9.60 10.24
N LEU B 151 -0.38 -10.49 11.21
CA LEU B 151 -1.47 -11.45 11.19
C LEU B 151 -2.44 -11.14 12.33
N SER B 152 -3.72 -11.41 12.10
CA SER B 152 -4.74 -11.20 13.12
C SER B 152 -5.93 -12.10 12.80
N LEU B 153 -6.95 -12.05 13.67
CA LEU B 153 -8.07 -12.97 13.60
C LEU B 153 -9.35 -12.27 13.14
N ARG B 154 -10.13 -12.97 12.33
CA ARG B 154 -11.49 -12.54 12.06
C ARG B 154 -12.21 -12.29 13.39
N ASN B 155 -13.08 -11.28 13.39
CA ASN B 155 -13.81 -10.81 14.56
C ASN B 155 -12.91 -10.19 15.63
N GLY B 156 -11.61 -10.11 15.40
CA GLY B 156 -10.75 -9.41 16.34
C GLY B 156 -10.98 -7.92 16.29
N TYR B 157 -10.87 -7.28 17.45
CA TYR B 157 -11.02 -5.83 17.56
C TYR B 157 -9.80 -5.28 18.28
N HIS B 158 -9.15 -4.29 17.68
CA HIS B 158 -7.88 -3.78 18.19
C HIS B 158 -7.81 -2.27 18.14
N GLY B 159 -8.95 -1.59 18.33
CA GLY B 159 -8.95 -0.14 18.34
C GLY B 159 -9.22 0.44 16.97
N VAL B 160 -9.09 1.76 16.87
CA VAL B 160 -9.57 2.48 15.70
C VAL B 160 -8.53 3.45 15.13
N HIS B 161 -7.29 3.41 15.61
CA HIS B 161 -6.23 4.04 14.85
C HIS B 161 -6.05 3.27 13.54
N MET B 162 -5.34 3.87 12.59
CA MET B 162 -5.28 3.26 11.27
C MET B 162 -4.58 1.91 11.31
N GLY B 163 -3.56 1.78 12.16
CA GLY B 163 -2.92 0.48 12.34
C GLY B 163 -3.85 -0.54 12.99
N GLY B 164 -4.45 -0.17 14.12
CA GLY B 164 -5.38 -1.08 14.77
C GLY B 164 -6.55 -1.45 13.88
N THR B 165 -7.08 -0.47 13.14
CA THR B 165 -8.18 -0.77 12.22
C THR B 165 -7.75 -1.72 11.12
N SER B 166 -6.52 -1.54 10.62
CA SER B 166 -6.04 -2.37 9.51
C SER B 166 -6.06 -3.85 9.87
N VAL B 167 -5.72 -4.18 11.13
CA VAL B 167 -5.71 -5.57 11.57
C VAL B 167 -7.04 -6.00 12.18
N GLY B 168 -8.05 -5.13 12.19
CA GLY B 168 -9.34 -5.50 12.72
C GLY B 168 -10.05 -6.53 11.85
N GLY B 169 -10.86 -7.36 12.50
CA GLY B 169 -11.52 -8.47 11.83
C GLY B 169 -13.02 -8.36 11.69
N ASN B 170 -13.57 -7.16 11.87
CA ASN B 170 -14.99 -6.90 11.67
C ASN B 170 -15.17 -5.80 10.63
N GLY B 171 -15.96 -6.08 9.60
CA GLY B 171 -16.06 -5.16 8.48
C GLY B 171 -16.64 -3.80 8.82
N VAL B 172 -17.56 -3.76 9.79
CA VAL B 172 -18.27 -2.50 10.04
C VAL B 172 -17.30 -1.37 10.36
N TYR B 173 -16.13 -1.71 10.89
CA TYR B 173 -15.14 -0.70 11.21
C TYR B 173 -14.31 -0.29 10.00
N HIS B 174 -14.46 -0.98 8.87
CA HIS B 174 -13.66 -0.74 7.67
C HIS B 174 -14.41 0.04 6.59
N TYR B 175 -15.72 -0.17 6.47
CA TYR B 175 -16.44 0.19 5.24
C TYR B 175 -16.25 1.66 4.87
N ASN B 176 -16.16 2.54 5.87
CA ASN B 176 -16.24 3.97 5.62
C ASN B 176 -14.89 4.67 5.60
N HIS B 177 -13.78 3.92 5.44
CA HIS B 177 -12.47 4.53 5.63
C HIS B 177 -11.44 4.12 4.58
N GLY B 178 -11.81 3.38 3.54
CA GLY B 178 -10.90 3.13 2.43
C GLY B 178 -9.76 2.19 2.76
N GLN B 179 -8.77 2.19 1.87
CA GLN B 179 -7.62 1.31 2.00
C GLN B 179 -6.71 1.81 3.11
N LEU B 180 -6.34 0.90 4.01
CA LEU B 180 -5.45 1.25 5.09
C LEU B 180 -4.14 0.50 4.93
N LEU B 181 -3.62 -0.08 6.01
CA LEU B 181 -2.28 -0.65 5.97
C LEU B 181 -2.25 -1.91 5.10
N ALA B 182 -1.26 -1.98 4.21
CA ALA B 182 -1.01 -3.19 3.44
C ALA B 182 -0.29 -4.23 4.31
N GLY B 183 -0.26 -5.46 3.81
CA GLY B 183 0.47 -6.51 4.50
C GLY B 183 -0.16 -6.96 5.80
N CYS B 184 -1.47 -6.79 5.94
CA CYS B 184 -2.22 -7.29 7.07
C CYS B 184 -3.12 -8.43 6.60
N HIS B 185 -3.03 -9.57 7.27
CA HIS B 185 -3.66 -10.79 6.80
C HIS B 185 -4.49 -11.39 7.92
N LEU B 186 -5.72 -11.78 7.58
CA LEU B 186 -6.68 -12.25 8.57
C LEU B 186 -6.79 -13.76 8.54
N LEU B 187 -6.85 -14.35 9.73
CA LEU B 187 -7.12 -15.76 9.90
C LEU B 187 -8.51 -15.94 10.48
N ASP B 188 -9.09 -17.11 10.25
CA ASP B 188 -10.38 -17.40 10.85
C ASP B 188 -10.23 -17.61 12.34
N THR B 189 -11.24 -17.26 13.06
CA THR B 189 -11.16 -17.40 14.51
C THR B 189 -11.72 -18.75 14.95
N PRO B 190 -11.12 -19.37 16.02
CA PRO B 190 -11.62 -20.69 16.49
C PRO B 190 -12.93 -20.54 17.26
N TRP B 191 -13.99 -20.28 16.51
CA TRP B 191 -15.31 -19.96 17.05
C TRP B 191 -16.22 -21.16 16.82
N LEU B 192 -16.52 -21.91 17.87
CA LEU B 192 -17.28 -23.16 17.69
C LEU B 192 -18.63 -22.88 17.04
N TYR B 193 -19.28 -21.79 17.43
CA TYR B 193 -20.66 -21.54 17.00
C TYR B 193 -20.73 -21.14 15.52
N ARG B 194 -19.71 -20.48 15.00
CA ARG B 194 -19.69 -20.05 13.59
C ARG B 194 -18.26 -20.16 13.09
N ASN B 195 -17.99 -21.08 12.16
CA ASN B 195 -16.66 -21.17 11.59
C ASN B 195 -16.76 -21.78 10.20
N PRO B 196 -15.75 -21.57 9.34
CA PRO B 196 -15.85 -22.01 7.94
C PRO B 196 -15.95 -23.52 7.76
N TRP B 197 -15.55 -24.31 8.75
CA TRP B 197 -15.59 -25.76 8.64
C TRP B 197 -16.85 -26.37 9.23
N ASP B 198 -17.73 -25.55 9.80
CA ASP B 198 -18.86 -26.06 10.59
C ASP B 198 -18.37 -27.11 11.58
N CYS B 199 -17.17 -26.91 12.09
CA CYS B 199 -16.52 -27.86 12.98
C CYS B 199 -16.94 -27.52 14.40
N ARG B 200 -17.60 -28.48 15.06
CA ARG B 200 -18.10 -28.30 16.43
C ARG B 200 -17.28 -29.06 17.46
N ASP B 201 -16.06 -29.47 17.12
CA ASP B 201 -15.13 -30.10 18.06
C ASP B 201 -14.02 -29.12 18.39
N PRO B 202 -13.88 -28.66 19.65
CA PRO B 202 -12.84 -27.65 19.93
C PRO B 202 -11.44 -28.06 19.51
N GLN B 203 -11.06 -29.31 19.76
CA GLN B 203 -9.71 -29.74 19.40
C GLN B 203 -9.53 -29.77 17.89
N ALA B 204 -10.51 -30.32 17.17
CA ALA B 204 -10.44 -30.33 15.71
C ALA B 204 -10.44 -28.91 15.16
N LEU B 205 -11.23 -28.02 15.76
CA LEU B 205 -11.28 -26.63 15.32
C LEU B 205 -9.93 -25.95 15.50
N THR B 206 -9.31 -26.14 16.66
CA THR B 206 -7.95 -25.66 16.85
C THR B 206 -7.06 -26.17 15.73
N ALA B 207 -7.11 -27.48 15.47
CA ALA B 207 -6.27 -28.07 14.43
C ALA B 207 -6.53 -27.42 13.07
N HIS B 208 -7.80 -27.17 12.75
CA HIS B 208 -8.12 -26.47 11.51
C HIS B 208 -7.46 -25.10 11.45
N CYS B 209 -7.60 -24.32 12.52
CA CYS B 209 -7.09 -22.96 12.53
C CYS B 209 -5.57 -22.95 12.45
N ILE B 210 -4.91 -23.86 13.16
CA ILE B 210 -3.45 -23.89 13.14
C ILE B 210 -2.95 -24.31 11.75
N ARG B 211 -3.62 -25.27 11.11
CA ARG B 211 -3.24 -25.64 9.76
C ARG B 211 -3.36 -24.47 8.82
N GLN B 212 -4.49 -23.75 8.89
CA GLN B 212 -4.64 -22.54 8.09
C GLN B 212 -3.54 -21.54 8.39
N LEU B 213 -3.22 -21.36 9.67
CA LEU B 213 -2.15 -20.43 10.02
C LEU B 213 -0.84 -20.85 9.39
N GLU B 214 -0.48 -22.13 9.51
CA GLU B 214 0.76 -22.61 8.90
C GLU B 214 0.74 -22.38 7.40
N GLU B 215 -0.39 -22.63 6.76
CA GLU B 215 -0.49 -22.44 5.31
C GLU B 215 -0.36 -20.97 4.94
N GLN B 216 -0.93 -20.08 5.76
CA GLN B 216 -0.79 -18.65 5.50
C GLN B 216 0.67 -18.22 5.66
N ILE B 217 1.34 -18.71 6.71
CA ILE B 217 2.74 -18.39 6.92
C ILE B 217 3.58 -18.91 5.75
N ALA B 218 3.35 -20.16 5.35
CA ALA B 218 4.09 -20.72 4.23
C ALA B 218 3.87 -19.88 2.97
N LEU B 219 2.66 -19.37 2.77
CA LEU B 219 2.36 -18.59 1.57
C LEU B 219 3.09 -17.25 1.57
N LEU B 220 3.16 -16.61 2.74
CA LEU B 220 3.81 -15.29 2.82
C LEU B 220 5.31 -15.41 3.00
N GLY B 221 5.79 -16.47 3.63
CA GLY B 221 7.17 -16.56 4.03
C GLY B 221 7.33 -16.01 5.43
N ALA B 222 7.69 -16.88 6.38
CA ALA B 222 7.86 -16.44 7.76
C ALA B 222 8.74 -15.20 7.84
N GLN B 223 9.75 -15.13 6.96
CA GLN B 223 10.72 -14.05 7.02
C GLN B 223 10.14 -12.70 6.65
N THR B 224 8.87 -12.63 6.24
CA THR B 224 8.23 -11.35 5.95
C THR B 224 7.22 -10.94 7.03
N ILE B 225 7.05 -11.74 8.08
CA ILE B 225 5.97 -11.55 9.05
C ILE B 225 6.56 -11.06 10.36
N ALA B 226 6.08 -9.91 10.82
CA ALA B 226 6.59 -9.29 12.03
C ALA B 226 5.93 -9.86 13.28
N ALA B 227 4.60 -9.97 13.28
CA ALA B 227 3.88 -10.26 14.50
C ALA B 227 2.49 -10.77 14.19
N LEU B 228 1.93 -11.48 15.17
CA LEU B 228 0.52 -11.84 15.19
C LEU B 228 -0.11 -11.24 16.43
N ILE B 229 -1.30 -10.67 16.27
CA ILE B 229 -1.98 -10.02 17.39
C ILE B 229 -3.34 -10.69 17.56
N ALA B 230 -3.70 -10.96 18.81
CA ALA B 230 -4.96 -11.63 19.10
C ALA B 230 -5.38 -11.34 20.53
N GLU B 231 -6.69 -11.38 20.77
CA GLU B 231 -7.28 -11.24 22.10
C GLU B 231 -7.44 -12.62 22.72
N PRO B 232 -7.02 -12.82 23.98
CA PRO B 232 -7.24 -14.15 24.61
C PRO B 232 -8.69 -14.55 24.65
N VAL B 233 -9.60 -13.59 24.79
CA VAL B 233 -11.02 -13.76 24.54
C VAL B 233 -11.45 -12.55 23.73
N GLN B 234 -12.02 -12.79 22.55
CA GLN B 234 -12.39 -11.70 21.65
C GLN B 234 -13.62 -10.99 22.17
N GLY B 235 -13.49 -9.71 22.48
CA GLY B 235 -14.54 -8.97 23.15
C GLY B 235 -15.58 -8.41 22.20
N ALA B 236 -15.28 -7.25 21.60
CA ALA B 236 -16.26 -6.58 20.76
C ALA B 236 -16.70 -7.46 19.59
N GLY B 237 -15.88 -8.45 19.20
CA GLY B 237 -16.26 -9.37 18.16
C GLY B 237 -17.34 -10.37 18.57
N GLY B 238 -17.66 -10.46 19.87
CA GLY B 238 -18.78 -11.28 20.32
C GLY B 238 -18.47 -12.21 21.47
N VAL B 239 -17.47 -11.88 22.29
CA VAL B 239 -17.05 -12.73 23.40
C VAL B 239 -16.84 -14.14 22.89
N ILE B 240 -15.85 -14.32 22.02
CA ILE B 240 -15.53 -15.61 21.44
C ILE B 240 -14.44 -16.24 22.29
N VAL B 241 -14.80 -17.29 23.02
CA VAL B 241 -13.86 -17.98 23.90
C VAL B 241 -13.19 -19.09 23.10
N PRO B 242 -11.88 -19.02 22.87
CA PRO B 242 -11.23 -20.05 22.05
C PRO B 242 -11.13 -21.37 22.79
N PRO B 243 -10.96 -22.47 22.06
CA PRO B 243 -10.63 -23.74 22.72
C PRO B 243 -9.42 -23.57 23.63
N ALA B 244 -9.39 -24.39 24.68
CA ALA B 244 -8.33 -24.27 25.68
C ALA B 244 -6.94 -24.44 25.08
N ASP B 245 -6.80 -25.29 24.05
CA ASP B 245 -5.49 -25.58 23.48
C ASP B 245 -5.11 -24.64 22.33
N TYR B 246 -5.94 -23.65 22.01
CA TYR B 246 -5.66 -22.80 20.86
C TYR B 246 -4.49 -21.87 21.12
N TRP B 247 -4.51 -21.17 22.24
CA TRP B 247 -3.46 -20.20 22.52
C TRP B 247 -2.12 -20.89 22.73
N PRO B 248 -2.06 -22.03 23.44
CA PRO B 248 -0.81 -22.78 23.46
C PRO B 248 -0.27 -23.10 22.08
N ARG B 249 -1.16 -23.41 21.13
CA ARG B 249 -0.72 -23.71 19.77
C ARG B 249 -0.39 -22.44 19.00
N LEU B 250 -1.06 -21.32 19.27
CA LEU B 250 -0.64 -20.04 18.70
C LEU B 250 0.81 -19.74 19.08
N ARG B 251 1.13 -19.86 20.36
CA ARG B 251 2.49 -19.65 20.84
C ARG B 251 3.48 -20.61 20.18
N GLU B 252 3.07 -21.87 20.01
CA GLU B 252 3.91 -22.85 19.34
C GLU B 252 4.25 -22.40 17.92
N VAL B 253 3.24 -22.01 17.14
CA VAL B 253 3.48 -21.63 15.76
C VAL B 253 4.36 -20.40 15.68
N CYS B 254 4.09 -19.41 16.53
CA CYS B 254 4.93 -18.22 16.57
C CYS B 254 6.37 -18.58 16.86
N ASP B 255 6.60 -19.46 17.85
CA ASP B 255 7.96 -19.86 18.19
C ASP B 255 8.63 -20.57 17.02
N ARG B 256 7.89 -21.45 16.35
CA ARG B 256 8.41 -22.14 15.17
C ARG B 256 8.96 -21.19 14.11
N HIS B 257 8.35 -20.01 13.96
CA HIS B 257 8.68 -19.12 12.86
C HIS B 257 9.24 -17.78 13.34
N GLY B 258 9.53 -17.64 14.64
CA GLY B 258 10.09 -16.41 15.17
C GLY B 258 9.14 -15.25 15.23
N ILE B 259 7.88 -15.44 14.85
CA ILE B 259 6.92 -14.35 14.81
C ILE B 259 6.59 -13.90 16.23
N LEU B 260 6.52 -12.59 16.43
CA LEU B 260 6.16 -12.06 17.73
C LEU B 260 4.66 -12.26 18.00
N LEU B 261 4.34 -12.69 19.21
CA LEU B 261 2.95 -12.89 19.62
C LEU B 261 2.53 -11.69 20.46
N ILE B 262 1.58 -10.92 19.93
CA ILE B 262 1.02 -9.76 20.63
C ILE B 262 -0.32 -10.17 21.21
N ALA B 263 -0.41 -10.15 22.52
CA ALA B 263 -1.68 -10.41 23.21
C ALA B 263 -2.38 -9.07 23.46
N ASP B 264 -3.51 -8.86 22.81
CA ASP B 264 -4.33 -7.68 23.05
C ASP B 264 -5.13 -7.92 24.33
N GLU B 265 -4.56 -7.49 25.47
CA GLU B 265 -5.18 -7.69 26.77
C GLU B 265 -5.91 -6.45 27.24
N VAL B 266 -6.39 -5.62 26.31
CA VAL B 266 -7.06 -4.37 26.69
C VAL B 266 -8.30 -4.66 27.53
N VAL B 267 -9.04 -5.70 27.16
CA VAL B 267 -10.23 -6.11 27.91
C VAL B 267 -9.90 -7.14 28.97
N THR B 268 -9.12 -8.15 28.62
CA THR B 268 -8.87 -9.25 29.54
C THR B 268 -7.82 -8.90 30.59
N GLY B 269 -6.99 -7.90 30.34
CA GLY B 269 -5.97 -7.53 31.30
C GLY B 269 -6.56 -7.12 32.63
N PHE B 270 -6.01 -7.67 33.71
CA PHE B 270 -6.34 -7.32 35.09
C PHE B 270 -7.64 -7.95 35.59
N GLY B 271 -8.08 -9.06 35.00
CA GLY B 271 -8.93 -10.01 35.69
C GLY B 271 -10.27 -10.36 35.04
N ARG B 272 -10.75 -9.68 34.00
CA ARG B 272 -12.14 -9.88 33.59
C ARG B 272 -12.42 -11.34 33.25
N SER B 273 -11.49 -12.04 32.61
CA SER B 273 -11.70 -13.42 32.20
C SER B 273 -11.32 -14.41 33.28
N GLY B 274 -11.01 -13.95 34.49
CA GLY B 274 -10.68 -14.82 35.59
C GLY B 274 -9.22 -14.92 35.93
N CYS B 275 -8.35 -14.25 35.18
CA CYS B 275 -6.92 -14.28 35.44
C CYS B 275 -6.35 -12.89 35.17
N MET B 276 -5.24 -12.58 35.86
CA MET B 276 -4.62 -11.26 35.70
C MET B 276 -4.29 -10.99 34.24
N LEU B 277 -4.04 -12.03 33.46
CA LEU B 277 -3.92 -11.94 32.01
C LEU B 277 -4.71 -13.08 31.38
N GLY B 278 -5.43 -12.77 30.31
CA GLY B 278 -6.09 -13.83 29.57
C GLY B 278 -5.10 -14.83 29.02
N SER B 279 -3.99 -14.35 28.47
CA SER B 279 -2.98 -15.26 27.94
C SER B 279 -2.42 -16.14 29.03
N ARG B 280 -2.13 -15.57 30.20
CA ARG B 280 -1.68 -16.38 31.33
C ARG B 280 -2.73 -17.40 31.70
N GLY B 281 -4.02 -17.03 31.61
CA GLY B 281 -5.08 -17.98 31.88
C GLY B 281 -5.04 -19.20 30.99
N TRP B 282 -4.54 -19.05 29.76
CA TRP B 282 -4.36 -20.18 28.86
C TRP B 282 -2.99 -20.83 28.99
N GLY B 283 -2.16 -20.34 29.91
CA GLY B 283 -0.84 -20.92 30.09
C GLY B 283 0.18 -20.47 29.07
N VAL B 284 0.09 -19.23 28.58
CA VAL B 284 0.92 -18.74 27.49
C VAL B 284 1.55 -17.42 27.89
N ALA B 285 2.80 -17.22 27.49
CA ALA B 285 3.51 -15.97 27.70
C ALA B 285 3.70 -15.29 26.34
N PRO B 286 3.04 -14.16 26.07
CA PRO B 286 3.29 -13.45 24.82
C PRO B 286 4.60 -12.68 24.88
N ASP B 287 4.99 -12.15 23.71
CA ASP B 287 6.16 -11.28 23.62
C ASP B 287 5.81 -9.82 23.91
N ILE B 288 4.58 -9.41 23.63
CA ILE B 288 4.13 -8.03 23.81
C ILE B 288 2.74 -8.06 24.43
N LEU B 289 2.49 -7.15 25.37
CA LEU B 289 1.18 -7.00 26.01
C LEU B 289 0.61 -5.63 25.70
N CYS B 290 -0.66 -5.58 25.32
CA CYS B 290 -1.39 -4.33 25.15
C CYS B 290 -2.40 -4.18 26.26
N LEU B 291 -2.33 -3.07 27.00
CA LEU B 291 -3.16 -2.86 28.18
C LEU B 291 -3.81 -1.48 28.13
N ALA B 292 -5.04 -1.42 28.62
CA ALA B 292 -5.75 -0.16 28.81
C ALA B 292 -6.97 -0.43 29.68
N LYS B 293 -8.07 0.26 29.37
CA LYS B 293 -9.38 0.06 30.06
C LYS B 293 -9.21 -0.12 31.54
N GLY B 294 -9.10 -1.37 31.99
CA GLY B 294 -9.07 -1.65 33.41
C GLY B 294 -7.83 -1.18 34.17
N ILE B 295 -6.79 -0.76 33.44
CA ILE B 295 -5.54 -0.39 34.10
C ILE B 295 -5.74 0.79 35.03
N THR B 296 -6.66 1.70 34.68
CA THR B 296 -7.07 2.80 35.56
C THR B 296 -8.54 2.71 35.93
N ALA B 297 -9.22 1.64 35.54
CA ALA B 297 -10.64 1.47 35.79
C ALA B 297 -11.44 2.65 35.23
N GLY B 298 -10.92 3.29 34.18
CA GLY B 298 -11.60 4.38 33.51
C GLY B 298 -11.47 5.73 34.18
N TYR B 299 -10.83 5.81 35.35
CA TYR B 299 -10.77 7.08 36.08
C TYR B 299 -9.96 8.12 35.32
N ILE B 300 -8.83 7.72 34.74
CA ILE B 300 -8.00 8.61 33.91
C ILE B 300 -7.55 7.83 32.69
N PRO B 301 -7.60 8.39 31.48
CA PRO B 301 -7.16 7.62 30.31
C PRO B 301 -5.72 7.15 30.48
N LEU B 302 -5.50 5.87 30.22
CA LEU B 302 -4.17 5.31 30.30
C LEU B 302 -4.10 4.03 29.49
N GLY B 303 -3.01 3.88 28.74
CA GLY B 303 -2.71 2.63 28.08
C GLY B 303 -1.25 2.29 28.27
N ALA B 304 -0.92 1.03 28.05
CA ALA B 304 0.44 0.57 28.23
C ALA B 304 0.74 -0.57 27.27
N THR B 305 1.91 -0.52 26.65
CA THR B 305 2.42 -1.61 25.84
C THR B 305 3.71 -2.09 26.47
N LEU B 306 3.75 -3.37 26.83
CA LEU B 306 4.90 -3.96 27.51
C LEU B 306 5.63 -4.91 26.56
N PHE B 307 6.96 -4.92 26.66
CA PHE B 307 7.82 -5.69 25.78
C PHE B 307 8.73 -6.58 26.61
N ASN B 308 8.87 -7.84 26.19
CA ASN B 308 9.66 -8.78 26.98
C ASN B 308 11.16 -8.55 26.77
N GLN B 309 11.95 -9.28 27.54
CA GLN B 309 13.40 -9.08 27.53
C GLN B 309 13.98 -9.29 26.14
N ARG B 310 13.46 -10.28 25.41
CA ARG B 310 13.93 -10.51 24.04
C ARG B 310 13.88 -9.22 23.24
N ILE B 311 12.72 -8.56 23.24
CA ILE B 311 12.52 -7.35 22.45
C ILE B 311 13.34 -6.20 23.03
N ALA B 312 13.26 -6.00 24.34
CA ALA B 312 13.96 -4.89 24.97
C ALA B 312 15.45 -4.94 24.67
N ASP B 313 16.06 -6.13 24.80
CA ASP B 313 17.50 -6.25 24.55
C ASP B 313 17.83 -5.95 23.10
N ALA B 314 17.04 -6.46 22.15
CA ALA B 314 17.34 -6.27 20.74
C ALA B 314 17.32 -4.79 20.38
N ILE B 315 16.29 -4.07 20.82
CA ILE B 315 16.17 -2.66 20.43
C ILE B 315 17.24 -1.82 21.11
N GLU B 316 17.44 -2.02 22.42
CA GLU B 316 18.41 -1.23 23.14
C GLU B 316 19.84 -1.51 22.67
N ASN B 317 20.08 -2.64 22.01
CA ASN B 317 21.38 -2.94 21.44
C ASN B 317 21.39 -2.76 19.93
N GLY B 318 20.36 -2.14 19.37
CA GLY B 318 20.31 -1.94 17.94
C GLY B 318 21.41 -0.99 17.47
N GLN B 319 21.89 -1.24 16.26
CA GLN B 319 22.97 -0.44 15.70
C GLN B 319 22.42 0.83 15.06
N GLY B 320 23.16 1.92 15.20
CA GLY B 320 22.82 3.13 14.47
C GLY B 320 21.47 3.67 14.93
N PHE B 321 20.60 3.92 13.95
CA PHE B 321 19.33 4.56 14.28
C PHE B 321 18.31 3.59 14.85
N SER B 322 18.59 2.28 14.83
CA SER B 322 17.59 1.30 15.21
C SER B 322 17.29 1.30 16.70
N HIS B 323 18.13 1.94 17.53
CA HIS B 323 17.87 2.06 18.95
C HIS B 323 17.19 3.36 19.32
N MET B 324 16.96 4.25 18.35
CA MET B 324 16.21 5.47 18.60
C MET B 324 14.73 5.13 18.57
N ILE B 325 14.05 5.38 19.69
CA ILE B 325 12.62 5.09 19.81
C ILE B 325 11.91 6.42 19.53
N MET B 326 11.60 6.66 18.25
N MET B 326 11.59 6.64 18.27
CA MET B 326 10.95 7.89 17.83
CA MET B 326 10.92 7.87 17.83
C MET B 326 9.43 7.77 17.84
C MET B 326 9.42 7.68 17.80
N HIS B 327 8.88 7.13 18.88
CA HIS B 327 7.44 6.91 19.00
C HIS B 327 7.03 7.17 20.44
N GLY B 328 5.95 7.92 20.61
CA GLY B 328 5.39 8.14 21.92
C GLY B 328 4.49 9.36 21.90
N TYR B 329 3.85 9.59 23.03
CA TYR B 329 2.76 10.56 23.11
C TYR B 329 3.05 11.58 24.21
N THR B 330 2.58 12.80 23.97
CA THR B 330 2.68 13.88 24.94
C THR B 330 2.34 13.36 26.33
N TYR B 331 1.26 12.58 26.41
CA TYR B 331 0.75 12.10 27.68
C TYR B 331 1.25 10.70 28.03
N SER B 332 2.24 10.18 27.31
CA SER B 332 2.90 8.96 27.73
C SER B 332 3.42 9.11 29.15
N GLY B 333 2.94 8.25 30.04
CA GLY B 333 3.41 8.26 31.41
C GLY B 333 2.79 9.33 32.29
N HIS B 334 1.66 9.90 31.87
CA HIS B 334 0.99 10.99 32.58
C HIS B 334 1.01 10.74 34.10
N PRO B 335 1.62 11.64 34.88
CA PRO B 335 1.71 11.39 36.33
C PRO B 335 0.39 11.08 37.01
N THR B 336 -0.68 11.81 36.69
CA THR B 336 -1.95 11.59 37.37
C THR B 336 -2.59 10.28 36.94
N ALA B 337 -2.50 9.94 35.65
CA ALA B 337 -2.98 8.65 35.20
C ALA B 337 -2.20 7.52 35.87
N CYS B 338 -0.88 7.69 36.03
CA CYS B 338 -0.08 6.68 36.69
C CYS B 338 -0.48 6.54 38.16
N ALA B 339 -0.67 7.65 38.85
CA ALA B 339 -1.09 7.60 40.24
C ALA B 339 -2.41 6.86 40.39
N ALA B 340 -3.36 7.12 39.50
CA ALA B 340 -4.64 6.41 39.54
C ALA B 340 -4.44 4.92 39.30
N ALA B 341 -3.60 4.54 38.33
CA ALA B 341 -3.38 3.13 38.04
C ALA B 341 -2.80 2.41 39.25
N LEU B 342 -1.83 3.02 39.93
CA LEU B 342 -1.24 2.39 41.11
C LEU B 342 -2.30 2.10 42.16
N ALA B 343 -3.21 3.05 42.40
CA ALA B 343 -4.27 2.84 43.37
C ALA B 343 -5.25 1.78 42.88
N VAL B 344 -5.56 1.80 41.58
CA VAL B 344 -6.49 0.82 41.02
C VAL B 344 -5.92 -0.59 41.15
N LEU B 345 -4.68 -0.78 40.74
CA LEU B 345 -4.10 -2.11 40.76
C LEU B 345 -3.99 -2.65 42.18
N ASP B 346 -3.77 -1.79 43.17
CA ASP B 346 -3.81 -2.24 44.56
C ASP B 346 -5.14 -2.90 44.88
N ILE B 347 -6.24 -2.31 44.41
CA ILE B 347 -7.56 -2.86 44.67
C ILE B 347 -7.75 -4.18 43.93
N VAL B 348 -7.31 -4.24 42.67
CA VAL B 348 -7.43 -5.46 41.88
C VAL B 348 -6.80 -6.63 42.63
N GLU B 349 -5.58 -6.44 43.12
CA GLU B 349 -4.88 -7.52 43.80
C GLU B 349 -5.43 -7.73 45.21
N ALA B 350 -5.73 -6.65 45.92
CA ALA B 350 -6.21 -6.76 47.29
C ALA B 350 -7.54 -7.51 47.37
N GLU B 351 -8.46 -7.23 46.45
CA GLU B 351 -9.78 -7.84 46.47
C GLU B 351 -9.87 -9.07 45.57
N ASP B 352 -8.75 -9.52 45.01
CA ASP B 352 -8.70 -10.68 44.13
C ASP B 352 -9.87 -10.65 43.15
N LEU B 353 -9.93 -9.58 42.38
CA LEU B 353 -11.02 -9.39 41.42
C LEU B 353 -10.93 -10.38 40.28
N PRO B 354 -9.74 -10.82 39.86
CA PRO B 354 -9.70 -11.93 38.89
C PRO B 354 -10.42 -13.17 39.40
N GLY B 355 -10.22 -13.51 40.68
CA GLY B 355 -10.92 -14.64 41.25
C GLY B 355 -12.42 -14.41 41.35
N ASN B 356 -12.83 -13.20 41.73
CA ASN B 356 -14.25 -12.90 41.78
C ASN B 356 -14.87 -12.98 40.40
N ALA B 357 -14.18 -12.46 39.39
CA ALA B 357 -14.69 -12.56 38.03
C ALA B 357 -14.89 -14.01 37.61
N ALA B 358 -13.93 -14.87 37.93
CA ALA B 358 -14.04 -16.29 37.59
C ALA B 358 -15.25 -16.91 38.28
N LYS B 359 -15.42 -16.61 39.56
CA LYS B 359 -16.47 -17.25 40.36
C LYS B 359 -17.85 -16.69 39.99
N VAL B 360 -18.03 -15.38 40.12
CA VAL B 360 -19.34 -14.80 39.85
C VAL B 360 -19.66 -14.90 38.37
N GLY B 361 -18.64 -14.83 37.52
CA GLY B 361 -18.87 -14.99 36.09
C GLY B 361 -19.35 -16.37 35.72
N ALA B 362 -18.79 -17.40 36.36
CA ALA B 362 -19.24 -18.76 36.10
C ALA B 362 -20.70 -18.94 36.50
N GLN B 363 -21.09 -18.38 37.64
CA GLN B 363 -22.49 -18.45 38.05
C GLN B 363 -23.39 -17.75 37.05
N LEU B 364 -23.06 -16.50 36.70
CA LEU B 364 -23.88 -15.73 35.78
C LEU B 364 -24.08 -16.49 34.47
N LEU B 365 -23.01 -17.08 33.95
CA LEU B 365 -23.12 -17.83 32.70
C LEU B 365 -24.08 -19.00 32.85
N GLU B 366 -23.94 -19.78 33.93
CA GLU B 366 -24.84 -20.91 34.14
C GLU B 366 -26.28 -20.43 34.27
N GLN B 367 -26.51 -19.38 35.05
CA GLN B 367 -27.87 -18.93 35.31
C GLN B 367 -28.54 -18.37 34.07
N LEU B 368 -27.78 -18.02 33.04
CA LEU B 368 -28.36 -17.50 31.80
C LEU B 368 -28.68 -18.60 30.80
N GLN B 369 -28.16 -19.82 30.99
CA GLN B 369 -28.37 -20.87 30.00
C GLN B 369 -29.84 -21.17 29.76
N PRO B 370 -30.73 -21.12 30.75
CA PRO B 370 -32.17 -21.33 30.47
C PRO B 370 -32.73 -20.44 29.38
N LEU B 371 -32.10 -19.28 29.13
CA LEU B 371 -32.59 -18.39 28.09
C LEU B 371 -32.49 -19.04 26.71
N VAL B 372 -31.44 -19.84 26.50
CA VAL B 372 -31.31 -20.57 25.24
C VAL B 372 -32.53 -21.48 25.05
N GLU B 373 -32.90 -22.20 26.11
CA GLU B 373 -34.08 -23.07 26.04
C GLU B 373 -35.33 -22.26 25.72
N ARG B 374 -35.56 -21.18 26.46
CA ARG B 374 -36.89 -20.57 26.52
C ARG B 374 -37.17 -19.67 25.31
N TYR B 375 -36.15 -19.11 24.67
CA TYR B 375 -36.35 -18.10 23.64
C TYR B 375 -35.63 -18.53 22.36
N ALA B 376 -36.38 -18.57 21.27
CA ALA B 376 -35.83 -19.03 20.00
C ALA B 376 -34.75 -18.10 19.49
N VAL B 377 -34.82 -16.82 19.84
CA VAL B 377 -33.89 -15.85 19.29
C VAL B 377 -32.50 -15.96 19.91
N VAL B 378 -32.38 -16.57 21.08
CA VAL B 378 -31.10 -16.71 21.77
C VAL B 378 -30.41 -17.96 21.21
N GLY B 379 -29.44 -17.74 20.31
CA GLY B 379 -28.74 -18.86 19.72
C GLY B 379 -27.83 -19.59 20.70
N GLU B 380 -26.97 -18.85 21.38
CA GLU B 380 -26.18 -19.44 22.45
C GLU B 380 -25.74 -18.32 23.39
N VAL B 381 -25.31 -18.73 24.58
CA VAL B 381 -24.76 -17.81 25.58
C VAL B 381 -23.38 -18.34 25.96
N ARG B 382 -22.37 -17.52 25.76
CA ARG B 382 -20.99 -17.91 26.00
C ARG B 382 -20.30 -16.82 26.81
N GLY B 383 -19.23 -17.20 27.49
CA GLY B 383 -18.49 -16.25 28.30
C GLY B 383 -17.35 -16.93 29.02
N LYS B 384 -16.54 -16.10 29.65
CA LYS B 384 -15.45 -16.54 30.52
C LYS B 384 -15.21 -15.41 31.50
N GLY B 385 -15.28 -15.72 32.80
CA GLY B 385 -15.27 -14.65 33.77
C GLY B 385 -16.49 -13.76 33.57
N LEU B 386 -16.28 -12.45 33.69
CA LEU B 386 -17.36 -11.48 33.57
C LEU B 386 -17.36 -10.77 32.23
N MET B 387 -17.11 -11.51 31.14
CA MET B 387 -17.46 -11.09 29.79
C MET B 387 -18.33 -12.19 29.21
N ILE B 388 -19.56 -11.82 28.83
CA ILE B 388 -20.56 -12.77 28.38
C ILE B 388 -21.31 -12.15 27.22
N ALA B 389 -21.70 -12.99 26.26
CA ALA B 389 -22.45 -12.55 25.11
C ALA B 389 -23.66 -13.45 24.89
N LEU B 390 -24.80 -12.82 24.62
CA LEU B 390 -25.98 -13.52 24.15
C LEU B 390 -26.03 -13.33 22.63
N ASP B 391 -25.87 -14.42 21.90
CA ASP B 391 -25.77 -14.38 20.45
C ASP B 391 -27.17 -14.56 19.87
N LEU B 392 -27.76 -13.49 19.35
CA LEU B 392 -29.15 -13.52 18.91
C LEU B 392 -29.23 -13.84 17.42
N VAL B 393 -30.09 -14.79 17.08
CA VAL B 393 -30.19 -15.32 15.72
C VAL B 393 -31.66 -15.34 15.31
N SER B 394 -31.88 -15.33 14.00
CA SER B 394 -33.22 -15.44 13.46
C SER B 394 -33.65 -16.90 13.31
N ASP B 395 -32.70 -17.82 13.20
CA ASP B 395 -33.00 -19.24 13.32
C ASP B 395 -31.72 -20.02 13.58
N LYS B 396 -31.86 -21.08 14.38
CA LYS B 396 -30.75 -21.74 15.03
C LYS B 396 -29.97 -22.70 14.14
N ARG B 397 -30.44 -23.00 12.92
CA ARG B 397 -29.73 -23.97 12.11
C ARG B 397 -28.51 -23.35 11.43
N THR B 398 -28.71 -22.24 10.71
CA THR B 398 -27.63 -21.54 10.03
C THR B 398 -26.94 -20.52 10.93
N ARG B 399 -27.48 -20.27 12.12
CA ARG B 399 -26.96 -19.28 13.06
C ARG B 399 -27.00 -17.88 12.46
N GLN B 400 -27.99 -17.62 11.62
CA GLN B 400 -28.09 -16.32 10.96
C GLN B 400 -28.29 -15.23 12.02
N PRO B 401 -27.37 -14.26 12.12
CA PRO B 401 -27.53 -13.22 13.14
C PRO B 401 -28.71 -12.31 12.84
N LEU B 402 -29.41 -11.90 13.89
CA LEU B 402 -30.37 -10.82 13.74
C LEU B 402 -29.66 -9.61 13.14
N ASP B 403 -30.38 -8.84 12.34
CA ASP B 403 -29.80 -7.62 11.81
C ASP B 403 -30.09 -6.48 12.76
N PRO B 404 -29.06 -5.80 13.32
CA PRO B 404 -29.33 -4.75 14.29
C PRO B 404 -30.20 -3.62 13.74
N ALA B 405 -30.13 -3.37 12.44
CA ALA B 405 -30.90 -2.27 11.86
C ALA B 405 -32.40 -2.50 11.97
N ALA B 406 -32.83 -3.74 12.22
CA ALA B 406 -34.24 -4.00 12.52
C ALA B 406 -34.61 -3.61 13.94
N GLY B 407 -33.62 -3.49 14.83
CA GLY B 407 -33.82 -2.86 16.13
C GLY B 407 -34.19 -3.80 17.25
N GLN B 408 -34.22 -5.12 17.03
CA GLN B 408 -34.66 -6.00 18.10
C GLN B 408 -33.65 -6.03 19.25
N PRO B 409 -32.35 -6.13 18.97
CA PRO B 409 -31.39 -6.09 20.08
C PRO B 409 -31.51 -4.84 20.93
N SER B 410 -31.73 -3.68 20.29
CA SER B 410 -31.86 -2.44 21.06
C SER B 410 -33.13 -2.44 21.88
N ARG B 411 -34.22 -3.01 21.35
CA ARG B 411 -35.47 -3.08 22.10
C ARG B 411 -35.33 -3.98 23.30
N ILE B 412 -34.66 -5.13 23.14
CA ILE B 412 -34.39 -6.00 24.28
C ILE B 412 -33.58 -5.24 25.33
N ALA B 413 -32.53 -4.55 24.87
CA ALA B 413 -31.72 -3.75 25.79
C ALA B 413 -32.56 -2.69 26.49
N ASP B 414 -33.42 -1.99 25.74
CA ASP B 414 -34.29 -1.00 26.36
C ASP B 414 -35.13 -1.62 27.48
N GLU B 415 -35.67 -2.80 27.25
CA GLU B 415 -36.51 -3.43 28.26
C GLU B 415 -35.69 -3.85 29.47
N ALA B 416 -34.45 -4.30 29.25
CA ALA B 416 -33.58 -4.62 30.37
C ALA B 416 -33.31 -3.38 31.21
N ARG B 417 -33.09 -2.23 30.56
CA ARG B 417 -32.87 -0.99 31.29
C ARG B 417 -34.08 -0.62 32.13
N ARG B 418 -35.28 -0.76 31.57
CA ARG B 418 -36.48 -0.53 32.36
C ARG B 418 -36.57 -1.46 33.55
N ALA B 419 -36.03 -2.68 33.42
CA ALA B 419 -35.97 -3.62 34.52
C ALA B 419 -34.81 -3.34 35.48
N GLY B 420 -33.98 -2.34 35.19
CA GLY B 420 -32.97 -1.89 36.12
C GLY B 420 -31.54 -2.31 35.82
N VAL B 421 -31.25 -2.74 34.59
CA VAL B 421 -29.91 -3.17 34.22
C VAL B 421 -29.60 -2.67 32.81
N LEU B 422 -28.47 -1.98 32.68
CA LEU B 422 -28.00 -1.51 31.38
C LEU B 422 -27.09 -2.56 30.76
N VAL B 423 -27.41 -2.98 29.55
CA VAL B 423 -26.58 -3.91 28.78
C VAL B 423 -26.34 -3.29 27.42
N ARG B 424 -25.33 -3.82 26.71
CA ARG B 424 -24.86 -3.21 25.47
C ARG B 424 -25.19 -4.11 24.30
N PRO B 425 -25.99 -3.67 23.33
CA PRO B 425 -26.10 -4.43 22.07
C PRO B 425 -25.01 -4.05 21.08
N ILE B 426 -24.21 -5.02 20.65
CA ILE B 426 -23.23 -4.84 19.59
C ILE B 426 -23.64 -5.77 18.46
N GLY B 427 -24.08 -5.19 17.34
CA GLY B 427 -24.60 -6.03 16.27
C GLY B 427 -25.76 -6.84 16.79
N ASN B 428 -25.68 -8.16 16.58
CA ASN B 428 -26.73 -9.08 17.00
C ASN B 428 -26.49 -9.67 18.38
N LYS B 429 -25.53 -9.15 19.14
CA LYS B 429 -25.16 -9.74 20.42
C LYS B 429 -25.41 -8.76 21.55
N ILE B 430 -25.93 -9.29 22.66
CA ILE B 430 -26.04 -8.55 23.91
C ILE B 430 -24.82 -8.90 24.75
N ILE B 431 -24.04 -7.90 25.10
CA ILE B 431 -22.78 -8.07 25.81
C ILE B 431 -22.99 -7.72 27.27
N LEU B 432 -22.53 -8.60 28.16
CA LEU B 432 -22.48 -8.33 29.59
C LEU B 432 -21.01 -8.22 29.98
N SER B 433 -20.64 -7.09 30.59
CA SER B 433 -19.27 -6.83 31.02
C SER B 433 -19.28 -5.92 32.24
N PRO B 434 -19.88 -6.34 33.35
CA PRO B 434 -20.06 -5.46 34.49
C PRO B 434 -18.76 -5.31 35.27
N PRO B 435 -18.73 -4.41 36.25
CA PRO B 435 -17.54 -4.31 37.10
C PRO B 435 -17.20 -5.65 37.72
N LEU B 436 -15.90 -5.89 37.91
CA LEU B 436 -15.46 -7.16 38.45
C LEU B 436 -15.75 -7.30 39.94
N THR B 437 -16.27 -6.25 40.57
CA THR B 437 -16.75 -6.34 41.95
C THR B 437 -18.16 -6.89 42.02
N LEU B 438 -18.73 -7.31 40.89
CA LEU B 438 -20.10 -7.79 40.88
C LEU B 438 -20.29 -8.87 41.94
N THR B 439 -21.40 -8.79 42.67
CA THR B 439 -21.75 -9.79 43.67
C THR B 439 -22.78 -10.78 43.11
N ARG B 440 -22.93 -11.89 43.83
CA ARG B 440 -23.92 -12.88 43.43
C ARG B 440 -25.33 -12.31 43.38
N ASP B 441 -25.69 -11.47 44.35
CA ASP B 441 -27.00 -10.87 44.31
C ASP B 441 -27.18 -9.99 43.08
N GLU B 442 -26.17 -9.19 42.73
CA GLU B 442 -26.26 -8.34 41.55
C GLU B 442 -26.32 -9.18 40.27
N ALA B 443 -25.57 -10.28 40.23
CA ALA B 443 -25.70 -11.20 39.10
C ALA B 443 -27.14 -11.68 38.95
N GLY B 444 -27.77 -12.06 40.06
CA GLY B 444 -29.16 -12.47 40.01
C GLY B 444 -30.07 -11.37 39.47
N LEU B 445 -29.79 -10.12 39.84
CA LEU B 445 -30.56 -9.00 39.30
C LEU B 445 -30.39 -8.90 37.79
N MET B 446 -29.18 -9.16 37.29
CA MET B 446 -28.95 -9.11 35.85
C MET B 446 -29.77 -10.20 35.14
N VAL B 447 -29.80 -11.40 35.71
CA VAL B 447 -30.58 -12.47 35.10
C VAL B 447 -32.06 -12.11 35.06
N SER B 448 -32.57 -11.57 36.17
CA SER B 448 -33.99 -11.22 36.22
C SER B 448 -34.33 -10.17 35.18
N ALA B 449 -33.52 -9.12 35.08
CA ALA B 449 -33.80 -8.07 34.10
C ALA B 449 -33.79 -8.62 32.68
N LEU B 450 -32.86 -9.52 32.39
CA LEU B 450 -32.76 -10.08 31.05
C LEU B 450 -33.94 -10.99 30.74
N GLU B 451 -34.32 -11.84 31.69
CA GLU B 451 -35.51 -12.67 31.50
C GLU B 451 -36.73 -11.81 31.21
N ALA B 452 -36.87 -10.68 31.91
CA ALA B 452 -37.98 -9.77 31.64
C ALA B 452 -37.88 -9.19 30.24
N ALA B 453 -36.65 -8.89 29.79
CA ALA B 453 -36.48 -8.24 28.49
C ALA B 453 -36.87 -9.18 27.36
N PHE B 454 -36.39 -10.43 27.41
CA PHE B 454 -36.73 -11.40 26.37
C PHE B 454 -38.21 -11.79 26.44
N ALA B 455 -38.77 -11.87 27.65
CA ALA B 455 -40.19 -12.18 27.79
C ALA B 455 -41.04 -11.19 26.99
N ARG B 456 -40.67 -9.91 27.01
CA ARG B 456 -41.46 -8.89 26.32
C ARG B 456 -41.02 -8.68 24.87
N CYS B 457 -39.72 -8.74 24.59
CA CYS B 457 -39.19 -8.31 23.30
C CYS B 457 -38.40 -9.41 22.58
N GLY B 458 -38.39 -10.63 23.09
CA GLY B 458 -37.63 -11.71 22.47
C GLY B 458 -38.45 -12.48 21.45
N GLU C 12 14.63 7.49 47.12
CA GLU C 12 15.33 8.07 45.99
C GLU C 12 16.10 7.02 45.20
N LYS C 13 15.43 5.92 44.87
CA LYS C 13 15.98 4.95 43.95
C LYS C 13 15.83 5.37 42.49
N TYR C 14 15.16 6.50 42.24
CA TYR C 14 14.97 7.00 40.89
C TYR C 14 16.29 7.35 40.22
N LYS C 15 17.33 7.66 40.99
CA LYS C 15 18.61 8.01 40.39
C LYS C 15 19.33 6.79 39.83
N ASN C 16 19.26 5.64 40.53
CA ASN C 16 20.14 4.51 40.23
C ASN C 16 19.45 3.27 39.70
N ALA C 17 18.14 3.10 39.92
CA ALA C 17 17.49 1.86 39.55
C ALA C 17 17.44 1.71 38.03
N GLU C 18 17.27 0.46 37.58
CA GLU C 18 17.08 0.22 36.15
C GLU C 18 15.77 0.87 35.70
N LYS C 19 15.83 1.53 34.55
CA LYS C 19 14.67 2.20 34.00
C LYS C 19 13.82 1.18 33.26
N LYS C 20 12.58 1.01 33.68
CA LYS C 20 11.70 -0.01 33.13
C LYS C 20 10.73 0.55 32.09
N PHE C 21 10.84 1.83 31.76
CA PHE C 21 10.07 2.45 30.69
C PHE C 21 11.04 3.02 29.67
N TRP C 22 10.51 3.32 28.49
CA TRP C 22 11.28 3.93 27.42
C TRP C 22 10.86 5.39 27.26
N HIS C 23 11.85 6.26 27.06
CA HIS C 23 11.58 7.67 26.76
C HIS C 23 11.20 7.82 25.30
N PRO C 24 10.06 8.44 24.98
CA PRO C 24 9.78 8.77 23.59
C PRO C 24 10.81 9.75 23.04
N MET C 25 11.16 9.56 21.76
CA MET C 25 12.01 10.50 21.04
C MET C 25 13.44 10.53 21.57
N GLY C 26 13.94 9.38 22.04
CA GLY C 26 15.30 9.33 22.57
C GLY C 26 15.96 8.00 22.29
N SER C 27 17.28 7.98 22.42
CA SER C 27 18.04 6.74 22.30
C SER C 27 17.75 5.83 23.50
N SER C 28 17.47 4.56 23.20
CA SER C 28 17.29 3.55 24.23
C SER C 28 18.61 2.85 24.57
N ALA C 29 19.70 3.21 23.91
CA ALA C 29 20.98 2.54 24.13
C ALA C 29 21.60 2.99 25.46
N ALA C 30 22.27 2.05 26.11
CA ALA C 30 23.14 2.42 27.21
C ALA C 30 24.48 2.91 26.67
N PRO C 31 25.16 3.82 27.38
CA PRO C 31 24.78 4.41 28.67
C PRO C 31 23.83 5.61 28.60
N HIS C 32 23.47 6.07 27.41
CA HIS C 32 22.65 7.28 27.30
C HIS C 32 21.36 7.17 28.11
N ARG C 33 20.66 6.04 28.01
CA ARG C 33 19.34 5.96 28.64
C ARG C 33 19.42 5.97 30.17
N ASP C 34 20.61 5.69 30.74
CA ASP C 34 20.74 5.70 32.19
C ASP C 34 20.55 7.10 32.77
N LYS C 35 20.84 8.13 31.99
CA LYS C 35 20.72 9.51 32.47
C LYS C 35 19.25 9.90 32.56
N THR C 36 18.89 10.61 33.62
CA THR C 36 17.52 11.08 33.77
C THR C 36 17.47 12.38 34.55
N LEU C 37 16.67 13.32 34.04
CA LEU C 37 16.21 14.47 34.79
C LEU C 37 14.82 14.13 35.31
N VAL C 38 14.69 13.95 36.62
CA VAL C 38 13.45 13.51 37.24
C VAL C 38 12.75 14.73 37.83
N ILE C 39 11.62 15.10 37.24
CA ILE C 39 10.82 16.22 37.70
C ILE C 39 9.81 15.72 38.72
N ALA C 40 9.81 16.33 39.90
CA ALA C 40 8.96 15.89 41.01
C ALA C 40 7.75 16.79 41.24
N ARG C 41 7.92 18.10 41.08
CA ARG C 41 6.85 19.04 41.37
C ARG C 41 6.79 20.10 40.27
N GLY C 42 5.62 20.75 40.18
CA GLY C 42 5.42 21.85 39.26
C GLY C 42 4.41 22.85 39.79
N ASP C 43 4.71 24.14 39.65
CA ASP C 43 3.79 25.18 40.10
C ASP C 43 4.01 26.44 39.27
N GLY C 44 2.94 26.97 38.70
CA GLY C 44 3.07 28.11 37.81
C GLY C 44 3.90 27.75 36.59
N ASN C 45 4.96 28.52 36.33
CA ASN C 45 5.82 28.31 35.17
C ASN C 45 7.17 27.72 35.55
N TYR C 46 7.29 27.18 36.77
CA TYR C 46 8.51 26.56 37.25
C TYR C 46 8.25 25.10 37.60
N ILE C 47 9.30 24.29 37.47
CA ILE C 47 9.28 22.88 37.84
C ILE C 47 10.51 22.60 38.71
N THR C 48 10.41 21.55 39.52
CA THR C 48 11.44 21.20 40.49
C THR C 48 11.79 19.73 40.35
N ASP C 49 13.08 19.43 40.28
CA ASP C 49 13.52 18.05 40.15
C ASP C 49 13.67 17.43 41.54
N ILE C 50 14.01 16.13 41.57
CA ILE C 50 14.05 15.41 42.83
C ILE C 50 15.17 15.90 43.73
N ASP C 51 16.13 16.65 43.18
CA ASP C 51 17.19 17.24 43.99
C ASP C 51 16.82 18.61 44.53
N GLY C 52 15.60 19.09 44.29
CA GLY C 52 15.21 20.40 44.74
C GLY C 52 15.64 21.52 43.84
N GLN C 53 16.21 21.21 42.67
CA GLN C 53 16.65 22.24 41.74
C GLN C 53 15.46 22.73 40.92
N ARG C 54 15.18 24.03 41.01
CA ARG C 54 14.08 24.65 40.30
C ARG C 54 14.55 25.18 38.95
N MET C 55 13.66 25.12 37.97
CA MET C 55 13.97 25.71 36.67
C MET C 55 12.68 26.20 36.04
N LEU C 56 12.77 27.33 35.33
CA LEU C 56 11.67 27.79 34.52
C LEU C 56 11.33 26.74 33.47
N ASP C 57 10.04 26.48 33.30
CA ASP C 57 9.58 25.46 32.35
C ASP C 57 9.50 26.08 30.97
N GLY C 58 10.68 26.24 30.36
CA GLY C 58 10.76 26.87 29.05
C GLY C 58 10.12 26.08 27.94
N VAL C 59 9.80 24.81 28.19
CA VAL C 59 9.15 23.97 27.21
C VAL C 59 7.66 23.79 27.48
N GLY C 60 7.17 24.32 28.60
CA GLY C 60 5.75 24.21 28.89
C GLY C 60 5.26 22.79 28.97
N GLY C 61 6.05 21.91 29.57
CA GLY C 61 5.76 20.49 29.53
C GLY C 61 6.14 19.95 28.16
N LEU C 62 5.18 19.98 27.23
CA LEU C 62 5.41 19.69 25.81
C LEU C 62 4.43 20.58 25.03
N TRP C 63 4.77 21.85 24.94
CA TRP C 63 3.88 22.88 24.39
C TRP C 63 2.44 22.77 24.89
N ASN C 64 2.20 22.35 26.13
CA ASN C 64 0.81 22.11 26.53
C ASN C 64 0.43 22.66 27.90
N VAL C 65 1.35 22.87 28.83
CA VAL C 65 0.96 23.42 30.12
C VAL C 65 0.79 24.93 29.97
N ASN C 66 -0.25 25.33 29.24
CA ASN C 66 -0.34 26.70 28.75
C ASN C 66 -0.83 27.69 29.80
N ILE C 67 -1.48 27.21 30.86
CA ILE C 67 -1.96 28.08 31.94
C ILE C 67 -1.08 27.96 33.18
N GLY C 68 0.01 27.22 33.11
CA GLY C 68 0.85 27.01 34.26
C GLY C 68 0.46 25.77 35.06
N HIS C 69 1.38 25.36 35.93
CA HIS C 69 1.16 24.20 36.76
C HIS C 69 0.39 24.56 38.03
N ASN C 70 -0.45 23.63 38.48
CA ASN C 70 -1.03 23.66 39.82
C ASN C 70 -2.09 24.75 39.97
N ARG C 71 -2.98 24.88 38.99
CA ARG C 71 -4.08 25.82 39.08
C ARG C 71 -5.17 25.23 39.96
N ALA C 72 -5.48 25.90 41.06
CA ALA C 72 -6.47 25.40 42.01
C ALA C 72 -7.82 25.17 41.33
N SER C 73 -8.26 26.11 40.50
CA SER C 73 -9.59 25.99 39.92
C SER C 73 -9.71 24.76 39.03
N VAL C 74 -8.64 24.39 38.34
CA VAL C 74 -8.69 23.21 37.49
C VAL C 74 -8.69 21.95 38.34
N LYS C 75 -7.83 21.90 39.36
CA LYS C 75 -7.82 20.77 40.28
C LYS C 75 -9.19 20.57 40.92
N ALA C 76 -9.85 21.67 41.31
CA ALA C 76 -11.17 21.57 41.93
C ALA C 76 -12.21 21.06 40.94
N ALA C 77 -12.16 21.53 39.70
CA ALA C 77 -13.10 21.05 38.69
C ALA C 77 -12.94 19.55 38.49
N ILE C 78 -11.69 19.07 38.50
CA ILE C 78 -11.44 17.63 38.37
C ILE C 78 -12.05 16.87 39.54
N ALA C 79 -11.74 17.31 40.76
CA ALA C 79 -12.25 16.62 41.95
C ALA C 79 -13.77 16.60 41.96
N ALA C 80 -14.40 17.70 41.55
CA ALA C 80 -15.86 17.75 41.56
C ALA C 80 -16.45 16.73 40.60
N GLN C 81 -15.86 16.59 39.41
CA GLN C 81 -16.40 15.65 38.43
C GLN C 81 -16.14 14.22 38.86
N LEU C 82 -15.01 13.95 39.50
CA LEU C 82 -14.74 12.63 40.02
C LEU C 82 -15.81 12.21 41.02
N ASP C 83 -16.27 13.16 41.84
CA ASP C 83 -17.29 12.86 42.85
C ASP C 83 -18.64 12.58 42.21
N GLU C 84 -18.90 13.14 41.02
CA GLU C 84 -20.18 12.98 40.35
C GLU C 84 -20.16 11.78 39.41
N LEU C 85 -19.21 11.78 38.47
CA LEU C 85 -19.08 10.70 37.49
C LEU C 85 -17.68 10.82 36.87
N ALA C 86 -16.75 10.00 37.36
CA ALA C 86 -15.41 10.02 36.80
C ALA C 86 -15.45 9.70 35.31
N TYR C 87 -16.15 8.62 34.95
CA TYR C 87 -16.18 8.16 33.57
C TYR C 87 -17.52 7.49 33.25
N TYR C 88 -18.04 7.80 32.07
CA TYR C 88 -18.95 6.88 31.39
C TYR C 88 -18.79 7.07 29.89
N GLN C 89 -19.21 6.06 29.14
CA GLN C 89 -19.01 6.03 27.71
C GLN C 89 -19.92 7.03 27.01
N THR C 90 -19.63 7.28 25.73
CA THR C 90 -20.47 8.10 24.87
C THR C 90 -20.84 7.39 23.58
N PHE C 91 -20.72 6.06 23.54
CA PHE C 91 -21.01 5.33 22.31
C PHE C 91 -22.52 5.30 22.04
N ASP C 92 -22.87 4.93 20.80
CA ASP C 92 -24.22 4.89 20.26
C ASP C 92 -25.33 5.10 21.29
N GLY C 93 -25.89 6.31 21.34
CA GLY C 93 -27.07 6.57 22.10
C GLY C 93 -26.86 6.88 23.56
N ILE C 94 -25.63 6.83 24.06
CA ILE C 94 -25.32 7.09 25.46
C ILE C 94 -24.39 8.29 25.56
N ALA C 95 -24.59 9.09 26.60
CA ALA C 95 -23.70 10.23 26.86
C ALA C 95 -23.87 10.65 28.31
N HIS C 96 -23.37 11.85 28.63
CA HIS C 96 -23.35 12.37 29.99
C HIS C 96 -23.23 13.89 29.91
N PRO C 97 -23.47 14.60 31.01
CA PRO C 97 -23.56 16.08 30.92
C PRO C 97 -22.31 16.77 30.39
N ARG C 98 -21.11 16.37 30.83
CA ARG C 98 -19.92 17.15 30.54
C ARG C 98 -19.61 17.20 29.05
N VAL C 99 -19.86 16.10 28.33
CA VAL C 99 -19.54 16.10 26.91
C VAL C 99 -20.49 17.02 26.15
N PHE C 100 -21.75 17.10 26.58
CA PHE C 100 -22.64 18.14 26.07
C PHE C 100 -22.04 19.52 26.31
N ASP C 101 -21.60 19.78 27.54
CA ASP C 101 -21.12 21.10 27.90
C ASP C 101 -19.94 21.51 27.03
N LEU C 102 -18.95 20.62 26.87
CA LEU C 102 -17.75 21.01 26.16
C LEU C 102 -18.00 21.11 24.66
N ALA C 103 -18.79 20.20 24.11
CA ALA C 103 -19.11 20.28 22.69
C ALA C 103 -19.80 21.60 22.37
N GLU C 104 -20.77 22.00 23.20
CA GLU C 104 -21.41 23.30 23.05
C GLU C 104 -20.38 24.42 23.13
N ARG C 105 -19.52 24.35 24.15
CA ARG C 105 -18.49 25.38 24.33
C ARG C 105 -17.61 25.51 23.09
N LEU C 106 -17.08 24.39 22.60
CA LEU C 106 -16.11 24.45 21.50
C LEU C 106 -16.77 24.91 20.21
N THR C 107 -17.91 24.33 19.85
CA THR C 107 -18.60 24.77 18.64
C THR C 107 -18.98 26.24 18.72
N GLY C 108 -19.23 26.75 19.93
CA GLY C 108 -19.51 28.17 20.09
C GLY C 108 -18.25 29.02 19.89
N MET C 109 -17.14 28.61 20.52
CA MET C 109 -15.89 29.34 20.35
C MET C 109 -15.47 29.41 18.90
N PHE C 110 -15.76 28.37 18.12
CA PHE C 110 -15.33 28.27 16.73
C PHE C 110 -16.51 28.38 15.78
N ALA C 111 -17.52 29.16 16.18
CA ALA C 111 -18.65 29.42 15.30
C ALA C 111 -18.20 30.16 14.06
N GLN C 112 -17.20 31.04 14.20
CA GLN C 112 -16.69 31.75 13.05
C GLN C 112 -16.27 30.78 11.95
N GLU C 113 -15.70 29.64 12.34
CA GLU C 113 -15.28 28.61 11.40
C GLU C 113 -16.39 27.62 11.07
N ARG C 114 -17.61 27.88 11.53
CA ARG C 114 -18.77 27.06 11.20
C ARG C 114 -18.59 25.61 11.64
N MET C 115 -17.95 25.41 12.79
CA MET C 115 -17.77 24.08 13.34
C MET C 115 -19.08 23.57 13.93
N ALA C 116 -19.43 22.34 13.59
CA ALA C 116 -20.75 21.79 13.87
C ALA C 116 -20.75 20.57 14.76
N ARG C 117 -19.75 19.70 14.64
CA ARG C 117 -19.70 18.45 15.36
C ARG C 117 -18.30 18.23 15.91
N VAL C 118 -18.23 17.58 17.07
CA VAL C 118 -16.98 17.25 17.72
C VAL C 118 -16.91 15.74 17.94
N LEU C 119 -15.73 15.17 17.73
CA LEU C 119 -15.45 13.79 18.09
C LEU C 119 -14.23 13.86 19.00
N PHE C 120 -14.43 13.59 20.28
CA PHE C 120 -13.37 13.76 21.27
C PHE C 120 -12.46 12.53 21.30
N SER C 121 -11.26 12.73 21.84
CA SER C 121 -10.29 11.66 22.01
C SER C 121 -9.37 12.04 23.16
N SER C 122 -8.16 11.48 23.19
CA SER C 122 -7.27 11.65 24.34
C SER C 122 -5.94 12.31 24.00
N GLY C 123 -5.74 12.76 22.77
CA GLY C 123 -4.49 13.43 22.45
C GLY C 123 -4.49 13.95 21.03
N GLY C 124 -3.35 14.53 20.66
CA GLY C 124 -3.21 15.11 19.34
C GLY C 124 -3.09 14.05 18.26
N SER C 125 -2.32 12.99 18.52
CA SER C 125 -2.25 11.89 17.56
C SER C 125 -3.63 11.33 17.30
N ASP C 126 -4.44 11.14 18.34
CA ASP C 126 -5.83 10.74 18.16
C ASP C 126 -6.57 11.73 17.27
N ALA C 127 -6.44 13.02 17.56
CA ALA C 127 -7.22 14.03 16.84
C ALA C 127 -6.89 14.04 15.36
N VAL C 128 -5.60 13.86 15.02
CA VAL C 128 -5.19 13.76 13.63
C VAL C 128 -5.75 12.49 13.01
N GLU C 129 -5.52 11.34 13.66
CA GLU C 129 -6.00 10.06 13.14
C GLU C 129 -7.49 10.11 12.89
N THR C 130 -8.25 10.74 13.81
CA THR C 130 -9.69 10.89 13.63
C THR C 130 -9.98 11.76 12.42
N ALA C 131 -9.23 12.85 12.25
CA ALA C 131 -9.43 13.72 11.10
C ALA C 131 -9.23 12.96 9.80
N LEU C 132 -8.15 12.17 9.73
CA LEU C 132 -7.84 11.45 8.50
C LEU C 132 -8.92 10.43 8.18
N LYS C 133 -9.32 9.65 9.17
CA LYS C 133 -10.33 8.63 8.91
C LYS C 133 -11.68 9.25 8.56
N MET C 134 -12.08 10.32 9.25
CA MET C 134 -13.39 10.90 8.98
C MET C 134 -13.39 11.70 7.69
N ALA C 135 -12.24 12.21 7.27
CA ALA C 135 -12.14 12.80 5.94
C ALA C 135 -12.49 11.78 4.87
N ARG C 136 -11.95 10.56 5.00
CA ARG C 136 -12.30 9.49 4.08
C ARG C 136 -13.80 9.23 4.07
N GLN C 137 -14.42 9.19 5.26
CA GLN C 137 -15.84 8.90 5.34
C GLN C 137 -16.69 10.04 4.75
N TYR C 138 -16.26 11.29 4.92
CA TYR C 138 -16.98 12.40 4.31
C TYR C 138 -17.17 12.18 2.81
N TRP C 139 -16.12 11.76 2.13
CA TRP C 139 -16.19 11.63 0.68
C TRP C 139 -17.02 10.42 0.27
N ILE C 140 -16.94 9.34 1.05
CA ILE C 140 -17.80 8.18 0.78
C ILE C 140 -19.25 8.57 0.93
N ALA C 141 -19.60 9.25 2.03
CA ALA C 141 -20.95 9.74 2.22
C ALA C 141 -21.35 10.72 1.12
N SER C 142 -20.39 11.45 0.56
CA SER C 142 -20.66 12.41 -0.50
C SER C 142 -20.69 11.78 -1.89
N GLY C 143 -20.46 10.47 -2.00
CA GLY C 143 -20.49 9.82 -3.29
C GLY C 143 -19.22 9.89 -4.10
N GLU C 144 -18.09 10.21 -3.47
CA GLU C 144 -16.80 10.29 -4.16
C GLU C 144 -15.79 9.43 -3.42
N PRO C 145 -16.02 8.11 -3.37
CA PRO C 145 -15.10 7.23 -2.63
C PRO C 145 -13.73 7.11 -3.27
N GLY C 146 -13.50 7.72 -4.43
CA GLY C 146 -12.15 7.78 -4.97
C GLY C 146 -11.27 8.79 -4.26
N ARG C 147 -11.88 9.72 -3.52
CA ARG C 147 -11.14 10.74 -2.77
C ARG C 147 -10.51 10.10 -1.56
N THR C 148 -9.24 9.72 -1.68
CA THR C 148 -8.58 8.98 -0.60
C THR C 148 -7.20 9.47 -0.25
N ARG C 149 -6.50 10.19 -1.12
CA ARG C 149 -5.12 10.59 -0.86
C ARG C 149 -5.05 11.78 0.09
N PHE C 150 -3.90 11.89 0.77
CA PHE C 150 -3.63 12.95 1.73
C PHE C 150 -2.40 13.74 1.32
N LEU C 151 -2.46 15.06 1.48
CA LEU C 151 -1.34 15.95 1.25
C LEU C 151 -0.92 16.55 2.59
N SER C 152 0.38 16.81 2.73
CA SER C 152 0.92 17.41 3.94
C SER C 152 2.23 18.08 3.59
N LEU C 153 2.83 18.73 4.59
CA LEU C 153 4.02 19.57 4.36
C LEU C 153 5.26 18.91 4.92
N ARG C 154 6.37 19.08 4.21
CA ARG C 154 7.66 18.71 4.77
C ARG C 154 7.86 19.46 6.07
N ASN C 155 8.51 18.79 7.03
CA ASN C 155 8.72 19.25 8.39
C ASN C 155 7.42 19.30 9.20
N GLY C 156 6.29 18.89 8.62
CA GLY C 156 5.07 18.80 9.40
C GLY C 156 5.14 17.64 10.37
N TYR C 157 4.54 17.84 11.54
CA TYR C 157 4.45 16.80 12.57
C TYR C 157 2.99 16.68 12.99
N HIS C 158 2.47 15.44 12.94
CA HIS C 158 1.06 15.22 13.14
C HIS C 158 0.80 13.98 14.00
N GLY C 159 1.67 13.72 14.97
CA GLY C 159 1.50 12.59 15.86
C GLY C 159 2.17 11.34 15.34
N VAL C 160 1.94 10.24 16.06
CA VAL C 160 2.73 9.04 15.87
C VAL C 160 1.87 7.79 15.72
N HIS C 161 0.56 7.96 15.59
CA HIS C 161 -0.22 6.85 15.10
C HIS C 161 0.17 6.58 13.65
N MET C 162 -0.22 5.42 13.12
CA MET C 162 0.26 5.06 11.80
C MET C 162 -0.25 6.04 10.74
N GLY C 163 -1.48 6.53 10.89
CA GLY C 163 -1.97 7.55 9.98
C GLY C 163 -1.18 8.85 10.12
N GLY C 164 -1.08 9.37 11.35
CA GLY C 164 -0.34 10.59 11.57
C GLY C 164 1.12 10.47 11.15
N THR C 165 1.73 9.32 11.42
CA THR C 165 3.11 9.13 11.00
C THR C 165 3.22 9.14 9.48
N SER C 166 2.24 8.56 8.79
CA SER C 166 2.29 8.49 7.34
C SER C 166 2.37 9.87 6.70
N VAL C 167 1.66 10.85 7.27
CA VAL C 167 1.65 12.20 6.72
C VAL C 167 2.70 13.11 7.35
N GLY C 168 3.52 12.59 8.26
CA GLY C 168 4.56 13.39 8.87
C GLY C 168 5.65 13.74 7.88
N GLY C 169 6.28 14.89 8.09
CA GLY C 169 7.24 15.41 7.14
C GLY C 169 8.69 15.39 7.60
N ASN C 170 8.99 14.62 8.64
CA ASN C 170 10.34 14.46 9.13
C ASN C 170 10.71 12.98 9.14
N GLY C 171 11.83 12.65 8.50
CA GLY C 171 12.17 11.25 8.30
C GLY C 171 12.40 10.48 9.58
N VAL C 172 12.92 11.14 10.62
CA VAL C 172 13.32 10.42 11.83
C VAL C 172 12.16 9.63 12.42
N TYR C 173 10.93 10.08 12.19
CA TYR C 173 9.78 9.38 12.73
C TYR C 173 9.34 8.20 11.87
N HIS C 174 9.92 8.03 10.67
CA HIS C 174 9.56 6.96 9.74
C HIS C 174 10.55 5.81 9.73
N TYR C 175 11.84 6.09 10.00
CA TYR C 175 12.90 5.16 9.62
C TYR C 175 12.70 3.77 10.22
N ASN C 176 12.14 3.67 11.42
CA ASN C 176 12.13 2.42 12.17
C ASN C 176 10.81 1.66 12.07
N HIS C 177 9.94 1.99 11.12
CA HIS C 177 8.58 1.46 11.17
C HIS C 177 8.04 0.99 9.82
N GLY C 178 8.87 0.93 8.79
CA GLY C 178 8.44 0.32 7.56
C GLY C 178 7.42 1.15 6.79
N GLN C 179 6.79 0.49 5.81
CA GLN C 179 5.83 1.14 4.95
C GLN C 179 4.50 1.29 5.69
N LEU C 180 3.96 2.51 5.66
CA LEU C 180 2.70 2.78 6.34
C LEU C 180 1.63 3.12 5.30
N LEU C 181 0.85 4.17 5.53
CA LEU C 181 -0.28 4.45 4.66
C LEU C 181 0.21 4.88 3.28
N ALA C 182 -0.33 4.25 2.24
CA ALA C 182 -0.06 4.66 0.88
C ALA C 182 -0.85 5.91 0.53
N GLY C 183 -0.46 6.55 -0.57
CA GLY C 183 -1.19 7.70 -1.06
C GLY C 183 -1.06 8.95 -0.23
N CYS C 184 0.05 9.09 0.50
CA CYS C 184 0.34 10.31 1.24
C CYS C 184 1.51 11.02 0.55
N HIS C 185 1.30 12.28 0.22
CA HIS C 185 2.22 13.01 -0.63
C HIS C 185 2.61 14.30 0.08
N LEU C 186 3.91 14.57 0.09
CA LEU C 186 4.47 15.69 0.83
C LEU C 186 4.80 16.85 -0.10
N LEU C 187 4.48 18.05 0.34
CA LEU C 187 4.83 19.28 -0.33
C LEU C 187 5.90 20.01 0.46
N ASP C 188 6.64 20.86 -0.23
CA ASP C 188 7.65 21.65 0.46
C ASP C 188 6.99 22.71 1.33
N THR C 189 7.63 23.01 2.43
CA THR C 189 7.08 23.98 3.35
C THR C 189 7.57 25.39 3.01
N PRO C 190 6.71 26.44 3.16
CA PRO C 190 7.13 27.82 2.86
C PRO C 190 8.04 28.38 3.94
N TRP C 191 9.26 27.86 3.96
CA TRP C 191 10.24 28.12 5.00
C TRP C 191 11.31 29.05 4.41
N LEU C 192 11.29 30.32 4.82
CA LEU C 192 12.18 31.30 4.20
C LEU C 192 13.64 30.90 4.38
N TYR C 193 13.99 30.39 5.56
CA TYR C 193 15.38 30.11 5.89
C TYR C 193 15.93 28.92 5.14
N ARG C 194 15.08 27.92 4.84
CA ARG C 194 15.49 26.72 4.10
C ARG C 194 14.36 26.33 3.16
N ASN C 195 14.58 26.43 1.87
CA ASN C 195 13.59 25.98 0.90
C ASN C 195 14.27 25.63 -0.40
N PRO C 196 13.63 24.82 -1.26
CA PRO C 196 14.28 24.35 -2.49
C PRO C 196 14.60 25.45 -3.48
N TRP C 197 13.96 26.60 -3.37
CA TRP C 197 14.18 27.69 -4.32
C TRP C 197 15.21 28.70 -3.84
N ASP C 198 15.75 28.50 -2.63
CA ASP C 198 16.60 29.52 -2.01
C ASP C 198 15.93 30.88 -2.13
N CYS C 199 14.60 30.88 -2.04
CA CYS C 199 13.80 32.08 -2.23
C CYS C 199 13.64 32.75 -0.87
N ARG C 200 14.13 34.00 -0.78
CA ARG C 200 14.08 34.76 0.47
C ARG C 200 13.03 35.87 0.45
N ASP C 201 12.04 35.79 -0.46
CA ASP C 201 10.93 36.73 -0.46
C ASP C 201 9.67 35.98 -0.04
N PRO C 202 9.01 36.34 1.08
CA PRO C 202 7.84 35.56 1.51
C PRO C 202 6.78 35.45 0.43
N GLN C 203 6.52 36.52 -0.33
CA GLN C 203 5.46 36.48 -1.34
C GLN C 203 5.85 35.57 -2.49
N ALA C 204 7.10 35.67 -2.96
CA ALA C 204 7.56 34.78 -4.01
C ALA C 204 7.60 33.33 -3.55
N LEU C 205 7.98 33.10 -2.29
CA LEU C 205 8.02 31.74 -1.75
C LEU C 205 6.64 31.12 -1.72
N THR C 206 5.64 31.87 -1.23
CA THR C 206 4.25 31.41 -1.30
C THR C 206 3.89 31.01 -2.72
N ALA C 207 4.18 31.87 -3.70
CA ALA C 207 3.84 31.57 -5.08
C ALA C 207 4.49 30.28 -5.53
N HIS C 208 5.76 30.08 -5.16
CA HIS C 208 6.44 28.83 -5.48
C HIS C 208 5.69 27.63 -4.89
N CYS C 209 5.33 27.72 -3.61
CA CYS C 209 4.67 26.60 -2.95
C CYS C 209 3.29 26.34 -3.55
N ILE C 210 2.54 27.39 -3.83
CA ILE C 210 1.21 27.23 -4.41
C ILE C 210 1.31 26.61 -5.80
N ARG C 211 2.32 27.02 -6.58
CA ARG C 211 2.53 26.42 -7.88
C ARG C 211 2.83 24.93 -7.76
N GLN C 212 3.71 24.58 -6.83
CA GLN C 212 3.99 23.16 -6.58
C GLN C 212 2.73 22.41 -6.19
N LEU C 213 1.91 23.02 -5.33
CA LEU C 213 0.67 22.38 -4.92
C LEU C 213 -0.26 22.13 -6.10
N GLU C 214 -0.45 23.15 -6.95
CA GLU C 214 -1.28 22.97 -8.13
C GLU C 214 -0.74 21.86 -9.03
N GLU C 215 0.57 21.82 -9.21
CA GLU C 215 1.16 20.79 -10.07
C GLU C 215 0.97 19.40 -9.47
N GLN C 216 1.10 19.28 -8.15
CA GLN C 216 0.88 17.99 -7.51
C GLN C 216 -0.57 17.54 -7.67
N ILE C 217 -1.51 18.46 -7.46
CA ILE C 217 -2.93 18.14 -7.62
C ILE C 217 -3.22 17.72 -9.06
N ALA C 218 -2.71 18.50 -10.02
CA ALA C 218 -2.91 18.15 -11.42
C ALA C 218 -2.37 16.75 -11.71
N LEU C 219 -1.23 16.41 -11.11
CA LEU C 219 -0.61 15.10 -11.34
C LEU C 219 -1.44 13.97 -10.74
N LEU C 220 -1.96 14.18 -9.52
CA LEU C 220 -2.71 13.12 -8.85
C LEU C 220 -4.16 13.09 -9.31
N GLY C 221 -4.71 14.23 -9.70
CA GLY C 221 -6.12 14.31 -10.00
C GLY C 221 -6.89 14.68 -8.74
N ALA C 222 -7.48 15.87 -8.75
CA ALA C 222 -8.21 16.35 -7.57
C ALA C 222 -9.18 15.31 -7.06
N GLN C 223 -9.76 14.53 -7.96
CA GLN C 223 -10.80 13.58 -7.59
C GLN C 223 -10.27 12.41 -6.78
N THR C 224 -8.94 12.30 -6.59
CA THR C 224 -8.37 11.24 -5.78
C THR C 224 -7.89 11.74 -4.43
N ILE C 225 -8.02 13.03 -4.14
CA ILE C 225 -7.40 13.65 -2.97
C ILE C 225 -8.48 13.97 -1.96
N ALA C 226 -8.34 13.43 -0.75
CA ALA C 226 -9.34 13.62 0.29
C ALA C 226 -9.13 14.93 1.04
N ALA C 227 -7.90 15.20 1.46
CA ALA C 227 -7.67 16.30 2.39
C ALA C 227 -6.20 16.68 2.39
N LEU C 228 -5.95 17.92 2.80
CA LEU C 228 -4.61 18.42 3.08
C LEU C 228 -4.55 18.83 4.55
N ILE C 229 -3.46 18.46 5.22
CA ILE C 229 -3.30 18.73 6.64
C ILE C 229 -2.04 19.56 6.85
N ALA C 230 -2.14 20.58 7.71
CA ALA C 230 -1.02 21.47 7.93
C ALA C 230 -1.16 22.16 9.27
N GLU C 231 -0.01 22.53 9.86
CA GLU C 231 0.05 23.32 11.07
C GLU C 231 0.13 24.80 10.72
N PRO C 232 -0.69 25.68 11.31
CA PRO C 232 -0.56 27.12 11.03
C PRO C 232 0.82 27.66 11.34
N VAL C 233 1.48 27.13 12.36
CA VAL C 233 2.91 27.28 12.57
C VAL C 233 3.44 25.91 12.91
N GLN C 234 4.41 25.43 12.14
CA GLN C 234 4.94 24.08 12.32
C GLN C 234 5.82 24.04 13.57
N GLY C 235 5.45 23.21 14.53
CA GLY C 235 6.10 23.21 15.83
C GLY C 235 7.33 22.34 15.91
N ALA C 236 7.13 21.03 16.10
CA ALA C 236 8.25 20.13 16.27
C ALA C 236 9.20 20.15 15.07
N GLY C 237 8.70 20.54 13.89
CA GLY C 237 9.54 20.69 12.73
C GLY C 237 10.48 21.87 12.76
N GLY C 238 10.31 22.77 13.73
CA GLY C 238 11.27 23.84 13.94
C GLY C 238 10.69 25.24 14.07
N VAL C 239 9.43 25.35 14.47
CA VAL C 239 8.75 26.63 14.57
C VAL C 239 8.92 27.37 13.26
N ILE C 240 8.31 26.83 12.20
CA ILE C 240 8.39 27.42 10.87
C ILE C 240 7.15 28.29 10.69
N VAL C 241 7.36 29.60 10.67
CA VAL C 241 6.28 30.57 10.52
C VAL C 241 6.09 30.84 9.03
N PRO C 242 4.95 30.48 8.43
CA PRO C 242 4.78 30.68 6.99
C PRO C 242 4.57 32.14 6.66
N PRO C 243 4.78 32.53 5.39
CA PRO C 243 4.38 33.87 4.97
C PRO C 243 2.91 34.14 5.27
N ALA C 244 2.61 35.42 5.51
CA ALA C 244 1.25 35.78 5.92
C ALA C 244 0.21 35.38 4.89
N ASP C 245 0.57 35.42 3.60
CA ASP C 245 -0.40 35.12 2.54
C ASP C 245 -0.45 33.64 2.15
N TYR C 246 0.30 32.78 2.83
CA TYR C 246 0.36 31.37 2.44
C TYR C 246 -0.94 30.65 2.79
N TRP C 247 -1.39 30.75 4.04
CA TRP C 247 -2.58 30.01 4.44
C TRP C 247 -3.82 30.47 3.69
N PRO C 248 -4.04 31.76 3.45
CA PRO C 248 -5.14 32.15 2.55
C PRO C 248 -5.06 31.47 1.19
N ARG C 249 -3.89 31.43 0.58
N ARG C 249 -3.89 31.45 0.57
CA ARG C 249 -3.78 30.78 -0.73
CA ARG C 249 -3.74 30.78 -0.72
C ARG C 249 -3.81 29.26 -0.62
C ARG C 249 -3.90 29.28 -0.58
N LEU C 250 -3.41 28.72 0.53
CA LEU C 250 -3.59 27.30 0.79
C LEU C 250 -5.07 26.94 0.85
N ARG C 251 -5.85 27.74 1.59
CA ARG C 251 -7.29 27.54 1.64
C ARG C 251 -7.91 27.63 0.25
N GLU C 252 -7.45 28.58 -0.55
CA GLU C 252 -8.08 28.83 -1.84
C GLU C 252 -7.84 27.70 -2.82
N VAL C 253 -6.62 27.17 -2.88
CA VAL C 253 -6.32 26.07 -3.78
C VAL C 253 -7.10 24.83 -3.38
N CYS C 254 -7.16 24.54 -2.09
CA CYS C 254 -7.96 23.40 -1.63
C CYS C 254 -9.41 23.54 -2.10
N ASP C 255 -10.00 24.72 -1.89
CA ASP C 255 -11.36 24.96 -2.34
C ASP C 255 -11.48 24.86 -3.85
N ARG C 256 -10.47 25.34 -4.58
CA ARG C 256 -10.48 25.21 -6.04
C ARG C 256 -10.76 23.78 -6.45
N HIS C 257 -10.32 22.81 -5.65
CA HIS C 257 -10.38 21.40 -6.00
C HIS C 257 -11.24 20.60 -5.02
N GLY C 258 -11.97 21.26 -4.13
CA GLY C 258 -12.84 20.59 -3.19
C GLY C 258 -12.13 19.88 -2.06
N ILE C 259 -10.79 19.96 -2.00
CA ILE C 259 -10.04 19.22 -1.00
C ILE C 259 -10.31 19.79 0.39
N LEU C 260 -10.49 18.90 1.35
CA LEU C 260 -10.69 19.32 2.73
C LEU C 260 -9.39 19.83 3.32
N LEU C 261 -9.47 20.95 4.02
CA LEU C 261 -8.32 21.53 4.70
C LEU C 261 -8.41 21.18 6.18
N ILE C 262 -7.44 20.38 6.65
CA ILE C 262 -7.34 20.00 8.07
C ILE C 262 -6.29 20.91 8.69
N ALA C 263 -6.70 21.72 9.66
CA ALA C 263 -5.76 22.54 10.42
C ALA C 263 -5.35 21.77 11.66
N ASP C 264 -4.09 21.36 11.72
CA ASP C 264 -3.54 20.73 12.92
C ASP C 264 -3.21 21.85 13.91
N GLU C 265 -4.17 22.15 14.78
CA GLU C 265 -4.04 23.20 15.79
C GLU C 265 -3.68 22.63 17.16
N VAL C 266 -3.04 21.47 17.19
CA VAL C 266 -2.71 20.84 18.47
C VAL C 266 -1.81 21.76 19.29
N VAL C 267 -0.86 22.42 18.66
CA VAL C 267 0.02 23.34 19.37
C VAL C 267 -0.54 24.76 19.38
N THR C 268 -0.99 25.24 18.22
CA THR C 268 -1.38 26.64 18.09
C THR C 268 -2.78 26.92 18.63
N GLY C 269 -3.61 25.90 18.76
CA GLY C 269 -4.94 26.09 19.28
C GLY C 269 -4.91 26.66 20.69
N PHE C 270 -5.72 27.69 20.92
CA PHE C 270 -5.94 28.31 22.22
C PHE C 270 -4.83 29.27 22.62
N GLY C 271 -4.07 29.82 21.67
CA GLY C 271 -3.41 31.10 21.87
C GLY C 271 -1.90 31.13 21.70
N ARG C 272 -1.19 30.02 21.58
CA ARG C 272 0.27 30.08 21.66
C ARG C 272 0.86 31.02 20.62
N SER C 273 0.29 31.04 19.41
CA SER C 273 0.82 31.91 18.34
C SER C 273 0.20 33.30 18.34
N GLY C 274 -0.59 33.64 19.35
CA GLY C 274 -1.18 34.96 19.46
C GLY C 274 -2.65 35.04 19.10
N CYS C 275 -3.27 33.94 18.68
CA CYS C 275 -4.68 33.91 18.31
C CYS C 275 -5.27 32.61 18.83
N MET C 276 -6.58 32.65 19.10
CA MET C 276 -7.25 31.45 19.61
C MET C 276 -7.07 30.27 18.65
N LEU C 277 -6.92 30.56 17.35
CA LEU C 277 -6.55 29.56 16.36
C LEU C 277 -5.50 30.16 15.44
N GLY C 278 -4.48 29.36 15.12
CA GLY C 278 -3.49 29.80 14.15
C GLY C 278 -4.12 30.10 12.80
N SER C 279 -5.02 29.22 12.35
CA SER C 279 -5.68 29.44 11.07
C SER C 279 -6.49 30.73 11.07
N ARG C 280 -7.22 30.99 12.15
CA ARG C 280 -7.92 32.26 12.28
C ARG C 280 -6.93 33.42 12.28
N GLY C 281 -5.77 33.22 12.91
CA GLY C 281 -4.75 34.25 12.91
C GLY C 281 -4.30 34.63 11.51
N TRP C 282 -4.33 33.68 10.58
CA TRP C 282 -4.04 33.96 9.19
C TRP C 282 -5.28 34.35 8.39
N GLY C 283 -6.46 34.41 9.04
CA GLY C 283 -7.67 34.78 8.34
C GLY C 283 -8.30 33.66 7.53
N VAL C 284 -8.21 32.42 8.01
CA VAL C 284 -8.63 31.24 7.24
C VAL C 284 -9.55 30.39 8.10
N ALA C 285 -10.55 29.78 7.44
CA ALA C 285 -11.44 28.83 8.10
C ALA C 285 -11.18 27.44 7.54
N PRO C 286 -10.62 26.51 8.30
CA PRO C 286 -10.46 25.14 7.80
C PRO C 286 -11.78 24.39 7.83
N ASP C 287 -11.77 23.21 7.21
CA ASP C 287 -12.91 22.31 7.28
C ASP C 287 -12.88 21.42 8.51
N ILE C 288 -11.68 21.14 9.03
CA ILE C 288 -11.51 20.28 10.19
C ILE C 288 -10.45 20.90 11.09
N LEU C 289 -10.68 20.84 12.39
CA LEU C 289 -9.74 21.31 13.40
C LEU C 289 -9.30 20.14 14.27
N CYS C 290 -7.99 20.03 14.50
CA CYS C 290 -7.43 19.06 15.43
C CYS C 290 -6.92 19.81 16.65
N LEU C 291 -7.36 19.38 17.83
CA LEU C 291 -7.03 20.06 19.07
C LEU C 291 -6.56 19.06 20.11
N ALA C 292 -5.63 19.49 20.94
CA ALA C 292 -5.20 18.72 22.10
C ALA C 292 -4.33 19.61 22.97
N LYS C 293 -3.31 19.02 23.59
CA LYS C 293 -2.31 19.74 24.40
C LYS C 293 -2.96 20.80 25.25
N GLY C 294 -3.01 22.04 24.75
CA GLY C 294 -3.50 23.15 25.55
C GLY C 294 -4.97 23.10 25.93
N ILE C 295 -5.73 22.20 25.32
CA ILE C 295 -7.17 22.15 25.56
C ILE C 295 -7.46 21.82 27.03
N THR C 296 -6.60 21.03 27.66
CA THR C 296 -6.69 20.78 29.11
C THR C 296 -5.44 21.23 29.85
N ALA C 297 -4.53 21.92 29.17
CA ALA C 297 -3.27 22.36 29.77
C ALA C 297 -2.52 21.18 30.39
N GLY C 298 -2.71 19.98 29.84
CA GLY C 298 -1.99 18.81 30.29
C GLY C 298 -2.52 18.17 31.56
N TYR C 299 -3.55 18.75 32.18
CA TYR C 299 -4.04 18.22 33.45
C TYR C 299 -4.69 16.85 33.28
N ILE C 300 -5.47 16.66 32.22
CA ILE C 300 -6.07 15.37 31.89
C ILE C 300 -5.94 15.15 30.38
N PRO C 301 -5.54 13.98 29.91
CA PRO C 301 -5.45 13.77 28.47
C PRO C 301 -6.77 14.02 27.76
N LEU C 302 -6.73 14.83 26.71
CA LEU C 302 -7.92 15.13 25.93
C LEU C 302 -7.50 15.60 24.55
N GLY C 303 -8.20 15.12 23.53
CA GLY C 303 -8.07 15.65 22.20
C GLY C 303 -9.44 15.85 21.59
N ALA C 304 -9.48 16.66 20.54
CA ALA C 304 -10.75 16.96 19.90
C ALA C 304 -10.54 17.20 18.41
N THR C 305 -11.45 16.65 17.61
CA THR C 305 -11.49 16.88 16.18
C THR C 305 -12.85 17.49 15.87
N LEU C 306 -12.84 18.68 15.28
CA LEU C 306 -14.06 19.42 14.98
C LEU C 306 -14.29 19.43 13.48
N PHE C 307 -15.56 19.29 13.09
CA PHE C 307 -15.97 19.21 11.69
C PHE C 307 -16.99 20.30 11.41
N ASN C 308 -16.82 20.98 10.27
CA ASN C 308 -17.72 22.08 9.94
C ASN C 308 -19.06 21.55 9.40
N GLN C 309 -19.99 22.46 9.19
CA GLN C 309 -21.35 22.09 8.76
C GLN C 309 -21.33 21.32 7.45
N ARG C 310 -20.45 21.72 6.52
CA ARG C 310 -20.32 20.99 5.27
C ARG C 310 -20.15 19.49 5.53
N ILE C 311 -19.20 19.14 6.40
CA ILE C 311 -18.91 17.73 6.67
C ILE C 311 -20.05 17.10 7.45
N ALA C 312 -20.52 17.77 8.50
CA ALA C 312 -21.59 17.20 9.32
C ALA C 312 -22.81 16.86 8.47
N ASP C 313 -23.22 17.78 7.60
CA ASP C 313 -24.40 17.57 6.78
C ASP C 313 -24.24 16.37 5.85
N ALA C 314 -23.07 16.26 5.20
CA ALA C 314 -22.86 15.18 4.25
C ALA C 314 -22.94 13.82 4.94
N ILE C 315 -22.26 13.67 6.08
CA ILE C 315 -22.21 12.37 6.74
C ILE C 315 -23.57 12.03 7.34
N GLU C 316 -24.17 12.98 8.06
CA GLU C 316 -25.46 12.71 8.70
C GLU C 316 -26.56 12.46 7.70
N ASN C 317 -26.40 12.90 6.44
CA ASN C 317 -27.34 12.59 5.37
C ASN C 317 -26.81 11.52 4.43
N GLY C 318 -25.74 10.82 4.81
CA GLY C 318 -25.18 9.82 3.93
C GLY C 318 -26.12 8.66 3.72
N GLN C 319 -25.98 8.02 2.56
CA GLN C 319 -26.83 6.89 2.19
C GLN C 319 -26.25 5.60 2.72
N GLY C 320 -27.14 4.69 3.13
CA GLY C 320 -26.69 3.37 3.54
C GLY C 320 -25.78 3.44 4.75
N PHE C 321 -24.63 2.78 4.64
CA PHE C 321 -23.74 2.69 5.79
C PHE C 321 -22.91 3.95 6.00
N SER C 322 -22.95 4.91 5.07
CA SER C 322 -22.04 6.04 5.13
C SER C 322 -22.36 7.01 6.26
N HIS C 323 -23.53 6.89 6.89
CA HIS C 323 -23.87 7.73 8.04
C HIS C 323 -23.54 7.05 9.36
N MET C 324 -23.07 5.80 9.32
CA MET C 324 -22.62 5.12 10.53
C MET C 324 -21.20 5.58 10.85
N ILE C 325 -21.01 6.15 12.03
CA ILE C 325 -19.69 6.63 12.45
C ILE C 325 -19.11 5.53 13.33
N MET C 326 -18.37 4.61 12.70
N MET C 326 -18.37 4.61 12.72
CA MET C 326 -17.76 3.45 13.37
CA MET C 326 -17.79 3.47 13.41
C MET C 326 -16.36 3.75 13.87
C MET C 326 -16.36 3.75 13.86
N HIS C 327 -16.14 4.94 14.42
CA HIS C 327 -14.82 5.35 14.88
C HIS C 327 -14.96 6.09 16.20
N GLY C 328 -14.11 5.74 17.16
CA GLY C 328 -14.08 6.43 18.41
C GLY C 328 -13.41 5.60 19.49
N TYR C 329 -13.24 6.23 20.64
CA TYR C 329 -12.39 5.70 21.69
C TYR C 329 -13.19 5.55 22.98
N THR C 330 -12.80 4.54 23.77
CA THR C 330 -13.41 4.34 25.07
C THR C 330 -13.50 5.64 25.85
N TYR C 331 -12.44 6.44 25.83
CA TYR C 331 -12.38 7.66 26.61
C TYR C 331 -12.79 8.91 25.82
N SER C 332 -13.39 8.73 24.65
CA SER C 332 -13.98 9.85 23.95
C SER C 332 -14.98 10.56 24.84
N GLY C 333 -14.74 11.84 25.08
CA GLY C 333 -15.65 12.64 25.88
C GLY C 333 -15.51 12.44 27.37
N HIS C 334 -14.37 11.90 27.82
CA HIS C 334 -14.15 11.57 29.23
C HIS C 334 -14.69 12.68 30.12
N PRO C 335 -15.65 12.39 31.00
CA PRO C 335 -16.24 13.46 31.83
C PRO C 335 -15.21 14.28 32.58
N THR C 336 -14.21 13.63 33.17
CA THR C 336 -13.24 14.36 33.98
C THR C 336 -12.33 15.21 33.10
N ALA C 337 -11.93 14.67 31.95
CA ALA C 337 -11.16 15.47 31.00
C ALA C 337 -11.97 16.67 30.52
N CYS C 338 -13.27 16.47 30.26
CA CYS C 338 -14.13 17.57 29.82
C CYS C 338 -14.27 18.64 30.90
N ALA C 339 -14.46 18.22 32.14
CA ALA C 339 -14.55 19.18 33.24
C ALA C 339 -13.28 20.00 33.35
N ALA C 340 -12.11 19.37 33.21
CA ALA C 340 -10.86 20.10 33.22
C ALA C 340 -10.80 21.09 32.06
N ALA C 341 -11.19 20.66 30.86
CA ALA C 341 -11.15 21.54 29.71
C ALA C 341 -12.00 22.79 29.93
N LEU C 342 -13.20 22.63 30.46
CA LEU C 342 -14.06 23.79 30.69
C LEU C 342 -13.37 24.79 31.60
N ALA C 343 -12.75 24.32 32.68
CA ALA C 343 -12.08 25.23 33.60
C ALA C 343 -10.85 25.84 32.95
N VAL C 344 -10.10 25.07 32.17
CA VAL C 344 -8.91 25.60 31.50
C VAL C 344 -9.30 26.70 30.52
N LEU C 345 -10.31 26.44 29.68
CA LEU C 345 -10.70 27.42 28.68
C LEU C 345 -11.20 28.71 29.31
N ASP C 346 -11.88 28.62 30.46
CA ASP C 346 -12.27 29.83 31.17
C ASP C 346 -11.06 30.71 31.44
N ILE C 347 -9.95 30.09 31.84
CA ILE C 347 -8.74 30.84 32.17
C ILE C 347 -8.12 31.43 30.91
N VAL C 348 -8.07 30.66 29.82
CA VAL C 348 -7.52 31.16 28.57
C VAL C 348 -8.24 32.44 28.15
N GLU C 349 -9.57 32.43 28.20
CA GLU C 349 -10.35 33.57 27.75
C GLU C 349 -10.32 34.70 28.77
N ALA C 350 -10.43 34.37 30.06
CA ALA C 350 -10.46 35.40 31.08
C ALA C 350 -9.16 36.20 31.12
N GLU C 351 -8.02 35.52 31.00
CA GLU C 351 -6.71 36.14 31.13
C GLU C 351 -6.11 36.54 29.78
N ASP C 352 -6.87 36.41 28.70
CA ASP C 352 -6.42 36.75 27.35
C ASP C 352 -4.99 36.24 27.12
N LEU C 353 -4.83 34.94 27.25
CA LEU C 353 -3.51 34.33 27.10
C LEU C 353 -3.05 34.38 25.65
N PRO C 354 -3.94 34.32 24.65
CA PRO C 354 -3.48 34.61 23.28
C PRO C 354 -2.86 35.98 23.14
N GLY C 355 -3.46 37.00 23.77
CA GLY C 355 -2.88 38.33 23.73
C GLY C 355 -1.55 38.42 24.46
N ASN C 356 -1.45 37.78 25.62
CA ASN C 356 -0.19 37.77 26.35
C ASN C 356 0.89 37.05 25.55
N ALA C 357 0.53 35.94 24.93
CA ALA C 357 1.49 35.21 24.09
C ALA C 357 2.00 36.08 22.96
N ALA C 358 1.10 36.84 22.32
CA ALA C 358 1.51 37.73 21.24
C ALA C 358 2.49 38.78 21.73
N LYS C 359 2.21 39.39 22.88
CA LYS C 359 3.03 40.50 23.35
C LYS C 359 4.34 40.02 23.96
N VAL C 360 4.28 39.09 24.92
CA VAL C 360 5.51 38.63 25.55
C VAL C 360 6.34 37.82 24.58
N GLY C 361 5.71 37.09 23.67
CA GLY C 361 6.45 36.34 22.68
C GLY C 361 7.21 37.23 21.72
N ALA C 362 6.59 38.34 21.29
CA ALA C 362 7.29 39.28 20.42
C ALA C 362 8.49 39.88 21.14
N GLN C 363 8.32 40.22 22.42
CA GLN C 363 9.42 40.73 23.22
C GLN C 363 10.54 39.73 23.30
N LEU C 364 10.21 38.50 23.69
CA LEU C 364 11.23 37.45 23.82
C LEU C 364 11.98 37.28 22.51
N LEU C 365 11.25 37.27 21.39
CA LEU C 365 11.88 37.07 20.08
C LEU C 365 12.91 38.15 19.79
N GLU C 366 12.55 39.43 20.01
CA GLU C 366 13.50 40.50 19.72
C GLU C 366 14.69 40.44 20.67
N GLN C 367 14.47 40.11 21.94
CA GLN C 367 15.56 40.05 22.90
C GLN C 367 16.55 38.95 22.59
N LEU C 368 16.16 37.94 21.82
CA LEU C 368 17.06 36.84 21.48
C LEU C 368 17.87 37.11 20.22
N GLN C 369 17.49 38.09 19.41
CA GLN C 369 18.18 38.31 18.14
C GLN C 369 19.67 38.56 18.33
N PRO C 370 20.14 39.24 19.36
CA PRO C 370 21.59 39.41 19.55
C PRO C 370 22.37 38.10 19.52
N LEU C 371 21.72 36.98 19.84
CA LEU C 371 22.43 35.69 19.79
C LEU C 371 22.88 35.36 18.38
N VAL C 372 22.08 35.72 17.38
CA VAL C 372 22.49 35.51 15.99
C VAL C 372 23.79 36.27 15.73
N GLU C 373 23.85 37.54 16.16
CA GLU C 373 25.06 38.33 16.02
C GLU C 373 26.26 37.63 16.65
N ARG C 374 26.10 37.17 17.88
CA ARG C 374 27.23 36.92 18.75
C ARG C 374 27.83 35.53 18.56
N TYR C 375 27.04 34.57 18.09
CA TYR C 375 27.44 33.16 18.04
C TYR C 375 27.26 32.61 16.64
N ALA C 376 28.34 32.06 16.09
CA ALA C 376 28.35 31.56 14.71
C ALA C 376 27.36 30.41 14.53
N VAL C 377 27.11 29.65 15.59
CA VAL C 377 26.28 28.46 15.47
C VAL C 377 24.80 28.81 15.36
N VAL C 378 24.39 30.01 15.78
CA VAL C 378 22.99 30.41 15.74
C VAL C 378 22.70 30.99 14.36
N GLY C 379 22.06 30.19 13.50
CA GLY C 379 21.74 30.65 12.16
C GLY C 379 20.65 31.73 12.15
N GLU C 380 19.53 31.45 12.81
CA GLU C 380 18.49 32.46 12.97
C GLU C 380 17.64 32.11 14.17
N VAL C 381 16.85 33.09 14.62
CA VAL C 381 15.87 32.91 15.67
C VAL C 381 14.53 33.40 15.14
N ARG C 382 13.54 32.52 15.12
CA ARG C 382 12.23 32.82 14.56
C ARG C 382 11.16 32.40 15.56
N GLY C 383 9.98 32.96 15.39
CA GLY C 383 8.88 32.62 16.26
C GLY C 383 7.64 33.43 15.94
N LYS C 384 6.55 33.04 16.60
CA LYS C 384 5.29 33.76 16.54
C LYS C 384 4.57 33.45 17.85
N GLY C 385 4.20 34.49 18.59
CA GLY C 385 3.71 34.25 19.93
C GLY C 385 4.80 33.60 20.77
N LEU C 386 4.40 32.62 21.59
CA LEU C 386 5.34 31.95 22.48
C LEU C 386 5.73 30.56 21.99
N MET C 387 5.98 30.44 20.68
CA MET C 387 6.73 29.32 20.14
C MET C 387 7.89 29.93 19.35
N ILE C 388 9.10 29.59 19.76
CA ILE C 388 10.31 30.19 19.23
C ILE C 388 11.35 29.09 19.03
N ALA C 389 12.14 29.21 17.97
CA ALA C 389 13.18 28.24 17.67
C ALA C 389 14.50 28.96 17.41
N LEU C 390 15.57 28.41 17.98
CA LEU C 390 16.93 28.80 17.65
C LEU C 390 17.46 27.75 16.68
N ASP C 391 17.70 28.15 15.44
CA ASP C 391 18.10 27.23 14.39
C ASP C 391 19.62 27.17 14.33
N LEU C 392 20.21 26.07 14.80
CA LEU C 392 21.66 25.95 14.93
C LEU C 392 22.24 25.30 13.68
N VAL C 393 23.31 25.90 13.15
CA VAL C 393 23.89 25.48 11.89
C VAL C 393 25.41 25.39 12.02
N SER C 394 26.00 24.56 11.15
CA SER C 394 27.44 24.51 11.00
C SER C 394 27.96 25.49 9.95
N ASP C 395 27.08 25.98 9.07
CA ASP C 395 27.45 26.93 8.02
C ASP C 395 26.25 27.78 7.68
N LYS C 396 26.37 29.10 7.82
CA LYS C 396 25.23 29.96 7.58
C LYS C 396 24.93 30.18 6.10
N ARG C 397 25.90 29.98 5.21
CA ARG C 397 25.62 30.14 3.79
C ARG C 397 24.64 29.08 3.30
N THR C 398 24.96 27.81 3.52
CA THR C 398 24.08 26.70 3.14
C THR C 398 23.04 26.38 4.21
N ARG C 399 23.17 26.96 5.40
CA ARG C 399 22.26 26.70 6.51
C ARG C 399 22.30 25.22 6.93
N GLN C 400 23.50 24.63 6.86
CA GLN C 400 23.67 23.22 7.20
C GLN C 400 23.33 22.99 8.67
N PRO C 401 22.32 22.17 8.98
CA PRO C 401 21.98 21.94 10.40
C PRO C 401 23.05 21.13 11.11
N LEU C 402 23.29 21.48 12.36
CA LEU C 402 24.04 20.61 13.25
C LEU C 402 23.40 19.23 13.32
N ASP C 403 24.22 18.22 13.57
CA ASP C 403 23.71 16.87 13.77
C ASP C 403 23.28 16.69 15.22
N PRO C 404 22.00 16.41 15.51
CA PRO C 404 21.60 16.26 16.91
C PRO C 404 22.31 15.13 17.61
N ALA C 405 22.59 14.04 16.89
CA ALA C 405 23.26 12.89 17.47
C ALA C 405 24.70 13.21 17.87
N ALA C 406 25.27 14.30 17.35
CA ALA C 406 26.57 14.76 17.82
C ALA C 406 26.49 15.45 19.17
N GLY C 407 25.29 15.91 19.56
CA GLY C 407 25.02 16.31 20.92
C GLY C 407 25.22 17.76 21.26
N GLN C 408 25.57 18.62 20.30
CA GLN C 408 25.82 20.00 20.69
C GLN C 408 24.53 20.68 21.12
N PRO C 409 23.40 20.48 20.43
CA PRO C 409 22.15 21.07 20.92
C PRO C 409 21.83 20.63 22.35
N SER C 410 22.05 19.36 22.65
CA SER C 410 21.78 18.86 24.00
C SER C 410 22.74 19.46 25.01
N ARG C 411 24.01 19.65 24.63
CA ARG C 411 24.96 20.26 25.57
C ARG C 411 24.58 21.69 25.89
N ILE C 412 24.18 22.45 24.87
CA ILE C 412 23.70 23.82 25.09
C ILE C 412 22.50 23.80 26.02
N ALA C 413 21.54 22.92 25.74
CA ALA C 413 20.36 22.80 26.59
C ALA C 413 20.75 22.45 28.03
N ASP C 414 21.68 21.51 28.20
CA ASP C 414 22.12 21.15 29.55
C ASP C 414 22.61 22.37 30.31
N GLU C 415 23.38 23.23 29.65
CA GLU C 415 23.89 24.42 30.33
C GLU C 415 22.78 25.39 30.66
N ALA C 416 21.76 25.49 29.80
CA ALA C 416 20.62 26.33 30.13
C ALA C 416 19.92 25.82 31.37
N ARG C 417 19.79 24.50 31.50
CA ARG C 417 19.17 23.92 32.68
C ARG C 417 19.96 24.28 33.94
N ARG C 418 21.28 24.17 33.87
CA ARG C 418 22.12 24.56 35.00
C ARG C 418 21.92 26.02 35.37
N ALA C 419 21.62 26.87 34.39
CA ALA C 419 21.33 28.28 34.66
C ALA C 419 19.90 28.49 35.13
N GLY C 420 19.08 27.46 35.16
CA GLY C 420 17.75 27.57 35.73
C GLY C 420 16.62 27.63 34.72
N VAL C 421 16.84 27.22 33.47
CA VAL C 421 15.80 27.24 32.45
C VAL C 421 15.89 25.96 31.65
N LEU C 422 14.78 25.22 31.60
CA LEU C 422 14.72 24.00 30.82
C LEU C 422 14.18 24.32 29.43
N VAL C 423 14.97 23.99 28.41
CA VAL C 423 14.57 24.16 27.02
C VAL C 423 14.78 22.83 26.31
N ARG C 424 14.12 22.69 25.16
CA ARG C 424 14.04 21.42 24.44
C ARG C 424 14.82 21.48 23.14
N PRO C 425 15.85 20.65 22.94
CA PRO C 425 16.45 20.49 21.62
C PRO C 425 15.68 19.46 20.81
N ILE C 426 15.22 19.87 19.63
CA ILE C 426 14.62 18.97 18.65
C ILE C 426 15.48 19.06 17.40
N GLY C 427 16.16 17.98 17.06
CA GLY C 427 17.09 18.03 15.95
C GLY C 427 18.15 19.08 16.20
N ASN C 428 18.33 19.98 15.24
CA ASN C 428 19.34 21.02 15.34
C ASN C 428 18.80 22.31 15.93
N LYS C 429 17.59 22.28 16.48
CA LYS C 429 16.91 23.49 16.93
C LYS C 429 16.64 23.44 18.43
N ILE C 430 16.82 24.57 19.10
CA ILE C 430 16.38 24.75 20.48
C ILE C 430 15.00 25.38 20.44
N ILE C 431 14.04 24.71 21.05
CA ILE C 431 12.64 25.15 21.02
C ILE C 431 12.30 25.81 22.34
N LEU C 432 11.68 26.98 22.27
CA LEU C 432 11.09 27.64 23.43
C LEU C 432 9.57 27.61 23.28
N SER C 433 8.89 27.05 24.26
CA SER C 433 7.44 26.95 24.24
C SER C 433 6.90 27.00 25.67
N PRO C 434 7.13 28.09 26.39
CA PRO C 434 6.77 28.12 27.82
C PRO C 434 5.27 28.32 27.99
N PRO C 435 4.78 28.26 29.22
CA PRO C 435 3.36 28.56 29.46
C PRO C 435 3.02 29.94 28.93
N LEU C 436 1.78 30.10 28.47
CA LEU C 436 1.35 31.36 27.90
C LEU C 436 1.13 32.44 28.95
N THR C 437 1.26 32.10 30.23
CA THR C 437 1.26 33.08 31.31
C THR C 437 2.64 33.70 31.53
N LEU C 438 3.61 33.41 30.67
CA LEU C 438 4.95 33.93 30.83
C LEU C 438 4.91 35.45 30.99
N THR C 439 5.69 35.95 31.94
CA THR C 439 5.81 37.37 32.20
C THR C 439 7.10 37.90 31.57
N ARG C 440 7.18 39.23 31.46
CA ARG C 440 8.37 39.84 30.87
C ARG C 440 9.61 39.51 31.69
N ASP C 441 9.48 39.51 33.02
CA ASP C 441 10.61 39.16 33.87
C ASP C 441 11.11 37.75 33.57
N GLU C 442 10.18 36.80 33.45
CA GLU C 442 10.56 35.43 33.17
C GLU C 442 11.20 35.30 31.78
N ALA C 443 10.69 36.05 30.80
CA ALA C 443 11.32 36.08 29.48
C ALA C 443 12.77 36.55 29.59
N GLY C 444 13.02 37.58 30.39
CA GLY C 444 14.39 38.03 30.60
C GLY C 444 15.28 36.96 31.20
N LEU C 445 14.73 36.17 32.12
CA LEU C 445 15.50 35.07 32.70
C LEU C 445 15.87 34.05 31.64
N MET C 446 14.94 33.79 30.70
CA MET C 446 15.23 32.85 29.62
C MET C 446 16.37 33.33 28.74
N VAL C 447 16.39 34.63 28.44
CA VAL C 447 17.45 35.19 27.60
C VAL C 447 18.80 35.04 28.29
N SER C 448 18.86 35.36 29.59
CA SER C 448 20.12 35.27 30.31
C SER C 448 20.64 33.84 30.35
N ALA C 449 19.78 32.88 30.66
CA ALA C 449 20.20 31.49 30.72
C ALA C 449 20.74 31.01 29.38
N LEU C 450 20.10 31.43 28.28
CA LEU C 450 20.55 31.02 26.96
C LEU C 450 21.89 31.68 26.61
N GLU C 451 22.04 32.95 26.92
CA GLU C 451 23.31 33.62 26.69
C GLU C 451 24.43 32.91 27.42
N ALA C 452 24.18 32.48 28.67
CA ALA C 452 25.19 31.72 29.41
C ALA C 452 25.49 30.41 28.73
N ALA C 453 24.47 29.76 28.15
CA ALA C 453 24.66 28.45 27.56
C ALA C 453 25.51 28.53 26.30
N PHE C 454 25.20 29.47 25.41
CA PHE C 454 25.99 29.61 24.19
C PHE C 454 27.39 30.11 24.50
N ALA C 455 27.53 30.98 25.50
CA ALA C 455 28.86 31.41 25.91
C ALA C 455 29.74 30.23 26.28
N ARG C 456 29.14 29.20 26.88
CA ARG C 456 29.91 28.04 27.32
C ARG C 456 30.02 26.97 26.23
N CYS C 457 28.93 26.70 25.52
CA CYS C 457 28.85 25.53 24.64
C CYS C 457 28.52 25.89 23.20
N GLY C 458 28.51 27.17 22.84
CA GLY C 458 28.19 27.58 21.49
C GLY C 458 29.42 27.65 20.60
N SER D 10 25.96 -28.29 -36.74
CA SER D 10 26.70 -28.40 -35.49
C SER D 10 26.23 -27.39 -34.46
N TYR D 11 26.15 -27.84 -33.21
CA TYR D 11 25.80 -26.99 -32.08
C TYR D 11 26.83 -27.12 -30.97
N GLU D 12 28.04 -27.56 -31.31
CA GLU D 12 29.04 -27.90 -30.29
C GLU D 12 29.32 -26.72 -29.36
N LYS D 13 29.41 -25.51 -29.90
CA LYS D 13 29.85 -24.38 -29.08
C LYS D 13 28.89 -24.05 -27.95
N TYR D 14 27.68 -24.61 -27.95
CA TYR D 14 26.72 -24.31 -26.89
C TYR D 14 26.86 -25.23 -25.69
N LYS D 15 27.53 -26.37 -25.83
CA LYS D 15 27.86 -27.17 -24.65
C LYS D 15 28.95 -26.46 -23.86
N ASN D 16 28.84 -26.51 -22.53
CA ASN D 16 29.82 -25.97 -21.61
C ASN D 16 29.98 -24.45 -21.68
N ALA D 17 29.26 -23.77 -22.58
CA ALA D 17 29.43 -22.33 -22.74
C ALA D 17 28.82 -21.59 -21.55
N GLU D 18 29.38 -20.41 -21.27
CA GLU D 18 28.91 -19.60 -20.16
C GLU D 18 27.51 -19.05 -20.45
N LYS D 19 26.62 -19.17 -19.47
CA LYS D 19 25.26 -18.66 -19.62
C LYS D 19 25.22 -17.21 -19.15
N LYS D 20 24.87 -16.31 -20.07
CA LYS D 20 24.79 -14.89 -19.79
C LYS D 20 23.36 -14.44 -19.62
N PHE D 21 22.41 -15.38 -19.62
CA PHE D 21 21.01 -15.12 -19.35
C PHE D 21 20.59 -15.96 -18.14
N TRP D 22 19.45 -15.58 -17.57
CA TRP D 22 18.88 -16.28 -16.44
C TRP D 22 17.66 -17.09 -16.87
N HIS D 23 17.55 -18.30 -16.34
CA HIS D 23 16.37 -19.13 -16.56
C HIS D 23 15.25 -18.67 -15.63
N PRO D 24 14.07 -18.30 -16.14
CA PRO D 24 12.95 -18.04 -15.25
C PRO D 24 12.56 -19.28 -14.46
N MET D 25 12.13 -19.07 -13.22
CA MET D 25 11.58 -20.12 -12.38
C MET D 25 12.61 -21.18 -12.00
N GLY D 26 13.87 -20.77 -11.80
CA GLY D 26 14.91 -21.72 -11.44
C GLY D 26 15.94 -21.07 -10.54
N SER D 27 16.73 -21.93 -9.90
CA SER D 27 17.84 -21.44 -9.10
C SER D 27 18.91 -20.84 -10.01
N SER D 28 19.38 -19.65 -9.65
CA SER D 28 20.49 -19.02 -10.34
C SER D 28 21.84 -19.38 -9.72
N ALA D 29 21.82 -20.14 -8.64
CA ALA D 29 23.05 -20.50 -7.93
C ALA D 29 23.82 -21.58 -8.68
N ALA D 30 25.14 -21.50 -8.60
CA ALA D 30 25.95 -22.61 -9.04
C ALA D 30 25.99 -23.66 -7.93
N PRO D 31 26.18 -24.94 -8.28
CA PRO D 31 26.40 -25.46 -9.63
C PRO D 31 25.11 -25.71 -10.44
N HIS D 32 23.94 -25.52 -9.82
CA HIS D 32 22.70 -25.84 -10.50
C HIS D 32 22.60 -25.12 -11.84
N ARG D 33 22.97 -23.84 -11.88
CA ARG D 33 22.80 -23.07 -13.11
C ARG D 33 23.69 -23.56 -14.24
N ASP D 34 24.72 -24.36 -13.93
CA ASP D 34 25.62 -24.84 -14.97
C ASP D 34 24.94 -25.84 -15.90
N LYS D 35 23.97 -26.61 -15.40
CA LYS D 35 23.32 -27.62 -16.23
C LYS D 35 22.34 -26.95 -17.20
N THR D 36 22.31 -27.46 -18.43
CA THR D 36 21.36 -26.95 -19.42
C THR D 36 20.96 -28.06 -20.37
N LEU D 37 19.67 -28.16 -20.64
CA LEU D 37 19.15 -28.91 -21.78
C LEU D 37 18.90 -27.90 -22.89
N VAL D 38 19.73 -27.96 -23.94
CA VAL D 38 19.68 -26.99 -25.03
C VAL D 38 18.91 -27.63 -26.18
N ILE D 39 17.74 -27.08 -26.48
CA ILE D 39 16.90 -27.55 -27.58
C ILE D 39 17.29 -26.84 -28.86
N ALA D 40 17.57 -27.61 -29.90
CA ALA D 40 18.05 -27.06 -31.16
C ALA D 40 16.96 -26.92 -32.20
N ARG D 41 16.00 -27.84 -32.27
CA ARG D 41 14.93 -27.69 -33.24
C ARG D 41 13.67 -28.41 -32.77
N GLY D 42 12.56 -28.02 -33.38
CA GLY D 42 11.25 -28.60 -33.12
C GLY D 42 10.50 -28.90 -34.40
N ASP D 43 9.83 -30.05 -34.47
CA ASP D 43 9.06 -30.43 -35.65
C ASP D 43 7.87 -31.26 -35.18
N GLY D 44 6.67 -30.84 -35.55
CA GLY D 44 5.49 -31.52 -35.06
C GLY D 44 5.48 -31.46 -33.55
N ASN D 45 5.39 -32.64 -32.91
CA ASN D 45 5.37 -32.73 -31.46
C ASN D 45 6.67 -33.25 -30.89
N TYR D 46 7.75 -33.21 -31.67
CA TYR D 46 9.06 -33.66 -31.20
C TYR D 46 10.04 -32.49 -31.20
N ILE D 47 10.95 -32.52 -30.24
CA ILE D 47 12.03 -31.55 -30.16
C ILE D 47 13.34 -32.33 -30.06
N THR D 48 14.42 -31.71 -30.52
CA THR D 48 15.73 -32.34 -30.62
C THR D 48 16.75 -31.44 -29.95
N ASP D 49 17.56 -32.01 -29.06
CA ASP D 49 18.56 -31.23 -28.36
C ASP D 49 19.85 -31.19 -29.18
N ILE D 50 20.85 -30.46 -28.70
CA ILE D 50 22.07 -30.23 -29.46
C ILE D 50 22.90 -31.50 -29.62
N ASP D 51 22.63 -32.54 -28.83
CA ASP D 51 23.30 -33.83 -28.98
C ASP D 51 22.58 -34.75 -29.96
N GLY D 52 21.50 -34.29 -30.59
CA GLY D 52 20.73 -35.13 -31.48
C GLY D 52 19.70 -36.01 -30.82
N GLN D 53 19.53 -35.89 -29.50
CA GLN D 53 18.53 -36.67 -28.79
C GLN D 53 17.14 -36.08 -29.01
N ARG D 54 16.20 -36.92 -29.41
CA ARG D 54 14.84 -36.53 -29.70
C ARG D 54 13.94 -36.91 -28.53
N MET D 55 12.93 -36.08 -28.29
CA MET D 55 11.96 -36.36 -27.24
C MET D 55 10.64 -35.73 -27.62
N LEU D 56 9.55 -36.41 -27.24
CA LEU D 56 8.23 -35.81 -27.35
C LEU D 56 8.15 -34.57 -26.48
N ASP D 57 7.52 -33.52 -27.02
CA ASP D 57 7.38 -32.25 -26.31
C ASP D 57 6.16 -32.38 -25.39
N GLY D 58 6.35 -33.10 -24.28
CA GLY D 58 5.28 -33.36 -23.34
C GLY D 58 4.78 -32.13 -22.62
N VAL D 59 5.53 -31.02 -22.70
CA VAL D 59 5.13 -29.77 -22.08
C VAL D 59 4.61 -28.76 -23.10
N GLY D 60 4.63 -29.10 -24.38
CA GLY D 60 4.11 -28.21 -25.41
C GLY D 60 4.77 -26.86 -25.43
N GLY D 61 6.10 -26.83 -25.26
CA GLY D 61 6.81 -25.58 -25.06
C GLY D 61 6.60 -25.12 -23.64
N LEU D 62 5.55 -24.33 -23.43
CA LEU D 62 5.07 -23.93 -22.11
C LEU D 62 3.54 -23.77 -22.21
N TRP D 63 2.84 -24.90 -22.27
CA TRP D 63 1.40 -24.96 -22.59
C TRP D 63 1.01 -24.06 -23.75
N ASN D 64 1.86 -23.89 -24.77
CA ASN D 64 1.52 -22.92 -25.80
C ASN D 64 1.72 -23.38 -27.24
N VAL D 65 2.60 -24.35 -27.52
CA VAL D 65 2.80 -24.78 -28.89
C VAL D 65 1.68 -25.75 -29.25
N ASN D 66 0.46 -25.23 -29.36
CA ASN D 66 -0.71 -26.10 -29.36
C ASN D 66 -0.98 -26.76 -30.71
N ILE D 67 -0.40 -26.26 -31.79
CA ILE D 67 -0.58 -26.85 -33.12
C ILE D 67 0.67 -27.58 -33.58
N GLY D 68 1.68 -27.71 -32.72
CA GLY D 68 2.92 -28.35 -33.10
C GLY D 68 3.92 -27.38 -33.69
N HIS D 69 5.17 -27.84 -33.76
CA HIS D 69 6.27 -27.04 -34.26
C HIS D 69 6.35 -27.11 -35.78
N ASN D 70 6.77 -26.01 -36.39
CA ASN D 70 7.19 -26.00 -37.80
C ASN D 70 6.00 -26.18 -38.74
N ARG D 71 4.91 -25.45 -38.48
CA ARG D 71 3.79 -25.46 -39.40
C ARG D 71 4.10 -24.54 -40.57
N ALA D 72 4.15 -25.11 -41.78
CA ALA D 72 4.50 -24.32 -42.96
C ALA D 72 3.55 -23.15 -43.15
N SER D 73 2.25 -23.37 -42.99
CA SER D 73 1.29 -22.32 -43.31
C SER D 73 1.47 -21.11 -42.39
N VAL D 74 1.85 -21.35 -41.13
CA VAL D 74 2.06 -20.24 -40.21
C VAL D 74 3.34 -19.50 -40.56
N LYS D 75 4.42 -20.24 -40.82
CA LYS D 75 5.66 -19.60 -41.24
C LYS D 75 5.42 -18.75 -42.49
N ALA D 76 4.63 -19.25 -43.44
CA ALA D 76 4.35 -18.49 -44.64
C ALA D 76 3.55 -17.24 -44.33
N ALA D 77 2.55 -17.36 -43.45
CA ALA D 77 1.75 -16.19 -43.08
C ALA D 77 2.62 -15.12 -42.44
N ILE D 78 3.57 -15.53 -41.60
CA ILE D 78 4.48 -14.57 -40.98
C ILE D 78 5.32 -13.87 -42.06
N ALA D 79 5.96 -14.66 -42.91
CA ALA D 79 6.81 -14.08 -43.95
C ALA D 79 6.02 -13.14 -44.83
N ALA D 80 4.77 -13.49 -45.12
CA ALA D 80 3.94 -12.66 -45.98
C ALA D 80 3.65 -11.31 -45.33
N GLN D 81 3.35 -11.30 -44.02
CA GLN D 81 3.07 -10.05 -43.35
C GLN D 81 4.32 -9.21 -43.18
N LEU D 82 5.48 -9.85 -42.96
CA LEU D 82 6.73 -9.11 -42.90
C LEU D 82 6.99 -8.35 -44.20
N ASP D 83 6.65 -8.97 -45.34
CA ASP D 83 6.85 -8.29 -46.63
C ASP D 83 5.89 -7.14 -46.82
N GLU D 84 4.71 -7.21 -46.20
CA GLU D 84 3.66 -6.20 -46.37
C GLU D 84 3.82 -5.07 -45.35
N LEU D 85 3.80 -5.44 -44.07
CA LEU D 85 3.93 -4.45 -43.01
C LEU D 85 4.28 -5.25 -41.76
N ALA D 86 5.58 -5.34 -41.45
CA ALA D 86 6.00 -6.06 -40.26
C ALA D 86 5.38 -5.44 -39.02
N TYR D 87 5.42 -4.11 -38.92
CA TYR D 87 4.92 -3.45 -37.74
C TYR D 87 4.39 -2.06 -38.06
N TYR D 88 3.25 -1.72 -37.47
CA TYR D 88 2.92 -0.34 -37.21
C TYR D 88 2.02 -0.25 -35.98
N GLN D 89 1.98 0.94 -35.40
CA GLN D 89 1.29 1.16 -34.14
C GLN D 89 -0.22 1.13 -34.32
N THR D 90 -0.92 1.05 -33.18
CA THR D 90 -2.38 1.13 -33.15
C THR D 90 -2.86 2.17 -32.15
N PHE D 91 -2.01 3.12 -31.78
CA PHE D 91 -2.41 4.13 -30.81
C PHE D 91 -3.39 5.12 -31.45
N ASP D 92 -4.03 5.90 -30.58
CA ASP D 92 -5.08 6.86 -30.93
C ASP D 92 -5.21 7.17 -32.42
N GLY D 93 -6.24 6.61 -33.05
CA GLY D 93 -6.64 6.97 -34.40
C GLY D 93 -5.89 6.28 -35.52
N ILE D 94 -4.89 5.46 -35.20
CA ILE D 94 -4.09 4.76 -36.20
C ILE D 94 -4.24 3.27 -35.99
N ALA D 95 -4.27 2.50 -37.08
CA ALA D 95 -4.33 1.05 -37.00
C ALA D 95 -3.88 0.49 -38.35
N HIS D 96 -4.19 -0.79 -38.60
CA HIS D 96 -3.76 -1.49 -39.79
C HIS D 96 -4.69 -2.66 -40.03
N PRO D 97 -4.66 -3.27 -41.22
CA PRO D 97 -5.67 -4.29 -41.54
C PRO D 97 -5.68 -5.49 -40.59
N ARG D 98 -4.52 -6.00 -40.19
CA ARG D 98 -4.50 -7.26 -39.43
C ARG D 98 -5.18 -7.12 -38.08
N VAL D 99 -5.05 -5.97 -37.44
CA VAL D 99 -5.67 -5.83 -36.12
C VAL D 99 -7.18 -5.76 -36.24
N PHE D 100 -7.69 -5.16 -37.32
CA PHE D 100 -9.10 -5.28 -37.64
C PHE D 100 -9.49 -6.74 -37.82
N ASP D 101 -8.72 -7.47 -38.63
CA ASP D 101 -9.06 -8.86 -38.94
C ASP D 101 -9.16 -9.69 -37.66
N LEU D 102 -8.15 -9.60 -36.80
CA LEU D 102 -8.11 -10.47 -35.63
C LEU D 102 -9.15 -10.06 -34.59
N ALA D 103 -9.36 -8.75 -34.40
CA ALA D 103 -10.39 -8.32 -33.47
C ALA D 103 -11.75 -8.84 -33.89
N GLU D 104 -12.08 -8.73 -35.18
CA GLU D 104 -13.32 -9.29 -35.68
C GLU D 104 -13.38 -10.79 -35.44
N ARG D 105 -12.30 -11.50 -35.78
CA ARG D 105 -12.25 -12.94 -35.62
C ARG D 105 -12.55 -13.33 -34.17
N LEU D 106 -11.85 -12.71 -33.21
CA LEU D 106 -11.98 -13.11 -31.81
C LEU D 106 -13.38 -12.78 -31.26
N THR D 107 -13.86 -11.57 -31.51
CA THR D 107 -15.21 -11.23 -31.06
C THR D 107 -16.25 -12.15 -31.72
N GLY D 108 -15.97 -12.61 -32.94
CA GLY D 108 -16.86 -13.59 -33.55
C GLY D 108 -16.78 -14.94 -32.88
N MET D 109 -15.56 -15.41 -32.62
CA MET D 109 -15.39 -16.69 -31.94
C MET D 109 -16.05 -16.69 -30.58
N PHE D 110 -16.05 -15.54 -29.89
CA PHE D 110 -16.57 -15.44 -28.53
C PHE D 110 -17.84 -14.61 -28.47
N ALA D 111 -18.67 -14.69 -29.51
CA ALA D 111 -19.98 -14.04 -29.50
C ALA D 111 -20.86 -14.62 -28.40
N GLN D 112 -20.77 -15.93 -28.17
CA GLN D 112 -21.55 -16.56 -27.11
C GLN D 112 -21.37 -15.82 -25.79
N GLU D 113 -20.16 -15.34 -25.53
CA GLU D 113 -19.86 -14.59 -24.32
C GLU D 113 -20.07 -13.10 -24.47
N ARG D 114 -20.61 -12.65 -25.61
CA ARG D 114 -20.90 -11.24 -25.85
C ARG D 114 -19.66 -10.36 -25.69
N MET D 115 -18.53 -10.84 -26.19
CA MET D 115 -17.30 -10.05 -26.17
C MET D 115 -17.39 -8.98 -27.24
N ALA D 116 -17.03 -7.76 -26.86
CA ALA D 116 -17.26 -6.58 -27.72
C ALA D 116 -15.98 -5.88 -28.12
N ARG D 117 -14.98 -5.81 -27.24
CA ARG D 117 -13.75 -5.08 -27.51
C ARG D 117 -12.55 -5.91 -27.07
N VAL D 118 -11.44 -5.76 -27.81
CA VAL D 118 -10.19 -6.43 -27.51
C VAL D 118 -9.10 -5.38 -27.32
N LEU D 119 -8.23 -5.61 -26.36
CA LEU D 119 -7.04 -4.79 -26.17
C LEU D 119 -5.86 -5.77 -26.22
N PHE D 120 -5.10 -5.71 -27.32
CA PHE D 120 -4.05 -6.68 -27.57
C PHE D 120 -2.77 -6.33 -26.81
N SER D 121 -1.93 -7.33 -26.65
CA SER D 121 -0.64 -7.21 -25.98
C SER D 121 0.25 -8.33 -26.52
N SER D 122 1.28 -8.71 -25.76
CA SER D 122 2.28 -9.67 -26.24
C SER D 122 2.41 -10.93 -25.39
N GLY D 123 1.57 -11.12 -24.39
CA GLY D 123 1.68 -12.33 -23.58
C GLY D 123 0.58 -12.40 -22.54
N GLY D 124 0.66 -13.46 -21.73
CA GLY D 124 -0.36 -13.69 -20.71
C GLY D 124 -0.28 -12.73 -19.54
N SER D 125 0.93 -12.44 -19.08
CA SER D 125 1.09 -11.45 -18.01
C SER D 125 0.52 -10.10 -18.45
N ASP D 126 0.81 -9.69 -19.70
CA ASP D 126 0.19 -8.50 -20.25
C ASP D 126 -1.33 -8.58 -20.19
N ALA D 127 -1.87 -9.71 -20.66
CA ALA D 127 -3.32 -9.83 -20.77
C ALA D 127 -3.99 -9.73 -19.40
N VAL D 128 -3.36 -10.32 -18.38
CA VAL D 128 -3.86 -10.21 -17.02
C VAL D 128 -3.74 -8.77 -16.54
N GLU D 129 -2.54 -8.20 -16.66
CA GLU D 129 -2.31 -6.82 -16.23
C GLU D 129 -3.33 -5.88 -16.86
N THR D 130 -3.60 -6.06 -18.15
CA THR D 130 -4.57 -5.23 -18.85
C THR D 130 -5.96 -5.42 -18.27
N ALA D 131 -6.33 -6.66 -17.97
CA ALA D 131 -7.63 -6.93 -17.36
C ALA D 131 -7.76 -6.23 -16.02
N LEU D 132 -6.73 -6.30 -15.20
CA LEU D 132 -6.79 -5.68 -13.87
C LEU D 132 -6.93 -4.18 -13.98
N LYS D 133 -6.09 -3.54 -14.79
CA LYS D 133 -6.13 -2.09 -14.92
C LYS D 133 -7.44 -1.63 -15.55
N MET D 134 -7.92 -2.33 -16.58
CA MET D 134 -9.14 -1.90 -17.25
C MET D 134 -10.37 -2.21 -16.42
N ALA D 135 -10.31 -3.23 -15.54
CA ALA D 135 -11.38 -3.42 -14.58
C ALA D 135 -11.49 -2.19 -13.68
N ARG D 136 -10.34 -1.68 -13.22
CA ARG D 136 -10.35 -0.45 -12.45
C ARG D 136 -10.97 0.69 -13.22
N GLN D 137 -10.61 0.82 -14.51
CA GLN D 137 -11.16 1.92 -15.31
C GLN D 137 -12.66 1.75 -15.54
N TYR D 138 -13.12 0.51 -15.71
CA TYR D 138 -14.56 0.28 -15.88
C TYR D 138 -15.35 0.90 -14.75
N TRP D 139 -14.90 0.72 -13.51
CA TRP D 139 -15.67 1.19 -12.37
C TRP D 139 -15.58 2.71 -12.23
N ILE D 140 -14.41 3.28 -12.52
CA ILE D 140 -14.27 4.73 -12.51
C ILE D 140 -15.17 5.36 -13.56
N ALA D 141 -15.16 4.80 -14.79
CA ALA D 141 -16.07 5.27 -15.82
C ALA D 141 -17.52 5.09 -15.41
N SER D 142 -17.83 4.09 -14.59
CA SER D 142 -19.18 3.82 -14.11
C SER D 142 -19.58 4.65 -12.91
N GLY D 143 -18.69 5.50 -12.40
CA GLY D 143 -19.02 6.32 -11.25
C GLY D 143 -18.85 5.62 -9.92
N GLU D 144 -18.10 4.52 -9.88
CA GLU D 144 -17.87 3.75 -8.66
C GLU D 144 -16.38 3.58 -8.44
N PRO D 145 -15.65 4.68 -8.26
CA PRO D 145 -14.19 4.57 -8.06
C PRO D 145 -13.79 3.92 -6.74
N GLY D 146 -14.76 3.58 -5.88
CA GLY D 146 -14.44 2.81 -4.69
C GLY D 146 -14.20 1.34 -4.96
N ARG D 147 -14.66 0.84 -6.11
CA ARG D 147 -14.48 -0.55 -6.51
C ARG D 147 -13.04 -0.73 -6.97
N THR D 148 -12.18 -1.23 -6.08
CA THR D 148 -10.76 -1.33 -6.38
C THR D 148 -10.11 -2.64 -5.99
N ARG D 149 -10.70 -3.41 -5.07
CA ARG D 149 -10.05 -4.61 -4.60
C ARG D 149 -10.20 -5.76 -5.60
N PHE D 150 -9.26 -6.70 -5.53
CA PHE D 150 -9.24 -7.88 -6.38
C PHE D 150 -9.30 -9.14 -5.52
N LEU D 151 -10.04 -10.13 -6.01
CA LEU D 151 -10.11 -11.44 -5.40
C LEU D 151 -9.52 -12.46 -6.37
N SER D 152 -8.89 -13.49 -5.81
CA SER D 152 -8.30 -14.55 -6.60
C SER D 152 -8.17 -15.78 -5.72
N LEU D 153 -7.67 -16.87 -6.30
CA LEU D 153 -7.62 -18.17 -5.65
C LEU D 153 -6.21 -18.56 -5.28
N ARG D 154 -6.09 -19.25 -4.14
CA ARG D 154 -4.85 -19.95 -3.82
C ARG D 154 -4.47 -20.86 -4.98
N ASN D 155 -3.16 -20.99 -5.20
CA ASN D 155 -2.58 -21.75 -6.30
C ASN D 155 -2.88 -21.16 -7.67
N GLY D 156 -3.56 -20.02 -7.74
CA GLY D 156 -3.75 -19.35 -9.02
C GLY D 156 -2.45 -18.73 -9.51
N TYR D 157 -2.25 -18.77 -10.83
CA TYR D 157 -1.10 -18.17 -11.46
C TYR D 157 -1.58 -17.25 -12.58
N HIS D 158 -1.10 -16.00 -12.57
CA HIS D 158 -1.61 -14.99 -13.48
C HIS D 158 -0.47 -14.12 -14.04
N GLY D 159 0.69 -14.71 -14.25
CA GLY D 159 1.80 -13.96 -14.81
C GLY D 159 2.64 -13.33 -13.72
N VAL D 160 3.59 -12.49 -14.15
CA VAL D 160 4.64 -12.04 -13.26
C VAL D 160 4.82 -10.52 -13.31
N HIS D 161 3.91 -9.81 -13.98
CA HIS D 161 3.87 -8.38 -13.76
C HIS D 161 3.41 -8.13 -12.33
N MET D 162 3.60 -6.91 -11.85
CA MET D 162 3.35 -6.67 -10.43
C MET D 162 1.87 -6.86 -10.10
N GLY D 163 0.99 -6.48 -11.01
CA GLY D 163 -0.42 -6.75 -10.79
C GLY D 163 -0.72 -8.24 -10.79
N GLY D 164 -0.31 -8.94 -11.85
CA GLY D 164 -0.56 -10.37 -11.90
C GLY D 164 0.06 -11.11 -10.74
N THR D 165 1.27 -10.70 -10.34
CA THR D 165 1.92 -11.32 -9.20
C THR D 165 1.13 -11.06 -7.92
N SER D 166 0.59 -9.85 -7.78
CA SER D 166 -0.12 -9.48 -6.57
C SER D 166 -1.30 -10.42 -6.32
N VAL D 167 -1.98 -10.85 -7.38
CA VAL D 167 -3.13 -11.74 -7.23
C VAL D 167 -2.74 -13.21 -7.33
N GLY D 168 -1.45 -13.52 -7.48
CA GLY D 168 -1.04 -14.90 -7.55
C GLY D 168 -1.21 -15.61 -6.22
N GLY D 169 -1.45 -16.92 -6.30
CA GLY D 169 -1.74 -17.73 -5.12
C GLY D 169 -0.68 -18.74 -4.74
N ASN D 170 0.53 -18.61 -5.28
CA ASN D 170 1.64 -19.49 -4.93
C ASN D 170 2.81 -18.66 -4.38
N GLY D 171 3.27 -19.02 -3.19
CA GLY D 171 4.23 -18.18 -2.49
C GLY D 171 5.57 -18.05 -3.19
N VAL D 172 6.00 -19.09 -3.90
CA VAL D 172 7.35 -19.08 -4.49
C VAL D 172 7.56 -17.88 -5.42
N TYR D 173 6.48 -17.37 -6.02
CA TYR D 173 6.59 -16.20 -6.89
C TYR D 173 6.59 -14.88 -6.12
N HIS D 174 6.33 -14.91 -4.82
CA HIS D 174 6.22 -13.71 -3.99
C HIS D 174 7.42 -13.47 -3.09
N TYR D 175 8.10 -14.54 -2.63
CA TYR D 175 9.04 -14.39 -1.53
C TYR D 175 10.10 -13.34 -1.82
N ASN D 176 10.53 -13.23 -3.07
CA ASN D 176 11.73 -12.46 -3.41
C ASN D 176 11.42 -11.07 -3.96
N HIS D 177 10.22 -10.54 -3.73
CA HIS D 177 9.84 -9.29 -4.38
C HIS D 177 9.12 -8.29 -3.49
N GLY D 178 8.97 -8.56 -2.20
CA GLY D 178 8.43 -7.58 -1.27
C GLY D 178 6.95 -7.33 -1.47
N GLN D 179 6.47 -6.26 -0.83
CA GLN D 179 5.06 -5.93 -0.87
C GLN D 179 4.67 -5.35 -2.22
N LEU D 180 3.60 -5.89 -2.79
CA LEU D 180 3.12 -5.42 -4.09
C LEU D 180 1.76 -4.75 -3.91
N LEU D 181 0.80 -5.05 -4.78
CA LEU D 181 -0.45 -4.30 -4.76
C LEU D 181 -1.25 -4.60 -3.50
N ALA D 182 -1.71 -3.55 -2.85
CA ALA D 182 -2.60 -3.70 -1.71
C ALA D 182 -4.01 -4.07 -2.19
N GLY D 183 -4.84 -4.52 -1.25
CA GLY D 183 -6.23 -4.79 -1.56
C GLY D 183 -6.44 -5.99 -2.46
N CYS D 184 -5.54 -6.97 -2.42
CA CYS D 184 -5.69 -8.23 -3.12
C CYS D 184 -5.91 -9.33 -2.09
N HIS D 185 -6.96 -10.13 -2.28
CA HIS D 185 -7.41 -11.07 -1.27
C HIS D 185 -7.55 -12.45 -1.87
N LEU D 186 -7.01 -13.45 -1.18
CA LEU D 186 -6.94 -14.80 -1.68
C LEU D 186 -7.99 -15.68 -1.02
N LEU D 187 -8.64 -16.49 -1.82
CA LEU D 187 -9.56 -17.52 -1.35
C LEU D 187 -8.94 -18.88 -1.56
N ASP D 188 -9.42 -19.86 -0.81
CA ASP D 188 -8.96 -21.22 -1.00
C ASP D 188 -9.49 -21.76 -2.31
N THR D 189 -8.71 -22.59 -2.92
CA THR D 189 -9.11 -23.14 -4.20
C THR D 189 -9.88 -24.45 -4.01
N PRO D 190 -10.92 -24.71 -4.90
CA PRO D 190 -11.69 -25.97 -4.80
C PRO D 190 -10.88 -27.14 -5.35
N TRP D 191 -9.87 -27.50 -4.59
CA TRP D 191 -8.88 -28.52 -4.95
C TRP D 191 -9.21 -29.79 -4.18
N LEU D 192 -9.78 -30.77 -4.89
CA LEU D 192 -10.28 -31.97 -4.22
C LEU D 192 -9.18 -32.67 -3.43
N TYR D 193 -7.98 -32.77 -3.99
CA TYR D 193 -6.94 -33.58 -3.36
C TYR D 193 -6.38 -32.92 -2.11
N ARG D 194 -6.35 -31.58 -2.06
CA ARG D 194 -5.84 -30.85 -0.90
C ARG D 194 -6.67 -29.60 -0.69
N ASN D 195 -7.44 -29.56 0.39
CA ASN D 195 -8.23 -28.37 0.70
C ASN D 195 -8.45 -28.32 2.21
N PRO D 196 -8.78 -27.15 2.75
CA PRO D 196 -8.89 -27.03 4.22
C PRO D 196 -9.97 -27.88 4.83
N TRP D 197 -10.93 -28.37 4.06
CA TRP D 197 -12.01 -29.19 4.57
C TRP D 197 -11.75 -30.67 4.41
N ASP D 198 -10.61 -31.05 3.83
CA ASP D 198 -10.33 -32.44 3.48
C ASP D 198 -11.51 -33.06 2.74
N CYS D 199 -12.19 -32.24 1.94
CA CYS D 199 -13.41 -32.62 1.26
C CYS D 199 -13.11 -33.13 -0.16
N ARG D 200 -13.47 -34.40 -0.43
CA ARG D 200 -13.26 -34.99 -1.74
C ARG D 200 -14.56 -35.14 -2.52
N ASP D 201 -15.60 -34.42 -2.11
CA ASP D 201 -16.91 -34.45 -2.77
C ASP D 201 -17.09 -33.15 -3.54
N PRO D 202 -17.21 -33.19 -4.88
CA PRO D 202 -17.24 -31.92 -5.64
C PRO D 202 -18.31 -30.92 -5.19
N GLN D 203 -19.56 -31.35 -5.01
CA GLN D 203 -20.59 -30.41 -4.63
C GLN D 203 -20.32 -29.83 -3.25
N ALA D 204 -19.89 -30.68 -2.31
CA ALA D 204 -19.64 -30.19 -0.95
C ALA D 204 -18.48 -29.22 -0.93
N LEU D 205 -17.42 -29.50 -1.70
CA LEU D 205 -16.28 -28.60 -1.75
C LEU D 205 -16.69 -27.26 -2.32
N THR D 206 -17.46 -27.28 -3.42
CA THR D 206 -18.00 -26.04 -3.98
C THR D 206 -18.73 -25.24 -2.91
N ALA D 207 -19.65 -25.87 -2.19
CA ALA D 207 -20.42 -25.15 -1.19
C ALA D 207 -19.50 -24.54 -0.15
N HIS D 208 -18.48 -25.27 0.28
CA HIS D 208 -17.51 -24.71 1.22
C HIS D 208 -16.84 -23.47 0.66
N CYS D 209 -16.34 -23.57 -0.57
CA CYS D 209 -15.60 -22.45 -1.17
C CYS D 209 -16.49 -21.24 -1.40
N ILE D 210 -17.72 -21.46 -1.86
CA ILE D 210 -18.62 -20.35 -2.15
C ILE D 210 -19.00 -19.62 -0.87
N ARG D 211 -19.23 -20.36 0.21
CA ARG D 211 -19.54 -19.70 1.47
C ARG D 211 -18.38 -18.85 1.94
N GLN D 212 -17.16 -19.38 1.87
CA GLN D 212 -15.98 -18.59 2.20
C GLN D 212 -15.92 -17.33 1.36
N LEU D 213 -16.19 -17.46 0.06
CA LEU D 213 -16.20 -16.31 -0.83
C LEU D 213 -17.22 -15.28 -0.37
N GLU D 214 -18.44 -15.72 -0.06
CA GLU D 214 -19.46 -14.81 0.43
C GLU D 214 -19.01 -14.12 1.71
N GLU D 215 -18.40 -14.85 2.62
CA GLU D 215 -17.95 -14.25 3.87
C GLU D 215 -16.87 -13.21 3.63
N GLN D 216 -15.95 -13.50 2.70
CA GLN D 216 -14.89 -12.55 2.38
C GLN D 216 -15.47 -11.28 1.78
N ILE D 217 -16.46 -11.42 0.89
CA ILE D 217 -17.10 -10.26 0.28
C ILE D 217 -17.81 -9.43 1.34
N ALA D 218 -18.58 -10.09 2.23
CA ALA D 218 -19.28 -9.38 3.29
C ALA D 218 -18.31 -8.61 4.18
N LEU D 219 -17.12 -9.18 4.43
CA LEU D 219 -16.14 -8.52 5.29
C LEU D 219 -15.55 -7.29 4.63
N LEU D 220 -15.27 -7.37 3.33
CA LEU D 220 -14.64 -6.25 2.62
C LEU D 220 -15.67 -5.23 2.18
N GLY D 221 -16.90 -5.65 1.92
CA GLY D 221 -17.91 -4.78 1.31
C GLY D 221 -17.86 -4.88 -0.20
N ALA D 222 -18.93 -5.42 -0.80
CA ALA D 222 -18.97 -5.59 -2.25
C ALA D 222 -18.63 -4.30 -2.98
N GLN D 223 -18.99 -3.15 -2.41
CA GLN D 223 -18.80 -1.88 -3.08
C GLN D 223 -17.34 -1.48 -3.18
N THR D 224 -16.42 -2.26 -2.59
CA THR D 224 -15.00 -1.98 -2.67
C THR D 224 -14.27 -2.96 -3.59
N ILE D 225 -14.97 -3.92 -4.18
CA ILE D 225 -14.35 -5.01 -4.91
C ILE D 225 -14.61 -4.80 -6.39
N ALA D 226 -13.53 -4.75 -7.18
CA ALA D 226 -13.61 -4.52 -8.61
C ALA D 226 -13.88 -5.81 -9.38
N ALA D 227 -13.14 -6.87 -9.07
CA ALA D 227 -13.16 -8.04 -9.93
C ALA D 227 -12.63 -9.25 -9.18
N LEU D 228 -13.00 -10.42 -9.68
CA LEU D 228 -12.42 -11.70 -9.29
C LEU D 228 -11.81 -12.34 -10.53
N ILE D 229 -10.60 -12.89 -10.38
CA ILE D 229 -9.89 -13.51 -11.49
C ILE D 229 -9.58 -14.95 -11.13
N ALA D 230 -9.77 -15.86 -12.09
CA ALA D 230 -9.56 -17.28 -11.84
C ALA D 230 -9.31 -17.98 -13.18
N GLU D 231 -8.59 -19.11 -13.10
CA GLU D 231 -8.36 -19.99 -14.24
C GLU D 231 -9.45 -21.06 -14.29
N PRO D 232 -10.09 -21.32 -15.44
CA PRO D 232 -11.08 -22.42 -15.50
C PRO D 232 -10.50 -23.76 -15.10
N VAL D 233 -9.21 -23.99 -15.38
CA VAL D 233 -8.43 -25.05 -14.79
C VAL D 233 -7.10 -24.43 -14.40
N GLN D 234 -6.72 -24.56 -13.13
CA GLN D 234 -5.50 -23.92 -12.65
C GLN D 234 -4.29 -24.68 -13.16
N GLY D 235 -3.44 -24.00 -13.93
CA GLY D 235 -2.34 -24.65 -14.60
C GLY D 235 -1.08 -24.80 -13.77
N ALA D 236 -0.29 -23.73 -13.70
CA ALA D 236 0.98 -23.79 -12.98
C ALA D 236 0.80 -24.15 -11.52
N GLY D 237 -0.39 -23.91 -10.96
CA GLY D 237 -0.66 -24.31 -9.60
C GLY D 237 -0.81 -25.80 -9.41
N GLY D 238 -0.90 -26.58 -10.49
CA GLY D 238 -0.90 -28.03 -10.40
C GLY D 238 -2.01 -28.74 -11.14
N VAL D 239 -2.55 -28.13 -12.20
CA VAL D 239 -3.66 -28.69 -12.96
C VAL D 239 -4.76 -29.06 -11.97
N ILE D 240 -5.33 -28.05 -11.33
CA ILE D 240 -6.40 -28.26 -10.37
C ILE D 240 -7.71 -28.08 -11.13
N VAL D 241 -8.42 -29.18 -11.33
CA VAL D 241 -9.69 -29.16 -12.06
C VAL D 241 -10.80 -28.91 -11.05
N PRO D 242 -11.51 -27.79 -11.14
CA PRO D 242 -12.51 -27.48 -10.12
C PRO D 242 -13.71 -28.38 -10.25
N PRO D 243 -14.50 -28.53 -9.20
CA PRO D 243 -15.80 -29.18 -9.35
C PRO D 243 -16.59 -28.52 -10.46
N ALA D 244 -17.42 -29.33 -11.13
CA ALA D 244 -18.13 -28.84 -12.29
C ALA D 244 -19.03 -27.65 -11.98
N ASP D 245 -19.62 -27.61 -10.78
CA ASP D 245 -20.56 -26.55 -10.45
C ASP D 245 -19.87 -25.35 -9.83
N TYR D 246 -18.54 -25.37 -9.72
CA TYR D 246 -17.85 -24.28 -9.04
C TYR D 246 -17.92 -23.00 -9.89
N TRP D 247 -17.55 -23.10 -11.16
CA TRP D 247 -17.51 -21.90 -12.00
C TRP D 247 -18.91 -21.33 -12.20
N PRO D 248 -19.94 -22.17 -12.43
CA PRO D 248 -21.31 -21.62 -12.43
C PRO D 248 -21.63 -20.84 -11.18
N ARG D 249 -21.17 -21.32 -10.02
CA ARG D 249 -21.43 -20.62 -8.77
C ARG D 249 -20.52 -19.42 -8.58
N LEU D 250 -19.30 -19.45 -9.12
CA LEU D 250 -18.50 -18.22 -9.18
C LEU D 250 -19.25 -17.11 -9.89
N ARG D 251 -19.81 -17.43 -11.07
CA ARG D 251 -20.58 -16.46 -11.83
C ARG D 251 -21.78 -15.95 -11.04
N GLU D 252 -22.41 -16.83 -10.24
CA GLU D 252 -23.54 -16.42 -9.42
C GLU D 252 -23.13 -15.39 -8.38
N VAL D 253 -22.06 -15.70 -7.63
CA VAL D 253 -21.64 -14.81 -6.55
C VAL D 253 -21.21 -13.46 -7.10
N CYS D 254 -20.44 -13.47 -8.20
CA CYS D 254 -20.05 -12.22 -8.83
C CYS D 254 -21.27 -11.40 -9.22
N ASP D 255 -22.26 -12.05 -9.83
CA ASP D 255 -23.48 -11.34 -10.21
C ASP D 255 -24.21 -10.81 -8.98
N ARG D 256 -24.25 -11.61 -7.92
CA ARG D 256 -24.88 -11.17 -6.68
C ARG D 256 -24.35 -9.81 -6.25
N HIS D 257 -23.08 -9.54 -6.51
CA HIS D 257 -22.41 -8.35 -5.98
C HIS D 257 -21.87 -7.42 -7.06
N GLY D 258 -22.20 -7.66 -8.33
CA GLY D 258 -21.73 -6.79 -9.39
C GLY D 258 -20.26 -6.92 -9.74
N ILE D 259 -19.55 -7.84 -9.08
CA ILE D 259 -18.11 -8.00 -9.30
C ILE D 259 -17.85 -8.54 -10.71
N LEU D 260 -16.84 -8.00 -11.36
CA LEU D 260 -16.45 -8.50 -12.68
C LEU D 260 -15.74 -9.84 -12.54
N LEU D 261 -16.10 -10.78 -13.41
CA LEU D 261 -15.47 -12.10 -13.44
C LEU D 261 -14.45 -12.11 -14.57
N ILE D 262 -13.17 -12.21 -14.20
CA ILE D 262 -12.08 -12.30 -15.16
C ILE D 262 -11.68 -13.77 -15.28
N ALA D 263 -11.87 -14.34 -16.45
CA ALA D 263 -11.43 -15.70 -16.73
C ALA D 263 -10.03 -15.62 -17.31
N ASP D 264 -9.05 -16.10 -16.56
CA ASP D 264 -7.68 -16.20 -17.07
C ASP D 264 -7.60 -17.43 -17.96
N GLU D 265 -7.83 -17.21 -19.25
CA GLU D 265 -7.84 -18.29 -20.24
C GLU D 265 -6.52 -18.39 -20.99
N VAL D 266 -5.42 -17.99 -20.36
CA VAL D 266 -4.12 -18.02 -21.04
C VAL D 266 -3.76 -19.45 -21.41
N VAL D 267 -4.06 -20.41 -20.55
CA VAL D 267 -3.80 -21.82 -20.85
C VAL D 267 -4.99 -22.47 -21.51
N THR D 268 -6.19 -22.29 -20.96
CA THR D 268 -7.36 -23.03 -21.41
C THR D 268 -7.96 -22.47 -22.69
N GLY D 269 -7.64 -21.23 -23.04
CA GLY D 269 -8.18 -20.65 -24.25
C GLY D 269 -7.77 -21.43 -25.48
N PHE D 270 -8.75 -21.70 -26.34
CA PHE D 270 -8.54 -22.31 -27.64
C PHE D 270 -8.32 -23.83 -27.58
N GLY D 271 -8.78 -24.50 -26.53
CA GLY D 271 -9.09 -25.92 -26.63
C GLY D 271 -8.38 -26.86 -25.68
N ARG D 272 -7.36 -26.45 -24.91
CA ARG D 272 -6.56 -27.42 -24.17
C ARG D 272 -7.42 -28.28 -23.25
N SER D 273 -8.41 -27.67 -22.59
CA SER D 273 -9.26 -28.42 -21.66
C SER D 273 -10.43 -29.10 -22.35
N GLY D 274 -10.47 -29.08 -23.68
CA GLY D 274 -11.52 -29.73 -24.43
C GLY D 274 -12.56 -28.80 -24.99
N CYS D 275 -12.46 -27.49 -24.72
CA CYS D 275 -13.41 -26.52 -25.21
C CYS D 275 -12.67 -25.25 -25.61
N MET D 276 -13.23 -24.52 -26.58
CA MET D 276 -12.57 -23.30 -27.07
C MET D 276 -12.30 -22.33 -25.93
N LEU D 277 -13.12 -22.37 -24.87
CA LEU D 277 -12.86 -21.66 -23.63
C LEU D 277 -13.14 -22.60 -22.47
N GLY D 278 -12.22 -22.60 -21.49
CA GLY D 278 -12.48 -23.35 -20.27
C GLY D 278 -13.75 -22.90 -19.58
N SER D 279 -13.95 -21.57 -19.51
CA SER D 279 -15.16 -21.04 -18.88
C SER D 279 -16.40 -21.51 -19.62
N ARG D 280 -16.38 -21.46 -20.95
CA ARG D 280 -17.50 -22.00 -21.73
C ARG D 280 -17.66 -23.48 -21.44
N GLY D 281 -16.55 -24.20 -21.27
CA GLY D 281 -16.62 -25.61 -20.94
C GLY D 281 -17.41 -25.88 -19.68
N TRP D 282 -17.39 -24.95 -18.73
CA TRP D 282 -18.19 -25.05 -17.52
C TRP D 282 -19.56 -24.41 -17.68
N GLY D 283 -19.88 -23.88 -18.85
CA GLY D 283 -21.17 -23.25 -19.08
C GLY D 283 -21.29 -21.84 -18.53
N VAL D 284 -20.21 -21.07 -18.53
CA VAL D 284 -20.18 -19.76 -17.89
C VAL D 284 -19.66 -18.73 -18.88
N ALA D 285 -20.23 -17.52 -18.79
CA ALA D 285 -19.77 -16.39 -19.58
C ALA D 285 -19.10 -15.38 -18.64
N PRO D 286 -17.79 -15.21 -18.69
CA PRO D 286 -17.14 -14.18 -17.88
C PRO D 286 -17.35 -12.79 -18.49
N ASP D 287 -16.95 -11.77 -17.73
CA ASP D 287 -16.98 -10.41 -18.23
C ASP D 287 -15.71 -10.04 -18.99
N ILE D 288 -14.58 -10.67 -18.66
CA ILE D 288 -13.30 -10.39 -19.28
C ILE D 288 -12.58 -11.70 -19.55
N LEU D 289 -11.93 -11.79 -20.70
CA LEU D 289 -11.12 -12.95 -21.08
C LEU D 289 -9.68 -12.51 -21.24
N CYS D 290 -8.77 -13.28 -20.64
CA CYS D 290 -7.35 -13.10 -20.82
C CYS D 290 -6.83 -14.24 -21.67
N LEU D 291 -6.14 -13.90 -22.76
CA LEU D 291 -5.69 -14.88 -23.73
C LEU D 291 -4.23 -14.66 -24.07
N ALA D 292 -3.52 -15.76 -24.34
CA ALA D 292 -2.17 -15.68 -24.85
C ALA D 292 -1.75 -17.07 -25.32
N LYS D 293 -0.49 -17.42 -25.08
CA LYS D 293 0.05 -18.77 -25.37
C LYS D 293 -0.48 -19.33 -26.65
N GLY D 294 -1.53 -20.15 -26.58
CA GLY D 294 -2.04 -20.85 -27.74
C GLY D 294 -2.59 -19.98 -28.87
N ILE D 295 -2.79 -18.69 -28.60
CA ILE D 295 -3.39 -17.81 -29.60
C ILE D 295 -2.51 -17.71 -30.84
N THR D 296 -1.19 -17.78 -30.66
CA THR D 296 -0.24 -17.86 -31.78
C THR D 296 0.57 -19.14 -31.75
N ALA D 297 0.23 -20.07 -30.86
CA ALA D 297 0.97 -21.32 -30.73
C ALA D 297 2.46 -21.07 -30.55
N GLY D 298 2.82 -19.92 -29.97
CA GLY D 298 4.19 -19.59 -29.67
C GLY D 298 5.00 -19.04 -30.83
N TYR D 299 4.43 -18.97 -32.03
CA TYR D 299 5.23 -18.54 -33.18
C TYR D 299 5.62 -17.06 -33.07
N ILE D 300 4.70 -16.22 -32.62
CA ILE D 300 4.99 -14.80 -32.39
C ILE D 300 4.33 -14.43 -31.06
N PRO D 301 5.01 -13.70 -30.17
CA PRO D 301 4.36 -13.30 -28.92
C PRO D 301 3.11 -12.50 -29.18
N LEU D 302 2.02 -12.91 -28.53
CA LEU D 302 0.74 -12.22 -28.64
C LEU D 302 -0.09 -12.54 -27.42
N GLY D 303 -0.74 -11.51 -26.87
CA GLY D 303 -1.74 -11.69 -25.85
C GLY D 303 -2.94 -10.83 -26.17
N ALA D 304 -4.07 -11.18 -25.57
CA ALA D 304 -5.30 -10.45 -25.83
C ALA D 304 -6.17 -10.46 -24.59
N THR D 305 -6.77 -9.29 -24.31
CA THR D 305 -7.77 -9.16 -23.26
C THR D 305 -9.06 -8.68 -23.91
N LEU D 306 -10.12 -9.45 -23.75
CA LEU D 306 -11.41 -9.15 -24.35
C LEU D 306 -12.41 -8.72 -23.28
N PHE D 307 -13.24 -7.76 -23.65
CA PHE D 307 -14.21 -7.15 -22.75
C PHE D 307 -15.60 -7.28 -23.34
N ASN D 308 -16.57 -7.62 -22.50
CA ASN D 308 -17.93 -7.81 -22.97
C ASN D 308 -18.61 -6.46 -23.19
N GLN D 309 -19.83 -6.52 -23.73
CA GLN D 309 -20.56 -5.29 -24.05
C GLN D 309 -20.77 -4.43 -22.82
N ARG D 310 -21.06 -5.05 -21.68
CA ARG D 310 -21.24 -4.30 -20.43
C ARG D 310 -20.07 -3.37 -20.18
N ILE D 311 -18.84 -3.91 -20.24
CA ILE D 311 -17.66 -3.11 -19.96
C ILE D 311 -17.43 -2.11 -21.07
N ALA D 312 -17.50 -2.56 -22.32
CA ALA D 312 -17.22 -1.68 -23.45
C ALA D 312 -18.12 -0.44 -23.43
N ASP D 313 -19.42 -0.65 -23.20
CA ASP D 313 -20.34 0.48 -23.19
C ASP D 313 -20.02 1.46 -22.07
N ALA D 314 -19.70 0.95 -20.88
CA ALA D 314 -19.46 1.84 -19.75
C ALA D 314 -18.27 2.77 -20.02
N ILE D 315 -17.18 2.21 -20.51
CA ILE D 315 -15.97 3.00 -20.71
C ILE D 315 -16.17 4.00 -21.85
N GLU D 316 -16.73 3.53 -22.97
CA GLU D 316 -16.92 4.39 -24.13
C GLU D 316 -17.92 5.52 -23.86
N ASN D 317 -18.77 5.37 -22.84
CA ASN D 317 -19.67 6.43 -22.42
C ASN D 317 -19.19 7.11 -21.14
N GLY D 318 -17.93 6.90 -20.76
CA GLY D 318 -17.41 7.48 -19.53
C GLY D 318 -17.36 9.00 -19.60
N GLN D 319 -17.64 9.63 -18.47
CA GLN D 319 -17.65 11.08 -18.34
C GLN D 319 -16.26 11.61 -18.01
N GLY D 320 -16.07 12.90 -18.27
CA GLY D 320 -14.77 13.51 -18.04
C GLY D 320 -13.69 12.75 -18.76
N PHE D 321 -12.63 12.41 -18.04
CA PHE D 321 -11.47 11.71 -18.57
C PHE D 321 -11.65 10.21 -18.63
N SER D 322 -12.74 9.68 -18.07
CA SER D 322 -12.88 8.24 -17.87
C SER D 322 -13.04 7.45 -19.15
N HIS D 323 -13.25 8.11 -20.28
CA HIS D 323 -13.34 7.43 -21.57
C HIS D 323 -12.00 7.38 -22.29
N MET D 324 -10.97 8.01 -21.74
CA MET D 324 -9.63 7.94 -22.31
C MET D 324 -8.97 6.63 -21.86
N ILE D 325 -8.60 5.80 -22.82
CA ILE D 325 -7.93 4.53 -22.52
C ILE D 325 -6.44 4.80 -22.66
N MET D 326 -5.82 5.17 -21.54
N MET D 326 -5.83 5.17 -21.53
CA MET D 326 -4.39 5.48 -21.51
CA MET D 326 -4.40 5.47 -21.48
C MET D 326 -3.56 4.25 -21.15
C MET D 326 -3.58 4.24 -21.10
N HIS D 327 -3.92 3.09 -21.68
CA HIS D 327 -3.23 1.85 -21.41
C HIS D 327 -3.04 1.11 -22.72
N GLY D 328 -1.83 0.64 -22.94
CA GLY D 328 -1.54 -0.17 -24.11
C GLY D 328 -0.06 -0.19 -24.38
N TYR D 329 0.30 -1.01 -25.36
CA TYR D 329 1.69 -1.38 -25.59
C TYR D 329 2.10 -1.05 -27.01
N THR D 330 3.37 -0.68 -27.18
CA THR D 330 3.91 -0.44 -28.51
C THR D 330 3.50 -1.54 -29.47
N TYR D 331 3.61 -2.80 -29.03
CA TYR D 331 3.35 -3.95 -29.89
C TYR D 331 1.90 -4.44 -29.78
N SER D 332 1.02 -3.67 -29.14
CA SER D 332 -0.41 -3.98 -29.18
C SER D 332 -0.88 -4.08 -30.62
N GLY D 333 -1.41 -5.25 -30.98
CA GLY D 333 -1.95 -5.45 -32.31
C GLY D 333 -0.93 -5.72 -33.39
N HIS D 334 0.29 -6.10 -33.01
CA HIS D 334 1.40 -6.29 -33.93
C HIS D 334 0.95 -6.98 -35.20
N PRO D 335 1.11 -6.37 -36.38
CA PRO D 335 0.60 -6.98 -37.61
C PRO D 335 1.08 -8.40 -37.83
N THR D 336 2.36 -8.67 -37.60
CA THR D 336 2.89 -10.00 -37.87
C THR D 336 2.36 -11.01 -36.86
N ALA D 337 2.25 -10.61 -35.58
CA ALA D 337 1.66 -11.49 -34.59
C ALA D 337 0.21 -11.80 -34.94
N CYS D 338 -0.53 -10.80 -35.41
CA CYS D 338 -1.92 -11.01 -35.80
C CYS D 338 -2.03 -11.96 -36.98
N ALA D 339 -1.16 -11.79 -37.98
CA ALA D 339 -1.17 -12.70 -39.13
C ALA D 339 -0.90 -14.13 -38.68
N ALA D 340 0.05 -14.32 -37.77
CA ALA D 340 0.32 -15.66 -37.23
C ALA D 340 -0.90 -16.21 -36.51
N ALA D 341 -1.54 -15.38 -35.67
CA ALA D 341 -2.71 -15.82 -34.93
C ALA D 341 -3.83 -16.28 -35.87
N LEU D 342 -4.09 -15.51 -36.92
CA LEU D 342 -5.15 -15.87 -37.87
C LEU D 342 -4.87 -17.24 -38.48
N ALA D 343 -3.62 -17.51 -38.87
CA ALA D 343 -3.29 -18.81 -39.43
C ALA D 343 -3.39 -19.91 -38.38
N VAL D 344 -2.95 -19.61 -37.14
CA VAL D 344 -3.04 -20.60 -36.07
C VAL D 344 -4.50 -20.95 -35.80
N LEU D 345 -5.34 -19.93 -35.61
CA LEU D 345 -6.73 -20.19 -35.29
C LEU D 345 -7.44 -20.95 -36.40
N ASP D 346 -7.09 -20.69 -37.66
CA ASP D 346 -7.64 -21.48 -38.75
C ASP D 346 -7.39 -22.96 -38.50
N ILE D 347 -6.19 -23.30 -38.04
CA ILE D 347 -5.84 -24.70 -37.80
C ILE D 347 -6.61 -25.23 -36.59
N VAL D 348 -6.72 -24.43 -35.54
CA VAL D 348 -7.47 -24.87 -34.35
C VAL D 348 -8.87 -25.32 -34.74
N GLU D 349 -9.55 -24.52 -35.54
CA GLU D 349 -10.91 -24.85 -35.93
C GLU D 349 -10.97 -25.93 -37.00
N ALA D 350 -10.08 -25.86 -37.99
CA ALA D 350 -10.12 -26.82 -39.09
C ALA D 350 -9.88 -28.24 -38.58
N GLU D 351 -8.94 -28.41 -37.65
CA GLU D 351 -8.57 -29.72 -37.15
C GLU D 351 -9.30 -30.07 -35.85
N ASP D 352 -10.25 -29.25 -35.43
CA ASP D 352 -11.03 -29.48 -34.21
C ASP D 352 -10.13 -29.95 -33.08
N LEU D 353 -9.16 -29.11 -32.75
CA LEU D 353 -8.18 -29.44 -31.72
C LEU D 353 -8.80 -29.44 -30.32
N PRO D 354 -9.81 -28.61 -30.03
CA PRO D 354 -10.52 -28.79 -28.75
C PRO D 354 -11.11 -30.18 -28.61
N GLY D 355 -11.69 -30.71 -29.69
CA GLY D 355 -12.21 -32.06 -29.65
C GLY D 355 -11.13 -33.11 -29.49
N ASN D 356 -10.01 -32.93 -30.19
CA ASN D 356 -8.91 -33.87 -30.04
C ASN D 356 -8.36 -33.86 -28.63
N ALA D 357 -8.21 -32.66 -28.04
CA ALA D 357 -7.74 -32.58 -26.67
C ALA D 357 -8.68 -33.30 -25.72
N ALA D 358 -10.00 -33.14 -25.91
CA ALA D 358 -10.94 -33.84 -25.06
C ALA D 358 -10.81 -35.35 -25.20
N LYS D 359 -10.80 -35.83 -26.45
CA LYS D 359 -10.77 -37.28 -26.69
C LYS D 359 -9.44 -37.88 -26.26
N VAL D 360 -8.34 -37.39 -26.84
CA VAL D 360 -7.02 -37.96 -26.51
C VAL D 360 -6.66 -37.65 -25.06
N GLY D 361 -7.11 -36.52 -24.54
CA GLY D 361 -6.84 -36.20 -23.14
C GLY D 361 -7.50 -37.18 -22.19
N ALA D 362 -8.73 -37.57 -22.48
CA ALA D 362 -9.41 -38.56 -21.65
C ALA D 362 -8.69 -39.90 -21.69
N GLN D 363 -8.24 -40.32 -22.89
CA GLN D 363 -7.51 -41.57 -23.02
C GLN D 363 -6.23 -41.54 -22.20
N LEU D 364 -5.43 -40.48 -22.36
CA LEU D 364 -4.19 -40.36 -21.61
C LEU D 364 -4.45 -40.39 -20.10
N LEU D 365 -5.47 -39.66 -19.64
CA LEU D 365 -5.76 -39.62 -18.22
C LEU D 365 -6.10 -41.00 -17.68
N GLU D 366 -6.96 -41.74 -18.40
CA GLU D 366 -7.31 -43.08 -17.98
C GLU D 366 -6.07 -43.98 -17.92
N GLN D 367 -5.23 -43.92 -18.96
CA GLN D 367 -4.07 -44.81 -19.04
C GLN D 367 -3.05 -44.54 -17.95
N LEU D 368 -3.10 -43.37 -17.31
CA LEU D 368 -2.15 -43.04 -16.27
C LEU D 368 -2.60 -43.46 -14.88
N GLN D 369 -3.88 -43.77 -14.70
CA GLN D 369 -4.37 -44.09 -13.36
C GLN D 369 -3.67 -45.29 -12.73
N PRO D 370 -3.31 -46.34 -13.47
CA PRO D 370 -2.56 -47.45 -12.84
C PRO D 370 -1.30 -47.01 -12.11
N LEU D 371 -0.70 -45.90 -12.50
CA LEU D 371 0.50 -45.44 -11.80
C LEU D 371 0.20 -45.13 -10.34
N VAL D 372 -1.00 -44.64 -10.04
CA VAL D 372 -1.38 -44.38 -8.65
C VAL D 372 -1.26 -45.66 -7.83
N GLU D 373 -1.75 -46.78 -8.38
CA GLU D 373 -1.71 -48.04 -7.65
C GLU D 373 -0.28 -48.59 -7.57
N ARG D 374 0.49 -48.47 -8.65
CA ARG D 374 1.77 -49.16 -8.74
C ARG D 374 2.88 -48.46 -7.95
N TYR D 375 2.79 -47.14 -7.76
CA TYR D 375 3.89 -46.39 -7.18
C TYR D 375 3.41 -45.54 -6.01
N ALA D 376 4.05 -45.72 -4.85
CA ALA D 376 3.61 -45.04 -3.65
C ALA D 376 3.74 -43.54 -3.77
N VAL D 377 4.70 -43.06 -4.57
CA VAL D 377 4.94 -41.63 -4.65
C VAL D 377 3.88 -40.90 -5.47
N VAL D 378 3.14 -41.62 -6.32
CA VAL D 378 2.11 -40.99 -7.15
C VAL D 378 0.84 -40.91 -6.31
N GLY D 379 0.55 -39.71 -5.79
CA GLY D 379 -0.66 -39.55 -4.98
C GLY D 379 -1.93 -39.65 -5.80
N GLU D 380 -2.01 -38.87 -6.88
CA GLU D 380 -3.12 -39.00 -7.82
C GLU D 380 -2.69 -38.44 -9.17
N VAL D 381 -3.50 -38.72 -10.18
CA VAL D 381 -3.32 -38.17 -11.51
C VAL D 381 -4.64 -37.53 -11.91
N ARG D 382 -4.61 -36.22 -12.17
CA ARG D 382 -5.80 -35.44 -12.47
C ARG D 382 -5.57 -34.64 -13.74
N GLY D 383 -6.67 -34.24 -14.37
CA GLY D 383 -6.55 -33.48 -15.61
C GLY D 383 -7.90 -33.25 -16.25
N LYS D 384 -7.86 -32.45 -17.31
CA LYS D 384 -9.00 -32.18 -18.15
C LYS D 384 -8.48 -31.81 -19.53
N GLY D 385 -8.92 -32.52 -20.56
CA GLY D 385 -8.30 -32.35 -21.85
C GLY D 385 -6.84 -32.73 -21.76
N LEU D 386 -5.98 -31.96 -22.42
CA LEU D 386 -4.55 -32.25 -22.44
C LEU D 386 -3.76 -31.35 -21.49
N MET D 387 -4.29 -31.12 -20.30
CA MET D 387 -3.51 -30.65 -19.16
C MET D 387 -3.73 -31.62 -18.02
N ILE D 388 -2.64 -32.24 -17.57
CA ILE D 388 -2.67 -33.32 -16.60
C ILE D 388 -1.51 -33.14 -15.63
N ALA D 389 -1.74 -33.49 -14.36
CA ALA D 389 -0.72 -33.41 -13.34
C ALA D 389 -0.63 -34.72 -12.58
N LEU D 390 0.61 -35.14 -12.33
CA LEU D 390 0.89 -36.23 -11.39
C LEU D 390 1.32 -35.58 -10.09
N ASP D 391 0.51 -35.75 -9.05
CA ASP D 391 0.75 -35.12 -7.76
C ASP D 391 1.56 -36.08 -6.91
N LEU D 392 2.83 -35.75 -6.69
CA LEU D 392 3.76 -36.66 -6.02
C LEU D 392 3.80 -36.38 -4.53
N VAL D 393 3.74 -37.46 -3.74
CA VAL D 393 3.66 -37.41 -2.30
C VAL D 393 4.68 -38.39 -1.74
N SER D 394 5.00 -38.23 -0.45
CA SER D 394 5.94 -39.15 0.19
C SER D 394 5.27 -40.46 0.57
N ASP D 395 3.97 -40.45 0.79
CA ASP D 395 3.19 -41.66 1.03
C ASP D 395 1.73 -41.28 0.96
N LYS D 396 0.90 -42.23 0.55
CA LYS D 396 -0.51 -41.93 0.36
C LYS D 396 -1.27 -41.79 1.66
N ARG D 397 -0.66 -42.14 2.80
CA ARG D 397 -1.37 -42.02 4.06
C ARG D 397 -1.43 -40.56 4.50
N THR D 398 -0.28 -39.87 4.49
CA THR D 398 -0.23 -38.46 4.90
C THR D 398 -0.43 -37.48 3.76
N ARG D 399 -0.31 -37.91 2.51
CA ARG D 399 -0.44 -37.03 1.35
C ARG D 399 0.58 -35.88 1.40
N GLN D 400 1.67 -36.06 2.11
CA GLN D 400 2.66 -35.00 2.22
C GLN D 400 3.31 -34.78 0.86
N PRO D 401 3.22 -33.59 0.27
CA PRO D 401 3.85 -33.40 -1.04
C PRO D 401 5.36 -33.55 -0.95
N LEU D 402 5.96 -34.18 -1.96
CA LEU D 402 7.40 -34.16 -2.07
C LEU D 402 7.89 -32.73 -2.08
N ASP D 403 9.05 -32.49 -1.48
CA ASP D 403 9.64 -31.16 -1.52
C ASP D 403 10.55 -31.07 -2.73
N PRO D 404 10.29 -30.17 -3.67
CA PRO D 404 11.13 -30.12 -4.88
C PRO D 404 12.60 -29.89 -4.59
N ALA D 405 12.92 -29.19 -3.50
CA ALA D 405 14.30 -28.89 -3.18
C ALA D 405 15.10 -30.14 -2.86
N ALA D 406 14.43 -31.24 -2.52
CA ALA D 406 15.13 -32.52 -2.36
C ALA D 406 15.45 -33.17 -3.69
N GLY D 407 14.78 -32.78 -4.77
CA GLY D 407 15.20 -33.12 -6.12
C GLY D 407 14.59 -34.36 -6.72
N GLN D 408 13.65 -35.02 -6.03
CA GLN D 408 13.12 -36.25 -6.58
C GLN D 408 12.23 -35.97 -7.80
N PRO D 409 11.37 -34.94 -7.75
CA PRO D 409 10.59 -34.63 -8.96
C PRO D 409 11.46 -34.37 -10.17
N SER D 410 12.57 -33.67 -10.00
CA SER D 410 13.45 -33.40 -11.14
C SER D 410 14.12 -34.68 -11.62
N ARG D 411 14.50 -35.56 -10.70
CA ARG D 411 15.12 -36.82 -11.09
C ARG D 411 14.13 -37.69 -11.87
N ILE D 412 12.88 -37.74 -11.42
CA ILE D 412 11.86 -38.44 -12.20
C ILE D 412 11.74 -37.82 -13.58
N ALA D 413 11.66 -36.50 -13.65
CA ALA D 413 11.59 -35.83 -14.94
C ALA D 413 12.80 -36.16 -15.80
N ASP D 414 14.00 -36.11 -15.22
CA ASP D 414 15.21 -36.45 -15.95
C ASP D 414 15.10 -37.85 -16.57
N GLU D 415 14.58 -38.82 -15.81
CA GLU D 415 14.46 -40.18 -16.33
C GLU D 415 13.42 -40.25 -17.43
N ALA D 416 12.34 -39.48 -17.31
CA ALA D 416 11.36 -39.43 -18.38
C ALA D 416 11.99 -38.91 -19.66
N ARG D 417 12.89 -37.93 -19.54
CA ARG D 417 13.54 -37.37 -20.72
C ARG D 417 14.37 -38.43 -21.44
N ARG D 418 15.19 -39.19 -20.70
CA ARG D 418 15.96 -40.24 -21.36
C ARG D 418 15.06 -41.29 -21.99
N ALA D 419 13.86 -41.49 -21.44
CA ALA D 419 12.92 -42.41 -22.04
C ALA D 419 12.19 -41.82 -23.23
N GLY D 420 12.47 -40.56 -23.57
CA GLY D 420 11.98 -39.93 -24.78
C GLY D 420 10.85 -38.94 -24.63
N VAL D 421 10.58 -38.45 -23.42
CA VAL D 421 9.49 -37.51 -23.21
C VAL D 421 9.96 -36.43 -22.24
N LEU D 422 9.83 -35.17 -22.66
CA LEU D 422 10.16 -34.05 -21.78
C LEU D 422 8.91 -33.63 -21.03
N VAL D 423 8.98 -33.67 -19.71
CA VAL D 423 7.88 -33.27 -18.85
C VAL D 423 8.38 -32.24 -17.85
N ARG D 424 7.42 -31.55 -17.22
CA ARG D 424 7.70 -30.38 -16.41
C ARG D 424 7.47 -30.68 -14.93
N PRO D 425 8.49 -30.64 -14.08
CA PRO D 425 8.22 -30.66 -12.63
C PRO D 425 7.99 -29.26 -12.11
N ILE D 426 6.81 -29.02 -11.53
CA ILE D 426 6.49 -27.77 -10.84
C ILE D 426 6.19 -28.14 -9.40
N GLY D 427 7.05 -27.71 -8.49
CA GLY D 427 6.89 -28.14 -7.11
C GLY D 427 6.94 -29.65 -7.06
N ASN D 428 5.92 -30.23 -6.42
CA ASN D 428 5.81 -31.67 -6.26
C ASN D 428 5.04 -32.33 -7.39
N LYS D 429 4.73 -31.61 -8.46
CA LYS D 429 3.84 -32.11 -9.50
C LYS D 429 4.59 -32.20 -10.82
N ILE D 430 4.34 -33.30 -11.53
CA ILE D 430 4.79 -33.46 -12.91
C ILE D 430 3.64 -33.05 -13.81
N ILE D 431 3.88 -32.05 -14.65
CA ILE D 431 2.85 -31.48 -15.51
C ILE D 431 3.01 -32.03 -16.92
N LEU D 432 1.88 -32.45 -17.50
CA LEU D 432 1.78 -32.82 -18.90
C LEU D 432 0.90 -31.79 -19.60
N SER D 433 1.43 -31.19 -20.67
CA SER D 433 0.69 -30.21 -21.45
C SER D 433 1.19 -30.21 -22.89
N PRO D 434 1.02 -31.31 -23.61
CA PRO D 434 1.59 -31.42 -24.95
C PRO D 434 0.77 -30.66 -25.97
N PRO D 435 1.24 -30.58 -27.21
CA PRO D 435 0.42 -29.96 -28.28
C PRO D 435 -0.94 -30.63 -28.36
N LEU D 436 -1.94 -29.84 -28.75
CA LEU D 436 -3.29 -30.38 -28.86
C LEU D 436 -3.46 -31.26 -30.10
N THR D 437 -2.43 -31.36 -30.93
CA THR D 437 -2.41 -32.32 -32.03
C THR D 437 -1.96 -33.71 -31.58
N LEU D 438 -1.78 -33.91 -30.29
CA LEU D 438 -1.30 -35.20 -29.79
C LEU D 438 -2.14 -36.34 -30.34
N THR D 439 -1.47 -37.39 -30.79
CA THR D 439 -2.14 -38.60 -31.27
C THR D 439 -2.11 -39.67 -30.19
N ARG D 440 -2.93 -40.70 -30.38
CA ARG D 440 -3.03 -41.77 -29.39
C ARG D 440 -1.68 -42.45 -29.16
N ASP D 441 -0.89 -42.63 -30.22
CA ASP D 441 0.43 -43.23 -30.06
C ASP D 441 1.32 -42.37 -29.18
N GLU D 442 1.30 -41.06 -29.40
CA GLU D 442 2.11 -40.16 -28.60
C GLU D 442 1.66 -40.17 -27.15
N ALA D 443 0.35 -40.25 -26.90
CA ALA D 443 -0.13 -40.41 -25.54
C ALA D 443 0.44 -41.67 -24.90
N GLY D 444 0.45 -42.78 -25.65
CA GLY D 444 1.03 -44.00 -25.12
C GLY D 444 2.49 -43.86 -24.78
N LEU D 445 3.23 -43.13 -25.61
CA LEU D 445 4.65 -42.90 -25.34
C LEU D 445 4.84 -42.15 -24.03
N MET D 446 3.95 -41.20 -23.73
CA MET D 446 4.04 -40.46 -22.47
C MET D 446 3.83 -41.39 -21.28
N VAL D 447 2.87 -42.31 -21.40
CA VAL D 447 2.61 -43.26 -20.31
C VAL D 447 3.83 -44.14 -20.10
N SER D 448 4.39 -44.66 -21.19
CA SER D 448 5.54 -45.57 -21.09
C SER D 448 6.74 -44.87 -20.49
N ALA D 449 7.04 -43.65 -20.97
CA ALA D 449 8.17 -42.91 -20.44
C ALA D 449 7.99 -42.64 -18.95
N LEU D 450 6.77 -42.33 -18.52
CA LEU D 450 6.53 -42.09 -17.11
C LEU D 450 6.64 -43.38 -16.31
N GLU D 451 6.11 -44.49 -16.84
CA GLU D 451 6.28 -45.78 -16.20
C GLU D 451 7.76 -46.09 -15.98
N ALA D 452 8.58 -45.82 -16.99
CA ALA D 452 10.02 -46.04 -16.86
C ALA D 452 10.62 -45.12 -15.80
N ALA D 453 10.14 -43.87 -15.73
CA ALA D 453 10.72 -42.91 -14.80
C ALA D 453 10.45 -43.31 -13.36
N PHE D 454 9.19 -43.67 -13.06
CA PHE D 454 8.85 -44.05 -11.70
C PHE D 454 9.49 -45.38 -11.32
N ALA D 455 9.56 -46.32 -12.27
CA ALA D 455 10.23 -47.58 -12.01
C ALA D 455 11.65 -47.36 -11.51
N ARG D 456 12.33 -46.34 -12.06
CA ARG D 456 13.74 -46.11 -11.73
C ARG D 456 13.90 -45.14 -10.56
N CYS D 457 13.07 -44.10 -10.48
CA CYS D 457 13.30 -43.01 -9.52
C CYS D 457 12.11 -42.79 -8.59
N GLY D 458 11.08 -43.63 -8.65
CA GLY D 458 9.89 -43.42 -7.83
C GLY D 458 9.94 -44.07 -6.47
#